data_3EX9
# 
_entry.id   3EX9 
# 
_audit_conform.dict_name       mmcif_pdbx.dic 
_audit_conform.dict_version    5.380 
_audit_conform.dict_location   http://mmcif.pdb.org/dictionaries/ascii/mmcif_pdbx.dic 
# 
loop_
_database_2.database_id 
_database_2.database_code 
_database_2.pdbx_database_accession 
_database_2.pdbx_DOI 
PDB   3EX9         pdb_00003ex9 10.2210/pdb3ex9/pdb 
RCSB  RCSB049881   ?            ?                   
WWPDB D_1000049881 ?            ?                   
# 
loop_
_pdbx_database_related.db_name 
_pdbx_database_related.db_id 
_pdbx_database_related.details 
_pdbx_database_related.content_type 
PDB 3B4O 'Crystal structure of PhzA/B from Burkholderia cepacia R18194 crystallized in P3221' unspecified 
PDB 3CNM 
'Crystal structure of PhzA/B from Burkholderia cepacia R18194 in complex with trans-2,3-dihydro-3-hydroxy anthranilic acid' 
unspecified 
PDB 3DZL 'Crystal structure of PhzA/B from Burkholderia cepacia R18194 in complex with 3-oxo-cyclohexyl carboxylic acid' 
unspecified 
PDB 3B4P 'Crystal structure of PhzA/B from Burkholderia cepacia R18194 in complex with 2-cyclohexylamino benzoic acid' unspecified 
# 
_pdbx_database_status.status_code                     REL 
_pdbx_database_status.entry_id                        3EX9 
_pdbx_database_status.recvd_initial_deposition_date   2008-10-16 
_pdbx_database_status.deposit_site                    RCSB 
_pdbx_database_status.process_site                    PDBJ 
_pdbx_database_status.status_code_sf                  REL 
_pdbx_database_status.status_code_mr                  ? 
_pdbx_database_status.SG_entry                        ? 
_pdbx_database_status.pdb_format_compatible           Y 
_pdbx_database_status.status_code_cs                  ? 
_pdbx_database_status.status_code_nmr_data            ? 
_pdbx_database_status.methods_development_category    ? 
# 
loop_
_audit_author.name 
_audit_author.pdbx_ordinal 
'Ahuja, E.G.'      1 
'Blankenfeldt, W.' 2 
# 
_citation.id                        primary 
_citation.title                     'PhzA/B Catalyzes the Formation of the Tricycle in Phenazine Biosynthesis.' 
_citation.journal_abbrev            J.Am.Chem.Soc. 
_citation.journal_volume            130 
_citation.page_first                17053 
_citation.page_last                 17061 
_citation.year                      2008 
_citation.journal_id_ASTM           JACSAT 
_citation.country                   US 
_citation.journal_id_ISSN           0002-7863 
_citation.journal_id_CSD            0004 
_citation.book_publisher            ? 
_citation.pdbx_database_id_PubMed   19053436 
_citation.pdbx_database_id_DOI      10.1021/ja806325k 
# 
loop_
_citation_author.citation_id 
_citation_author.name 
_citation_author.ordinal 
_citation_author.identifier_ORCID 
primary 'Ahuja, E.G.'      1  ? 
primary 'Janning, P.'      2  ? 
primary 'Mentel, M.'       3  ? 
primary 'Graebsch, A.'     4  ? 
primary 'Breinbauer, R.'   5  ? 
primary 'Hiller, W.'       6  ? 
primary 'Costisella, B.'   7  ? 
primary 'Thomashow, L.S.'  8  ? 
primary 'Mavrodi, D.V.'    9  ? 
primary 'Blankenfeldt, W.' 10 ? 
# 
_cell.entry_id           3EX9 
_cell.length_a           78.940 
_cell.length_b           79.680 
_cell.length_c           64.240 
_cell.angle_alpha        90.00 
_cell.angle_beta         90.00 
_cell.angle_gamma        90.00 
_cell.Z_PDB              8 
_cell.pdbx_unique_axis   ? 
_cell.length_a_esd       ? 
_cell.length_b_esd       ? 
_cell.length_c_esd       ? 
_cell.angle_alpha_esd    ? 
_cell.angle_beta_esd     ? 
_cell.angle_gamma_esd    ? 
# 
_symmetry.entry_id                         3EX9 
_symmetry.space_group_name_H-M             'C 2 2 21' 
_symmetry.pdbx_full_space_group_name_H-M   ? 
_symmetry.cell_setting                     ? 
_symmetry.Int_Tables_number                20 
_symmetry.space_group_name_Hall            ? 
# 
loop_
_entity.id 
_entity.type 
_entity.src_method 
_entity.pdbx_description 
_entity.formula_weight 
_entity.pdbx_number_of_molecules 
_entity.pdbx_ec 
_entity.pdbx_mutation 
_entity.pdbx_fragment 
_entity.details 
1 polymer man 'Phenazine biosynthesis protein A/B' 21531.025 1  ? ? PhzA/B ? 
2 water   nat water                                18.015    34 ? ? ?      ? 
# 
_entity_poly.entity_id                      1 
_entity_poly.type                           'polypeptide(L)' 
_entity_poly.nstd_linkage                   no 
_entity_poly.nstd_monomer                   no 
_entity_poly.pdbx_seq_one_letter_code       
;MGSSHHHHHHSSGLVPRGSHMSDVESLENTSENRAQVAARQHNRKIVEQYMHTRGEARLKRHLLFTEDGVGGLWTTDSGQ
PIAIRGREKLGEHAVWSLQCFPDWVWTDIQIFETQDPNWFWVECRGEGAIVFPGYPRGQYRNHFLHSFRFENGLIKEQRE
FMNPCEQFRSLGIEVPEVRRDGLPS
;
_entity_poly.pdbx_seq_one_letter_code_can   
;MGSSHHHHHHSSGLVPRGSHMSDVESLENTSENRAQVAARQHNRKIVEQYMHTRGEARLKRHLLFTEDGVGGLWTTDSGQ
PIAIRGREKLGEHAVWSLQCFPDWVWTDIQIFETQDPNWFWVECRGEGAIVFPGYPRGQYRNHFLHSFRFENGLIKEQRE
FMNPCEQFRSLGIEVPEVRRDGLPS
;
_entity_poly.pdbx_strand_id                 A 
_entity_poly.pdbx_target_identifier         ? 
# 
loop_
_entity_poly_seq.entity_id 
_entity_poly_seq.num 
_entity_poly_seq.mon_id 
_entity_poly_seq.hetero 
1 1   MET n 
1 2   GLY n 
1 3   SER n 
1 4   SER n 
1 5   HIS n 
1 6   HIS n 
1 7   HIS n 
1 8   HIS n 
1 9   HIS n 
1 10  HIS n 
1 11  SER n 
1 12  SER n 
1 13  GLY n 
1 14  LEU n 
1 15  VAL n 
1 16  PRO n 
1 17  ARG n 
1 18  GLY n 
1 19  SER n 
1 20  HIS n 
1 21  MET n 
1 22  SER n 
1 23  ASP n 
1 24  VAL n 
1 25  GLU n 
1 26  SER n 
1 27  LEU n 
1 28  GLU n 
1 29  ASN n 
1 30  THR n 
1 31  SER n 
1 32  GLU n 
1 33  ASN n 
1 34  ARG n 
1 35  ALA n 
1 36  GLN n 
1 37  VAL n 
1 38  ALA n 
1 39  ALA n 
1 40  ARG n 
1 41  GLN n 
1 42  HIS n 
1 43  ASN n 
1 44  ARG n 
1 45  LYS n 
1 46  ILE n 
1 47  VAL n 
1 48  GLU n 
1 49  GLN n 
1 50  TYR n 
1 51  MET n 
1 52  HIS n 
1 53  THR n 
1 54  ARG n 
1 55  GLY n 
1 56  GLU n 
1 57  ALA n 
1 58  ARG n 
1 59  LEU n 
1 60  LYS n 
1 61  ARG n 
1 62  HIS n 
1 63  LEU n 
1 64  LEU n 
1 65  PHE n 
1 66  THR n 
1 67  GLU n 
1 68  ASP n 
1 69  GLY n 
1 70  VAL n 
1 71  GLY n 
1 72  GLY n 
1 73  LEU n 
1 74  TRP n 
1 75  THR n 
1 76  THR n 
1 77  ASP n 
1 78  SER n 
1 79  GLY n 
1 80  GLN n 
1 81  PRO n 
1 82  ILE n 
1 83  ALA n 
1 84  ILE n 
1 85  ARG n 
1 86  GLY n 
1 87  ARG n 
1 88  GLU n 
1 89  LYS n 
1 90  LEU n 
1 91  GLY n 
1 92  GLU n 
1 93  HIS n 
1 94  ALA n 
1 95  VAL n 
1 96  TRP n 
1 97  SER n 
1 98  LEU n 
1 99  GLN n 
1 100 CYS n 
1 101 PHE n 
1 102 PRO n 
1 103 ASP n 
1 104 TRP n 
1 105 VAL n 
1 106 TRP n 
1 107 THR n 
1 108 ASP n 
1 109 ILE n 
1 110 GLN n 
1 111 ILE n 
1 112 PHE n 
1 113 GLU n 
1 114 THR n 
1 115 GLN n 
1 116 ASP n 
1 117 PRO n 
1 118 ASN n 
1 119 TRP n 
1 120 PHE n 
1 121 TRP n 
1 122 VAL n 
1 123 GLU n 
1 124 CYS n 
1 125 ARG n 
1 126 GLY n 
1 127 GLU n 
1 128 GLY n 
1 129 ALA n 
1 130 ILE n 
1 131 VAL n 
1 132 PHE n 
1 133 PRO n 
1 134 GLY n 
1 135 TYR n 
1 136 PRO n 
1 137 ARG n 
1 138 GLY n 
1 139 GLN n 
1 140 TYR n 
1 141 ARG n 
1 142 ASN n 
1 143 HIS n 
1 144 PHE n 
1 145 LEU n 
1 146 HIS n 
1 147 SER n 
1 148 PHE n 
1 149 ARG n 
1 150 PHE n 
1 151 GLU n 
1 152 ASN n 
1 153 GLY n 
1 154 LEU n 
1 155 ILE n 
1 156 LYS n 
1 157 GLU n 
1 158 GLN n 
1 159 ARG n 
1 160 GLU n 
1 161 PHE n 
1 162 MET n 
1 163 ASN n 
1 164 PRO n 
1 165 CYS n 
1 166 GLU n 
1 167 GLN n 
1 168 PHE n 
1 169 ARG n 
1 170 SER n 
1 171 LEU n 
1 172 GLY n 
1 173 ILE n 
1 174 GLU n 
1 175 VAL n 
1 176 PRO n 
1 177 GLU n 
1 178 VAL n 
1 179 ARG n 
1 180 ARG n 
1 181 ASP n 
1 182 GLY n 
1 183 LEU n 
1 184 PRO n 
1 185 SER n 
# 
_entity_src_gen.entity_id                          1 
_entity_src_gen.pdbx_src_id                        1 
_entity_src_gen.pdbx_alt_source_flag               sample 
_entity_src_gen.pdbx_seq_type                      ? 
_entity_src_gen.pdbx_beg_seq_num                   ? 
_entity_src_gen.pdbx_end_seq_num                   ? 
_entity_src_gen.gene_src_common_name               ? 
_entity_src_gen.gene_src_genus                     ? 
_entity_src_gen.pdbx_gene_src_gene                 Bcep18194_B1568 
_entity_src_gen.gene_src_species                   ? 
_entity_src_gen.gene_src_strain                    R18194 
_entity_src_gen.gene_src_tissue                    ? 
_entity_src_gen.gene_src_tissue_fraction           ? 
_entity_src_gen.gene_src_details                   ? 
_entity_src_gen.pdbx_gene_src_fragment             ? 
_entity_src_gen.pdbx_gene_src_scientific_name      'Burkholderia sp.' 
_entity_src_gen.pdbx_gene_src_ncbi_taxonomy_id     269483 
_entity_src_gen.pdbx_gene_src_variant              ? 
_entity_src_gen.pdbx_gene_src_cell_line            ? 
_entity_src_gen.pdbx_gene_src_atcc                 ? 
_entity_src_gen.pdbx_gene_src_organ                ? 
_entity_src_gen.pdbx_gene_src_organelle            ? 
_entity_src_gen.pdbx_gene_src_cell                 ? 
_entity_src_gen.pdbx_gene_src_cellular_location    ? 
_entity_src_gen.host_org_common_name               ? 
_entity_src_gen.pdbx_host_org_scientific_name      'Escherichia coli' 
_entity_src_gen.pdbx_host_org_ncbi_taxonomy_id     562 
_entity_src_gen.host_org_genus                     ? 
_entity_src_gen.pdbx_host_org_gene                 ? 
_entity_src_gen.pdbx_host_org_organ                ? 
_entity_src_gen.host_org_species                   ? 
_entity_src_gen.pdbx_host_org_tissue               ? 
_entity_src_gen.pdbx_host_org_tissue_fraction      ? 
_entity_src_gen.pdbx_host_org_strain               'Rosetta2 pLysS' 
_entity_src_gen.pdbx_host_org_variant              ? 
_entity_src_gen.pdbx_host_org_cell_line            ? 
_entity_src_gen.pdbx_host_org_atcc                 ? 
_entity_src_gen.pdbx_host_org_culture_collection   ? 
_entity_src_gen.pdbx_host_org_cell                 ? 
_entity_src_gen.pdbx_host_org_organelle            ? 
_entity_src_gen.pdbx_host_org_cellular_location    ? 
_entity_src_gen.pdbx_host_org_vector_type          plasmid 
_entity_src_gen.pdbx_host_org_vector               ? 
_entity_src_gen.host_org_details                   ? 
_entity_src_gen.expression_system_id               ? 
_entity_src_gen.plasmid_name                       pET15b 
_entity_src_gen.plasmid_details                    ? 
_entity_src_gen.pdbx_description                   ? 
# 
_struct_ref.id                         1 
_struct_ref.db_name                    UNP 
_struct_ref.db_code                    Q396C9_BURS3 
_struct_ref.pdbx_db_accession          Q396C9 
_struct_ref.entity_id                  1 
_struct_ref.pdbx_seq_one_letter_code   
;MSDVESLENTSENRAQVAARQHNRKIVEQYMHTRGEARLKRHLLFTEDGVGGLWTTDSGQPIAIRGREKLGEHAVWSLQC
FPDWVWTDIQIFETQDPNWFWVECRGEGAIVFPGYPRGQYRNHFLHSFRFENGLIKEQREFMNPCEQFRSLGIEVPEVRR
DGLPS
;
_struct_ref.pdbx_align_begin           1 
_struct_ref.pdbx_db_isoform            ? 
# 
_struct_ref_seq.align_id                      1 
_struct_ref_seq.ref_id                        1 
_struct_ref_seq.pdbx_PDB_id_code              3EX9 
_struct_ref_seq.pdbx_strand_id                A 
_struct_ref_seq.seq_align_beg                 21 
_struct_ref_seq.pdbx_seq_align_beg_ins_code   ? 
_struct_ref_seq.seq_align_end                 185 
_struct_ref_seq.pdbx_seq_align_end_ins_code   ? 
_struct_ref_seq.pdbx_db_accession             Q396C9 
_struct_ref_seq.db_align_beg                  1 
_struct_ref_seq.pdbx_db_align_beg_ins_code    ? 
_struct_ref_seq.db_align_end                  165 
_struct_ref_seq.pdbx_db_align_end_ins_code    ? 
_struct_ref_seq.pdbx_auth_seq_align_beg       1 
_struct_ref_seq.pdbx_auth_seq_align_end       165 
# 
loop_
_struct_ref_seq_dif.align_id 
_struct_ref_seq_dif.pdbx_pdb_id_code 
_struct_ref_seq_dif.mon_id 
_struct_ref_seq_dif.pdbx_pdb_strand_id 
_struct_ref_seq_dif.seq_num 
_struct_ref_seq_dif.pdbx_pdb_ins_code 
_struct_ref_seq_dif.pdbx_seq_db_name 
_struct_ref_seq_dif.pdbx_seq_db_accession_code 
_struct_ref_seq_dif.db_mon_id 
_struct_ref_seq_dif.pdbx_seq_db_seq_num 
_struct_ref_seq_dif.details 
_struct_ref_seq_dif.pdbx_auth_seq_num 
_struct_ref_seq_dif.pdbx_ordinal 
1 3EX9 MET A 1  ? UNP Q396C9 ? ? 'expression tag' -19 1  
1 3EX9 GLY A 2  ? UNP Q396C9 ? ? 'expression tag' -18 2  
1 3EX9 SER A 3  ? UNP Q396C9 ? ? 'expression tag' -17 3  
1 3EX9 SER A 4  ? UNP Q396C9 ? ? 'expression tag' -16 4  
1 3EX9 HIS A 5  ? UNP Q396C9 ? ? 'expression tag' -15 5  
1 3EX9 HIS A 6  ? UNP Q396C9 ? ? 'expression tag' -14 6  
1 3EX9 HIS A 7  ? UNP Q396C9 ? ? 'expression tag' -13 7  
1 3EX9 HIS A 8  ? UNP Q396C9 ? ? 'expression tag' -12 8  
1 3EX9 HIS A 9  ? UNP Q396C9 ? ? 'expression tag' -11 9  
1 3EX9 HIS A 10 ? UNP Q396C9 ? ? 'expression tag' -10 10 
1 3EX9 SER A 11 ? UNP Q396C9 ? ? 'expression tag' -9  11 
1 3EX9 SER A 12 ? UNP Q396C9 ? ? 'expression tag' -8  12 
1 3EX9 GLY A 13 ? UNP Q396C9 ? ? 'expression tag' -7  13 
1 3EX9 LEU A 14 ? UNP Q396C9 ? ? 'expression tag' -6  14 
1 3EX9 VAL A 15 ? UNP Q396C9 ? ? 'expression tag' -5  15 
1 3EX9 PRO A 16 ? UNP Q396C9 ? ? 'expression tag' -4  16 
1 3EX9 ARG A 17 ? UNP Q396C9 ? ? 'expression tag' -3  17 
1 3EX9 GLY A 18 ? UNP Q396C9 ? ? 'expression tag' -2  18 
1 3EX9 SER A 19 ? UNP Q396C9 ? ? 'expression tag' -1  19 
1 3EX9 HIS A 20 ? UNP Q396C9 ? ? 'expression tag' 0   20 
# 
loop_
_chem_comp.id 
_chem_comp.type 
_chem_comp.mon_nstd_flag 
_chem_comp.name 
_chem_comp.pdbx_synonyms 
_chem_comp.formula 
_chem_comp.formula_weight 
ALA 'L-peptide linking' y ALANINE         ? 'C3 H7 N O2'     89.093  
ARG 'L-peptide linking' y ARGININE        ? 'C6 H15 N4 O2 1' 175.209 
ASN 'L-peptide linking' y ASPARAGINE      ? 'C4 H8 N2 O3'    132.118 
ASP 'L-peptide linking' y 'ASPARTIC ACID' ? 'C4 H7 N O4'     133.103 
CYS 'L-peptide linking' y CYSTEINE        ? 'C3 H7 N O2 S'   121.158 
GLN 'L-peptide linking' y GLUTAMINE       ? 'C5 H10 N2 O3'   146.144 
GLU 'L-peptide linking' y 'GLUTAMIC ACID' ? 'C5 H9 N O4'     147.129 
GLY 'peptide linking'   y GLYCINE         ? 'C2 H5 N O2'     75.067  
HIS 'L-peptide linking' y HISTIDINE       ? 'C6 H10 N3 O2 1' 156.162 
HOH non-polymer         . WATER           ? 'H2 O'           18.015  
ILE 'L-peptide linking' y ISOLEUCINE      ? 'C6 H13 N O2'    131.173 
LEU 'L-peptide linking' y LEUCINE         ? 'C6 H13 N O2'    131.173 
LYS 'L-peptide linking' y LYSINE          ? 'C6 H15 N2 O2 1' 147.195 
MET 'L-peptide linking' y METHIONINE      ? 'C5 H11 N O2 S'  149.211 
PHE 'L-peptide linking' y PHENYLALANINE   ? 'C9 H11 N O2'    165.189 
PRO 'L-peptide linking' y PROLINE         ? 'C5 H9 N O2'     115.130 
SER 'L-peptide linking' y SERINE          ? 'C3 H7 N O3'     105.093 
THR 'L-peptide linking' y THREONINE       ? 'C4 H9 N O3'     119.119 
TRP 'L-peptide linking' y TRYPTOPHAN      ? 'C11 H12 N2 O2'  204.225 
TYR 'L-peptide linking' y TYROSINE        ? 'C9 H11 N O3'    181.189 
VAL 'L-peptide linking' y VALINE          ? 'C5 H11 N O2'    117.146 
# 
_exptl.entry_id          3EX9 
_exptl.method            'X-RAY DIFFRACTION' 
_exptl.crystals_number   1 
# 
_exptl_crystal.id                    1 
_exptl_crystal.density_meas          ? 
_exptl_crystal.density_Matthews      2.35 
_exptl_crystal.density_percent_sol   47.57 
_exptl_crystal.description           ? 
_exptl_crystal.F_000                 ? 
_exptl_crystal.preparation           ? 
# 
_exptl_crystal_grow.crystal_id      1 
_exptl_crystal_grow.method          'VAPOR DIFFUSION, HANGING DROP' 
_exptl_crystal_grow.temp            284 
_exptl_crystal_grow.temp_details    ? 
_exptl_crystal_grow.pH              6.2 
_exptl_crystal_grow.pdbx_details    
'0.1M Bis-TRIS, 0.2M NH4OAc, 20% (w/v) PEG 3350, pH 6.2, VAPOR DIFFUSION, HANGING DROP, temperature 284K' 
_exptl_crystal_grow.pdbx_pH_range   ? 
# 
_diffrn.id                     1 
_diffrn.ambient_temp           100 
_diffrn.ambient_temp_details   ? 
_diffrn.crystal_id             1 
# 
_diffrn_detector.diffrn_id              1 
_diffrn_detector.detector               CCD 
_diffrn_detector.type                   'MARMOSAIC 225 mm CCD' 
_diffrn_detector.pdbx_collection_date   2008-07-20 
_diffrn_detector.details                ? 
# 
_diffrn_radiation.diffrn_id                        1 
_diffrn_radiation.wavelength_id                    1 
_diffrn_radiation.pdbx_monochromatic_or_laue_m_l   M 
_diffrn_radiation.monochromator                    'Si(111)' 
_diffrn_radiation.pdbx_diffrn_protocol             'SINGLE WAVELENGTH' 
_diffrn_radiation.pdbx_scattering_type             x-ray 
# 
_diffrn_radiation_wavelength.id           1 
_diffrn_radiation_wavelength.wavelength   1.0 
_diffrn_radiation_wavelength.wt           1.0 
# 
_diffrn_source.diffrn_id                   1 
_diffrn_source.source                      SYNCHROTRON 
_diffrn_source.type                        'SLS BEAMLINE X10SA' 
_diffrn_source.pdbx_synchrotron_site       SLS 
_diffrn_source.pdbx_synchrotron_beamline   X10SA 
_diffrn_source.pdbx_wavelength             ? 
_diffrn_source.pdbx_wavelength_list        1.0 
# 
_reflns.entry_id                     3EX9 
_reflns.observed_criterion_sigma_I   5.5 
_reflns.observed_criterion_sigma_F   ? 
_reflns.d_resolution_low             42.26 
_reflns.d_resolution_high            2.2 
_reflns.number_obs                   10338 
_reflns.number_all                   10609 
_reflns.percent_possible_obs         97.4 
_reflns.pdbx_Rmerge_I_obs            ? 
_reflns.pdbx_Rsym_value              0.064 
_reflns.pdbx_netI_over_sigmaI        20.1 
_reflns.B_iso_Wilson_estimate        48 
_reflns.pdbx_redundancy              9.2 
_reflns.R_free_details               ? 
_reflns.limit_h_max                  ? 
_reflns.limit_h_min                  ? 
_reflns.limit_k_max                  ? 
_reflns.limit_k_min                  ? 
_reflns.limit_l_max                  ? 
_reflns.limit_l_min                  ? 
_reflns.observed_criterion_F_max     ? 
_reflns.observed_criterion_F_min     ? 
_reflns.pdbx_chi_squared             ? 
_reflns.pdbx_scaling_rejects         ? 
_reflns.pdbx_ordinal                 1 
_reflns.pdbx_diffrn_id               1 
# 
_reflns_shell.d_res_high             2.1 
_reflns_shell.d_res_low              2.3 
_reflns_shell.percent_possible_all   95.7 
_reflns_shell.Rmerge_I_obs           0.429 
_reflns_shell.pdbx_Rsym_value        ? 
_reflns_shell.meanI_over_sigI_obs    5.5 
_reflns_shell.pdbx_redundancy        8.6 
_reflns_shell.percent_possible_obs   ? 
_reflns_shell.number_unique_all      1305 
_reflns_shell.number_measured_all    ? 
_reflns_shell.number_measured_obs    ? 
_reflns_shell.number_unique_obs      ? 
_reflns_shell.pdbx_chi_squared       ? 
_reflns_shell.pdbx_ordinal           1 
_reflns_shell.pdbx_diffrn_id         1 
# 
_refine.entry_id                                 3EX9 
_refine.ls_number_reflns_obs                     9803 
_refine.ls_number_reflns_all                     ? 
_refine.pdbx_ls_sigma_I                          ? 
_refine.pdbx_ls_sigma_F                          ? 
_refine.pdbx_data_cutoff_high_absF               ? 
_refine.pdbx_data_cutoff_low_absF                ? 
_refine.pdbx_data_cutoff_high_rms_absF           ? 
_refine.ls_d_res_low                             20.0 
_refine.ls_d_res_high                            2.20 
_refine.ls_percent_reflns_obs                    97.45 
_refine.ls_R_factor_obs                          0.19476 
_refine.ls_R_factor_all                          ? 
_refine.ls_R_factor_R_work                       0.19218 
_refine.ls_R_factor_R_free                       0.23968 
_refine.ls_R_factor_R_free_error                 ? 
_refine.ls_R_factor_R_free_error_details         ? 
_refine.ls_percent_reflns_R_free                 5.2 
_refine.ls_number_reflns_R_free                  535 
_refine.ls_number_parameters                     ? 
_refine.ls_number_restraints                     ? 
_refine.occupancy_min                            ? 
_refine.occupancy_max                            ? 
_refine.correlation_coeff_Fo_to_Fc               0.956 
_refine.correlation_coeff_Fo_to_Fc_free          0.916 
_refine.B_iso_mean                               54.538 
_refine.aniso_B[1][1]                            -1.84 
_refine.aniso_B[2][2]                            3.08 
_refine.aniso_B[3][3]                            -1.23 
_refine.aniso_B[1][2]                            0.00 
_refine.aniso_B[1][3]                            0.00 
_refine.aniso_B[2][3]                            0.00 
_refine.solvent_model_details                    'BABINET MODEL WITH MASK' 
_refine.solvent_model_param_ksol                 ? 
_refine.solvent_model_param_bsol                 ? 
_refine.pdbx_solvent_vdw_probe_radii             1.20 
_refine.pdbx_solvent_ion_probe_radii             0.80 
_refine.pdbx_solvent_shrinkage_radii             0.80 
_refine.pdbx_ls_cross_valid_method               THROUGHOUT 
_refine.details                                  
'HYDROGENS HAVE BEEN ADDED IN THE RIDING POSITIONS; TLS-REFINEMENT WAS USED THROUGOUT (1 BODY)' 
_refine.pdbx_starting_model                      3B4O 
_refine.pdbx_method_to_determine_struct          'MOLECULAR REPLACEMENT' 
_refine.pdbx_isotropic_thermal_model             ? 
_refine.pdbx_stereochemistry_target_values       'MAXIMUM LIKELIHOOD' 
_refine.pdbx_stereochem_target_val_spec_case     ? 
_refine.pdbx_R_Free_selection_details            RANDOM 
_refine.pdbx_overall_ESU_R                       0.230 
_refine.pdbx_overall_ESU_R_Free                  0.197 
_refine.overall_SU_ML                            0.179 
_refine.overall_SU_B                             16.581 
_refine.ls_redundancy_reflns_obs                 ? 
_refine.B_iso_min                                ? 
_refine.B_iso_max                                ? 
_refine.overall_SU_R_Cruickshank_DPI             ? 
_refine.overall_SU_R_free                        ? 
_refine.ls_wR_factor_R_free                      ? 
_refine.ls_wR_factor_R_work                      ? 
_refine.overall_FOM_free_R_set                   ? 
_refine.overall_FOM_work_R_set                   ? 
_refine.pdbx_overall_phase_error                 ? 
_refine.pdbx_refine_id                           'X-RAY DIFFRACTION' 
_refine.pdbx_TLS_residual_ADP_flag               'LIKELY RESIDUAL' 
_refine.pdbx_diffrn_id                           1 
_refine.pdbx_overall_SU_R_free_Cruickshank_DPI   ? 
_refine.pdbx_overall_SU_R_Blow_DPI               ? 
_refine.pdbx_overall_SU_R_free_Blow_DPI          ? 
# 
_refine_hist.pdbx_refine_id                   'X-RAY DIFFRACTION' 
_refine_hist.cycle_id                         LAST 
_refine_hist.pdbx_number_atoms_protein        1253 
_refine_hist.pdbx_number_atoms_nucleic_acid   0 
_refine_hist.pdbx_number_atoms_ligand         0 
_refine_hist.number_atoms_solvent             34 
_refine_hist.number_atoms_total               1287 
_refine_hist.d_res_high                       2.20 
_refine_hist.d_res_low                        20.0 
# 
loop_
_refine_ls_restr.type 
_refine_ls_restr.dev_ideal 
_refine_ls_restr.dev_ideal_target 
_refine_ls_restr.weight 
_refine_ls_restr.number 
_refine_ls_restr.pdbx_refine_id 
_refine_ls_restr.pdbx_restraint_function 
r_bond_refined_d         0.022  0.021 ? 1299 'X-RAY DIFFRACTION' ? 
r_bond_other_d           0.002  0.020 ? 933  'X-RAY DIFFRACTION' ? 
r_angle_refined_deg      1.831  1.905 ? 1757 'X-RAY DIFFRACTION' ? 
r_angle_other_deg        0.966  ?     ? ?    'X-RAY DIFFRACTION' ? 
r_dihedral_angle_1_deg   7.534  ?     ? ?    'X-RAY DIFFRACTION' ? 
r_dihedral_angle_2_deg   35.708 ?     ? ?    'X-RAY DIFFRACTION' ? 
r_dihedral_angle_3_deg   18.399 ?     ? ?    'X-RAY DIFFRACTION' ? 
r_dihedral_angle_4_deg   20.307 ?     ? ?    'X-RAY DIFFRACTION' ? 
r_chiral_restr           0.116  ?     ? ?    'X-RAY DIFFRACTION' ? 
r_gen_planes_refined     0.008  ?     ? ?    'X-RAY DIFFRACTION' ? 
r_gen_planes_other       0.001  ?     ? ?    'X-RAY DIFFRACTION' ? 
r_nbd_refined            0.211  ?     ? ?    'X-RAY DIFFRACTION' ? 
r_nbd_other              0.216  ?     ? ?    'X-RAY DIFFRACTION' ? 
r_nbtor_refined          0.191  ?     ? ?    'X-RAY DIFFRACTION' ? 
r_nbtor_other            0.095  ?     ? ?    'X-RAY DIFFRACTION' ? 
r_xyhbond_nbd_refined    0.193  ?     ? ?    'X-RAY DIFFRACTION' ? 
r_symmetry_vdw_refined   0.193  ?     ? ?    'X-RAY DIFFRACTION' ? 
r_symmetry_vdw_other     0.314  ?     ? ?    'X-RAY DIFFRACTION' ? 
r_symmetry_hbond_refined 0.182  ?     ? ?    'X-RAY DIFFRACTION' ? 
r_mcbond_it              1.097  ?     ? ?    'X-RAY DIFFRACTION' ? 
r_mcbond_other           0.265  ?     ? ?    'X-RAY DIFFRACTION' ? 
r_mcangle_it             1.632  ?     ? ?    'X-RAY DIFFRACTION' ? 
r_scbond_it              2.563  ?     ? ?    'X-RAY DIFFRACTION' ? 
r_scangle_it             3.958  ?     ? ?    'X-RAY DIFFRACTION' ? 
# 
_refine_ls_shell.pdbx_total_number_of_bins_used   20 
_refine_ls_shell.d_res_high                       2.200 
_refine_ls_shell.d_res_low                        2.257 
_refine_ls_shell.number_reflns_R_work             716 
_refine_ls_shell.R_factor_R_work                  0.350 
_refine_ls_shell.percent_reflns_obs               96.88 
_refine_ls_shell.R_factor_R_free                  0.448 
_refine_ls_shell.R_factor_R_free_error            ? 
_refine_ls_shell.percent_reflns_R_free            ? 
_refine_ls_shell.number_reflns_R_free             30 
_refine_ls_shell.number_reflns_all                ? 
_refine_ls_shell.R_factor_all                     ? 
_refine_ls_shell.number_reflns_obs                ? 
_refine_ls_shell.redundancy_reflns_obs            ? 
_refine_ls_shell.pdbx_refine_id                   'X-RAY DIFFRACTION' 
# 
_struct.entry_id                  3EX9 
_struct.title                     'Crystal structure of PhzA/B from Burkholderia cepacia R18194 crystallized in C2221' 
_struct.pdbx_model_details        ? 
_struct.pdbx_CASP_flag            ? 
_struct.pdbx_model_type_details   ? 
# 
_struct_keywords.entry_id        3EX9 
_struct_keywords.pdbx_keywords   'BIOSYNTHETIC PROTEIN' 
_struct_keywords.text            'phenazine biosynthesis, KSI, BIOSYNTHETIC PROTEIN' 
# 
loop_
_struct_asym.id 
_struct_asym.pdbx_blank_PDB_chainid_flag 
_struct_asym.pdbx_modified 
_struct_asym.entity_id 
_struct_asym.details 
A N N 1 ? 
B N N 2 ? 
# 
_struct_biol.id        1 
_struct_biol.details   ? 
# 
loop_
_struct_conf.conf_type_id 
_struct_conf.id 
_struct_conf.pdbx_PDB_helix_id 
_struct_conf.beg_label_comp_id 
_struct_conf.beg_label_asym_id 
_struct_conf.beg_label_seq_id 
_struct_conf.pdbx_beg_PDB_ins_code 
_struct_conf.end_label_comp_id 
_struct_conf.end_label_asym_id 
_struct_conf.end_label_seq_id 
_struct_conf.pdbx_end_PDB_ins_code 
_struct_conf.beg_auth_comp_id 
_struct_conf.beg_auth_asym_id 
_struct_conf.beg_auth_seq_id 
_struct_conf.end_auth_comp_id 
_struct_conf.end_auth_asym_id 
_struct_conf.end_auth_seq_id 
_struct_conf.pdbx_PDB_helix_class 
_struct_conf.details 
_struct_conf.pdbx_PDB_helix_length 
HELX_P HELX_P1 1 THR A 30  ? THR A 53  ? THR A 10  THR A 33  1 ? 24 
HELX_P HELX_P2 2 ARG A 54  ? LEU A 63  ? ARG A 34  LEU A 43  5 ? 10 
HELX_P HELX_P3 3 GLY A 86  ? PHE A 101 ? GLY A 66  PHE A 81  1 ? 16 
HELX_P HELX_P4 4 PRO A 164 ? LEU A 171 ? PRO A 144 LEU A 151 1 ? 8  
# 
_struct_conf_type.id          HELX_P 
_struct_conf_type.criteria    ? 
_struct_conf_type.reference   ? 
# 
_struct_sheet.id               A 
_struct_sheet.type             ? 
_struct_sheet.number_strands   6 
_struct_sheet.details          ? 
# 
loop_
_struct_sheet_order.sheet_id 
_struct_sheet_order.range_id_1 
_struct_sheet_order.range_id_2 
_struct_sheet_order.offset 
_struct_sheet_order.sense 
A 1 2 ? anti-parallel 
A 2 3 ? parallel      
A 3 4 ? anti-parallel 
A 4 5 ? anti-parallel 
A 5 6 ? anti-parallel 
# 
loop_
_struct_sheet_range.sheet_id 
_struct_sheet_range.id 
_struct_sheet_range.beg_label_comp_id 
_struct_sheet_range.beg_label_asym_id 
_struct_sheet_range.beg_label_seq_id 
_struct_sheet_range.pdbx_beg_PDB_ins_code 
_struct_sheet_range.end_label_comp_id 
_struct_sheet_range.end_label_asym_id 
_struct_sheet_range.end_label_seq_id 
_struct_sheet_range.pdbx_end_PDB_ins_code 
_struct_sheet_range.beg_auth_comp_id 
_struct_sheet_range.beg_auth_asym_id 
_struct_sheet_range.beg_auth_seq_id 
_struct_sheet_range.end_auth_comp_id 
_struct_sheet_range.end_auth_asym_id 
_struct_sheet_range.end_auth_seq_id 
A 1 ILE A 82  ? ARG A 85  ? ILE A 62  ARG A 65  
A 2 PHE A 65  ? LEU A 73  ? PHE A 45  LEU A 53  
A 3 LEU A 154 ? PHE A 161 ? LEU A 134 PHE A 141 
A 4 GLY A 138 ? GLU A 151 ? GLY A 118 GLU A 131 
A 5 TRP A 119 ? ILE A 130 ? TRP A 99  ILE A 110 
A 6 VAL A 105 ? GLU A 113 ? VAL A 85  GLU A 93  
# 
loop_
_pdbx_struct_sheet_hbond.sheet_id 
_pdbx_struct_sheet_hbond.range_id_1 
_pdbx_struct_sheet_hbond.range_id_2 
_pdbx_struct_sheet_hbond.range_1_label_atom_id 
_pdbx_struct_sheet_hbond.range_1_label_comp_id 
_pdbx_struct_sheet_hbond.range_1_label_asym_id 
_pdbx_struct_sheet_hbond.range_1_label_seq_id 
_pdbx_struct_sheet_hbond.range_1_PDB_ins_code 
_pdbx_struct_sheet_hbond.range_1_auth_atom_id 
_pdbx_struct_sheet_hbond.range_1_auth_comp_id 
_pdbx_struct_sheet_hbond.range_1_auth_asym_id 
_pdbx_struct_sheet_hbond.range_1_auth_seq_id 
_pdbx_struct_sheet_hbond.range_2_label_atom_id 
_pdbx_struct_sheet_hbond.range_2_label_comp_id 
_pdbx_struct_sheet_hbond.range_2_label_asym_id 
_pdbx_struct_sheet_hbond.range_2_label_seq_id 
_pdbx_struct_sheet_hbond.range_2_PDB_ins_code 
_pdbx_struct_sheet_hbond.range_2_auth_atom_id 
_pdbx_struct_sheet_hbond.range_2_auth_comp_id 
_pdbx_struct_sheet_hbond.range_2_auth_asym_id 
_pdbx_struct_sheet_hbond.range_2_auth_seq_id 
A 1 2 O ILE A 84  ? O ILE A 64  N GLY A 71  ? N GLY A 51  
A 2 3 N VAL A 70  ? N VAL A 50  O GLN A 158 ? O GLN A 138 
A 3 4 O PHE A 161 ? O PHE A 141 N LEU A 145 ? N LEU A 125 
A 4 5 O PHE A 148 ? O PHE A 128 N PHE A 120 ? N PHE A 100 
A 5 6 O TRP A 121 ? O TRP A 101 N PHE A 112 ? N PHE A 92  
# 
_atom_sites.entry_id                    3EX9 
_atom_sites.fract_transf_matrix[1][1]   -0.00591316 
_atom_sites.fract_transf_matrix[1][2]   -0.01119341 
_atom_sites.fract_transf_matrix[1][3]   0.00046933 
_atom_sites.fract_transf_matrix[2][1]   0.00596511 
_atom_sites.fract_transf_matrix[2][2]   -0.00270230 
_atom_sites.fract_transf_matrix[2][3]   0.01070596 
_atom_sites.fract_transf_matrix[3][1]   -0.01160969 
_atom_sites.fract_transf_matrix[3][2]   0.00647279 
_atom_sites.fract_transf_matrix[3][3]   0.00810245 
_atom_sites.fract_transf_vector[1]      -0.148094 
_atom_sites.fract_transf_vector[2]      0.016407 
_atom_sites.fract_transf_vector[3]      -0.235388 
# 
loop_
_atom_type.symbol 
C 
N 
O 
S 
# 
loop_
_atom_site.group_PDB 
_atom_site.id 
_atom_site.type_symbol 
_atom_site.label_atom_id 
_atom_site.label_alt_id 
_atom_site.label_comp_id 
_atom_site.label_asym_id 
_atom_site.label_entity_id 
_atom_site.label_seq_id 
_atom_site.pdbx_PDB_ins_code 
_atom_site.Cartn_x 
_atom_site.Cartn_y 
_atom_site.Cartn_z 
_atom_site.occupancy 
_atom_site.B_iso_or_equiv 
_atom_site.pdbx_formal_charge 
_atom_site.auth_seq_id 
_atom_site.auth_comp_id 
_atom_site.auth_asym_id 
_atom_site.auth_atom_id 
_atom_site.pdbx_PDB_model_num 
ATOM   1    N N   . THR A 1 30  ? 18.569  -16.125 22.333  1.00 74.03 ? 10  THR A N   1 
ATOM   2    C CA  . THR A 1 30  ? 19.932  -15.631 22.486  1.00 74.34 ? 10  THR A CA  1 
ATOM   3    C C   . THR A 1 30  ? 20.063  -14.137 22.204  1.00 74.51 ? 10  THR A C   1 
ATOM   4    O O   . THR A 1 30  ? 19.221  -13.335 22.600  1.00 74.88 ? 10  THR A O   1 
ATOM   5    C CB  . THR A 1 30  ? 20.921  -16.391 21.578  1.00 73.85 ? 10  THR A CB  1 
ATOM   6    N N   . SER A 1 31  ? 21.143  -13.780 21.525  1.00 74.33 ? 11  SER A N   1 
ATOM   7    C CA  . SER A 1 31  ? 21.333  -12.423 21.013  1.00 74.03 ? 11  SER A CA  1 
ATOM   8    C C   . SER A 1 31  ? 20.552  -12.212 19.698  1.00 74.68 ? 11  SER A C   1 
ATOM   9    O O   . SER A 1 31  ? 20.130  -11.082 19.378  1.00 74.08 ? 11  SER A O   1 
ATOM   10   C CB  . SER A 1 31  ? 22.822  -12.195 20.761  1.00 74.31 ? 11  SER A CB  1 
ATOM   11   O OG  . SER A 1 31  ? 23.023  -11.504 19.547  1.00 73.02 ? 11  SER A OG  1 
ATOM   12   N N   . GLU A 1 32  ? 20.396  -13.312 18.938  1.00 74.67 ? 12  GLU A N   1 
ATOM   13   C CA  . GLU A 1 32  ? 19.683  -13.323 17.671  1.00 74.86 ? 12  GLU A CA  1 
ATOM   14   C C   . GLU A 1 32  ? 18.241  -13.024 17.970  1.00 74.62 ? 12  GLU A C   1 
ATOM   15   O O   . GLU A 1 32  ? 17.672  -12.121 17.376  1.00 75.38 ? 12  GLU A O   1 
ATOM   16   C CB  . GLU A 1 32  ? 19.821  -14.691 16.980  1.00 75.28 ? 12  GLU A CB  1 
ATOM   17   N N   . ASN A 1 33  ? 17.668  -13.788 18.904  1.00 74.43 ? 13  ASN A N   1 
ATOM   18   C CA  . ASN A 1 33  ? 16.434  -13.405 19.629  1.00 74.11 ? 13  ASN A CA  1 
ATOM   19   C C   . ASN A 1 33  ? 16.294  -11.893 19.911  1.00 72.41 ? 13  ASN A C   1 
ATOM   20   O O   . ASN A 1 33  ? 15.303  -11.288 19.515  1.00 72.38 ? 13  ASN A O   1 
ATOM   21   C CB  . ASN A 1 33  ? 16.371  -14.129 20.995  1.00 74.77 ? 13  ASN A CB  1 
ATOM   22   C CG  . ASN A 1 33  ? 15.165  -13.676 21.862  1.00 76.18 ? 13  ASN A CG  1 
ATOM   23   O OD1 . ASN A 1 33  ? 14.018  -14.076 21.594  1.00 76.38 ? 13  ASN A OD1 1 
ATOM   24   N ND2 . ASN A 1 33  ? 15.433  -12.859 22.913  1.00 75.96 ? 13  ASN A ND2 1 
ATOM   25   N N   . ARG A 1 34  ? 17.262  -11.298 20.622  1.00 70.41 ? 14  ARG A N   1 
ATOM   26   C CA  . ARG A 1 34  ? 17.158  -9.867  20.982  1.00 69.17 ? 14  ARG A CA  1 
ATOM   27   C C   . ARG A 1 34  ? 16.955  -8.989  19.736  1.00 68.43 ? 14  ARG A C   1 
ATOM   28   O O   . ARG A 1 34  ? 16.015  -8.203  19.682  1.00 68.58 ? 14  ARG A O   1 
ATOM   29   C CB  . ARG A 1 34  ? 18.360  -9.372  21.818  1.00 68.42 ? 14  ARG A CB  1 
ATOM   30   C CG  . ARG A 1 34  ? 18.360  -9.926  23.229  1.00 66.61 ? 14  ARG A CG  1 
ATOM   31   C CD  . ARG A 1 34  ? 19.286  -9.166  24.143  1.00 63.32 ? 14  ARG A CD  1 
ATOM   32   N NE  . ARG A 1 34  ? 20.551  -8.851  23.488  1.00 61.40 ? 14  ARG A NE  1 
ATOM   33   C CZ  . ARG A 1 34  ? 21.682  -9.539  23.627  1.00 60.90 ? 14  ARG A CZ  1 
ATOM   34   N NH1 . ARG A 1 34  ? 21.732  -10.595 24.418  1.00 61.05 ? 14  ARG A NH1 1 
ATOM   35   N NH2 . ARG A 1 34  ? 22.778  -9.161  22.976  1.00 60.02 ? 14  ARG A NH2 1 
ATOM   36   N N   . ALA A 1 35  ? 17.820  -9.179  18.740  1.00 67.51 ? 15  ALA A N   1 
ATOM   37   C CA  . ALA A 1 35  ? 17.752  -8.468  17.468  1.00 66.85 ? 15  ALA A CA  1 
ATOM   38   C C   . ALA A 1 35  ? 16.453  -8.741  16.727  1.00 66.45 ? 15  ALA A C   1 
ATOM   39   O O   . ALA A 1 35  ? 15.915  -7.846  16.103  1.00 66.07 ? 15  ALA A O   1 
ATOM   40   C CB  . ALA A 1 35  ? 18.946  -8.828  16.593  1.00 66.63 ? 15  ALA A CB  1 
ATOM   41   N N   . GLN A 1 36  ? 15.941  -9.964  16.807  1.00 66.15 ? 16  GLN A N   1 
ATOM   42   C CA  . GLN A 1 36  ? 14.710  -10.294 16.081  0.50 66.03 ? 16  GLN A CA  1 
ATOM   43   C C   . GLN A 1 36  ? 13.504  -9.689  16.804  1.00 66.77 ? 16  GLN A C   1 
ATOM   44   O O   . GLN A 1 36  ? 12.522  -9.250  16.144  1.00 68.02 ? 16  GLN A O   1 
ATOM   45   C CB  . GLN A 1 36  ? 14.559  -11.810 15.828  0.50 65.61 ? 16  GLN A CB  1 
ATOM   46   C CG  . GLN A 1 36  ? 13.862  -12.612 16.932  0.50 65.00 ? 16  GLN A CG  1 
ATOM   47   C CD  . GLN A 1 36  ? 13.144  -13.883 16.450  0.50 65.22 ? 16  GLN A CD  1 
ATOM   48   O OE1 . GLN A 1 36  ? 13.057  -14.844 17.199  0.50 63.04 ? 16  GLN A OE1 1 
ATOM   49   N NE2 . GLN A 1 36  ? 12.614  -13.883 15.218  0.50 61.49 ? 16  GLN A NE2 1 
ATOM   50   N N   . VAL A 1 37  ? 13.551  -9.650  18.132  1.00 66.56 ? 17  VAL A N   1 
ATOM   51   C CA  . VAL A 1 37  ? 12.471  -9.008  18.924  1.00 66.84 ? 17  VAL A CA  1 
ATOM   52   C C   . VAL A 1 37  ? 12.459  -7.471  18.857  1.00 66.44 ? 17  VAL A C   1 
ATOM   53   O O   . VAL A 1 37  ? 11.406  -6.848  18.705  1.00 65.92 ? 17  VAL A O   1 
ATOM   54   C CB  . VAL A 1 37  ? 12.552  -9.394  20.404  1.00 67.36 ? 17  VAL A CB  1 
ATOM   55   C CG1 . VAL A 1 37  ? 11.552  -8.573  21.222  1.00 67.02 ? 17  VAL A CG1 1 
ATOM   56   C CG2 . VAL A 1 37  ? 12.302  -10.901 20.556  1.00 68.54 ? 17  VAL A CG2 1 
ATOM   57   N N   . ALA A 1 38  ? 13.637  -6.874  19.035  1.00 65.17 ? 18  ALA A N   1 
ATOM   58   C CA  . ALA A 1 38  ? 13.859  -5.490  18.633  1.00 64.47 ? 18  ALA A CA  1 
ATOM   59   C C   . ALA A 1 38  ? 13.302  -5.250  17.240  1.00 63.87 ? 18  ALA A C   1 
ATOM   60   O O   . ALA A 1 38  ? 12.668  -4.238  17.009  1.00 63.77 ? 18  ALA A O   1 
ATOM   61   C CB  . ALA A 1 38  ? 15.338  -5.161  18.639  1.00 63.37 ? 18  ALA A CB  1 
ATOM   62   N N   . ALA A 1 39  ? 13.591  -6.177  16.326  1.00 64.22 ? 19  ALA A N   1 
ATOM   63   C CA  . ALA A 1 39  ? 13.175  -6.074  14.934  1.00 65.89 ? 19  ALA A CA  1 
ATOM   64   C C   . ALA A 1 39  ? 11.680  -5.901  14.880  1.00 66.75 ? 19  ALA A C   1 
ATOM   65   O O   . ALA A 1 39  ? 11.186  -4.868  14.408  1.00 68.33 ? 19  ALA A O   1 
ATOM   66   C CB  . ALA A 1 39  ? 13.601  -7.293  14.124  1.00 64.59 ? 19  ALA A CB  1 
ATOM   67   N N   . ARG A 1 40  ? 10.965  -6.895  15.412  1.00 67.67 ? 20  ARG A N   1 
ATOM   68   C CA  . ARG A 1 40  ? 9.503   -6.944  15.271  1.00 68.06 ? 20  ARG A CA  1 
ATOM   69   C C   . ARG A 1 40  ? 8.807   -5.677  15.781  1.00 68.42 ? 20  ARG A C   1 
ATOM   70   O O   . ARG A 1 40  ? 7.935   -5.140  15.103  1.00 67.82 ? 20  ARG A O   1 
ATOM   71   C CB  . ARG A 1 40  ? 8.912   -8.175  15.990  1.00 68.22 ? 20  ARG A CB  1 
ATOM   72   C CG  . ARG A 1 40  ? 7.558   -8.648  15.353  1.00 69.32 ? 20  ARG A CG  1 
ATOM   73   C CD  . ARG A 1 40  ? 6.833   -9.842  16.037  1.00 67.98 ? 20  ARG A CD  1 
ATOM   74   N NE  . ARG A 1 40  ? 7.015   -11.112 15.345  1.00 64.52 ? 20  ARG A NE  1 
ATOM   75   C CZ  . ARG A 1 40  ? 8.058   -11.933 15.511  1.00 66.80 ? 20  ARG A CZ  1 
ATOM   76   N NH1 . ARG A 1 40  ? 9.041   -11.653 16.382  1.00 66.75 ? 20  ARG A NH1 1 
ATOM   77   N NH2 . ARG A 1 40  ? 8.122   -13.057 14.822  1.00 64.27 ? 20  ARG A NH2 1 
ATOM   78   N N   . GLN A 1 41  ? 9.193   -5.229  16.986  1.00 68.03 ? 21  GLN A N   1 
ATOM   79   C CA  . GLN A 1 41  ? 8.477   -4.145  17.654  1.00 68.63 ? 21  GLN A CA  1 
ATOM   80   C C   . GLN A 1 41  ? 8.633   -2.816  16.892  1.00 67.01 ? 21  GLN A C   1 
ATOM   81   O O   . GLN A 1 41  ? 7.700   -2.020  16.791  1.00 64.75 ? 21  GLN A O   1 
ATOM   82   C CB  . GLN A 1 41  ? 8.992   -3.976  19.082  1.00 69.32 ? 21  GLN A CB  1 
ATOM   83   C CG  . GLN A 1 41  ? 8.939   -5.225  19.999  1.00 70.72 ? 21  GLN A CG  1 
ATOM   84   C CD  . GLN A 1 41  ? 9.618   -4.970  21.351  1.00 73.49 ? 21  GLN A CD  1 
ATOM   85   O OE1 . GLN A 1 41  ? 9.993   -5.913  22.054  1.00 80.46 ? 21  GLN A OE1 1 
ATOM   86   N NE2 . GLN A 1 41  ? 9.801   -3.673  21.716  1.00 79.41 ? 21  GLN A NE2 1 
ATOM   87   N N   . HIS A 1 42  ? 9.836   -2.592  16.376  1.00 66.24 ? 22  HIS A N   1 
ATOM   88   C CA  . HIS A 1 42  ? 10.122  -1.423  15.560  1.00 65.71 ? 22  HIS A CA  1 
ATOM   89   C C   . HIS A 1 42  ? 9.417   -1.486  14.253  1.00 64.69 ? 22  HIS A C   1 
ATOM   90   O O   . HIS A 1 42  ? 8.800   -0.517  13.843  1.00 64.08 ? 22  HIS A O   1 
ATOM   91   C CB  . HIS A 1 42  ? 11.625  -1.304  15.262  1.00 66.09 ? 22  HIS A CB  1 
ATOM   92   C CG  . HIS A 1 42  ? 11.953  -0.212  14.281  1.00 67.75 ? 22  HIS A CG  1 
ATOM   93   N ND1 . HIS A 1 42  ? 12.102  1.111   14.662  1.00 70.50 ? 22  HIS A ND1 1 
ATOM   94   C CD2 . HIS A 1 42  ? 12.139  -0.241  12.937  1.00 68.18 ? 22  HIS A CD2 1 
ATOM   95   C CE1 . HIS A 1 42  ? 12.356  1.847   13.591  1.00 69.95 ? 22  HIS A CE1 1 
ATOM   96   N NE2 . HIS A 1 42  ? 12.394  1.051   12.533  1.00 68.91 ? 22  HIS A NE2 1 
ATOM   97   N N   . ASN A 1 43  ? 9.601   -2.600  13.542  1.00 63.61 ? 23  ASN A N   1 
ATOM   98   C CA  . ASN A 1 43  ? 8.885   -2.805  12.280  1.00 63.47 ? 23  ASN A CA  1 
ATOM   99   C C   . ASN A 1 43  ? 7.378   -2.505  12.355  1.00 62.94 ? 23  ASN A C   1 
ATOM   100  O O   . ASN A 1 43  ? 6.802   -1.927  11.442  1.00 62.55 ? 23  ASN A O   1 
ATOM   101  C CB  . ASN A 1 43  ? 9.135   -4.242  11.782  1.00 63.42 ? 23  ASN A CB  1 
ATOM   102  C CG  . ASN A 1 43  ? 10.607  -4.482  11.424  1.00 62.28 ? 23  ASN A CG  1 
ATOM   103  O OD1 . ASN A 1 43  ? 11.338  -3.511  11.268  1.00 60.00 ? 23  ASN A OD1 1 
ATOM   104  N ND2 . ASN A 1 43  ? 11.030  -5.750  11.271  1.00 59.63 ? 23  ASN A ND2 1 
ATOM   105  N N   . ARG A 1 44  ? 6.750   -2.937  13.437  1.00 62.50 ? 24  ARG A N   1 
ATOM   106  C CA  . ARG A 1 44  ? 5.333   -2.723  13.644  1.00 62.73 ? 24  ARG A CA  1 
ATOM   107  C C   . ARG A 1 44  ? 4.936   -1.240  13.644  1.00 61.74 ? 24  ARG A C   1 
ATOM   108  O O   . ARG A 1 44  ? 3.894   -0.819  13.029  1.00 60.48 ? 24  ARG A O   1 
ATOM   109  C CB  . ARG A 1 44  ? 4.935   -3.342  14.978  1.00 63.47 ? 24  ARG A CB  1 
ATOM   110  C CG  . ARG A 1 44  ? 3.466   -3.073  15.311  1.00 69.35 ? 24  ARG A CG  1 
ATOM   111  C CD  . ARG A 1 44  ? 2.839   -4.134  16.200  1.00 74.35 ? 24  ARG A CD  1 
ATOM   112  N NE  . ARG A 1 44  ? 1.390   -3.999  16.109  1.00 77.43 ? 24  ARG A NE  1 
ATOM   113  C CZ  . ARG A 1 44  ? 0.505   -4.979  16.265  1.00 80.75 ? 24  ARG A CZ  1 
ATOM   114  N NH1 . ARG A 1 44  ? 0.859   -6.247  16.511  1.00 79.62 ? 24  ARG A NH1 1 
ATOM   115  N NH2 . ARG A 1 44  ? -0.781  -4.672  16.163  1.00 84.63 ? 24  ARG A NH2 1 
ATOM   116  N N   . LYS A 1 45  ? 5.760   -0.461  14.353  1.00 60.37 ? 25  LYS A N   1 
ATOM   117  C CA  . LYS A 1 45  ? 5.620   0.991   14.414  1.00 60.20 ? 25  LYS A CA  1 
ATOM   118  C C   . LYS A 1 45  ? 5.663   1.621   13.058  1.00 57.98 ? 25  LYS A C   1 
ATOM   119  O O   . LYS A 1 45  ? 4.901   2.558   12.785  1.00 58.33 ? 25  LYS A O   1 
ATOM   120  C CB  . LYS A 1 45  ? 6.751   1.617   15.250  1.00 60.03 ? 25  LYS A CB  1 
ATOM   121  C CG  . LYS A 1 45  ? 6.711   1.278   16.716  1.00 61.61 ? 25  LYS A CG  1 
ATOM   122  C CD  . LYS A 1 45  ? 7.988   1.846   17.475  1.00 63.50 ? 25  LYS A CD  1 
ATOM   123  C CE  . LYS A 1 45  ? 8.128   1.408   18.994  1.00 65.86 ? 25  LYS A CE  1 
ATOM   124  N NZ  . LYS A 1 45  ? 9.204   0.337   19.390  1.00 68.33 ? 25  LYS A NZ  1 
ATOM   125  N N   . ILE A 1 46  ? 6.560   1.154   12.208  1.00 56.57 ? 26  ILE A N   1 
ATOM   126  C CA  . ILE A 1 46  ? 6.598   1.647   10.837  1.00 56.82 ? 26  ILE A CA  1 
ATOM   127  C C   . ILE A 1 46  ? 5.310   1.268   10.050  1.00 57.31 ? 26  ILE A C   1 
ATOM   128  O O   . ILE A 1 46  ? 4.745   2.111   9.317   1.00 57.33 ? 26  ILE A O   1 
ATOM   129  C CB  . ILE A 1 46  ? 7.844   1.130   10.075  1.00 56.67 ? 26  ILE A CB  1 
ATOM   130  C CG1 . ILE A 1 46  ? 9.154   1.562   10.792  1.00 56.59 ? 26  ILE A CG1 1 
ATOM   131  C CG2 . ILE A 1 46  ? 7.822   1.681   8.627   1.00 54.60 ? 26  ILE A CG2 1 
ATOM   132  C CD1 . ILE A 1 46  ? 9.212   3.048   11.093  1.00 56.43 ? 26  ILE A CD1 1 
ATOM   133  N N   . VAL A 1 47  ? 4.854   0.012   10.193  1.00 57.51 ? 27  VAL A N   1 
ATOM   134  C CA  . VAL A 1 47  ? 3.572   -0.430  9.554   1.00 58.04 ? 27  VAL A CA  1 
ATOM   135  C C   . VAL A 1 47  ? 2.461   0.526   9.984   1.00 59.20 ? 27  VAL A C   1 
ATOM   136  O O   . VAL A 1 47  ? 1.720   1.099   9.175   1.00 59.72 ? 27  VAL A O   1 
ATOM   137  C CB  . VAL A 1 47  ? 3.182   -1.853  9.914   1.00 58.16 ? 27  VAL A CB  1 
ATOM   138  C CG1 . VAL A 1 47  ? 1.818   -2.204  9.245   1.00 59.09 ? 27  VAL A CG1 1 
ATOM   139  C CG2 . VAL A 1 47  ? 4.268   -2.923  9.477   1.00 54.08 ? 27  VAL A CG2 1 
ATOM   140  N N   . GLU A 1 48  ? 2.427   0.791   11.281  1.00 60.47 ? 28  GLU A N   1 
ATOM   141  C CA  . GLU A 1 48  ? 1.401   1.652   11.826  1.00 60.32 ? 28  GLU A CA  1 
ATOM   142  C C   . GLU A 1 48  ? 1.475   3.035   11.222  1.00 58.51 ? 28  GLU A C   1 
ATOM   143  O O   . GLU A 1 48  ? 0.493   3.584   10.716  1.00 59.00 ? 28  GLU A O   1 
ATOM   144  C CB  . GLU A 1 48  ? 1.520   1.669   13.349  1.00 61.20 ? 28  GLU A CB  1 
ATOM   145  C CG  . GLU A 1 48  ? 0.665   0.568   13.985  1.00 65.97 ? 28  GLU A CG  1 
ATOM   146  C CD  . GLU A 1 48  ? 1.181   0.019   15.293  1.00 71.95 ? 28  GLU A CD  1 
ATOM   147  O OE1 . GLU A 1 48  ? 2.147   0.581   15.903  1.00 75.95 ? 28  GLU A OE1 1 
ATOM   148  O OE2 . GLU A 1 48  ? 0.585   -1.015  15.711  1.00 79.40 ? 28  GLU A OE2 1 
ATOM   149  N N   . GLN A 1 49  ? 2.682   3.564   11.208  1.00 57.65 ? 29  GLN A N   1 
ATOM   150  C CA  . GLN A 1 49  ? 2.940   4.847   10.658  0.70 56.72 ? 29  GLN A CA  1 
ATOM   151  C C   . GLN A 1 49  ? 2.528   4.858   9.198   1.00 56.84 ? 29  GLN A C   1 
ATOM   152  O O   . GLN A 1 49  ? 1.906   5.791   8.769   1.00 57.32 ? 29  GLN A O   1 
ATOM   153  C CB  . GLN A 1 49  ? 4.406   5.231   10.808  0.70 56.36 ? 29  GLN A CB  1 
ATOM   154  C CG  . GLN A 1 49  ? 4.595   6.619   10.330  0.70 56.12 ? 29  GLN A CG  1 
ATOM   155  C CD  . GLN A 1 49  ? 6.000   7.116   10.348  0.70 59.53 ? 29  GLN A CD  1 
ATOM   156  O OE1 . GLN A 1 49  ? 6.260   8.160   9.725   0.70 59.24 ? 29  GLN A OE1 1 
ATOM   157  N NE2 . GLN A 1 49  ? 6.921   6.412   11.055  0.70 52.92 ? 29  GLN A NE2 1 
ATOM   158  N N   . TYR A 1 50  ? 2.870   3.823   8.426   1.00 57.33 ? 30  TYR A N   1 
ATOM   159  C CA  . TYR A 1 50  ? 2.531   3.800   7.033   1.00 56.89 ? 30  TYR A CA  1 
ATOM   160  C C   . TYR A 1 50  ? 1.030   3.885   6.910   1.00 58.55 ? 30  TYR A C   1 
ATOM   161  O O   . TYR A 1 50  ? 0.475   4.718   6.158   1.00 58.56 ? 30  TYR A O   1 
ATOM   162  C CB  . TYR A 1 50  ? 3.037   2.528   6.393   1.00 56.91 ? 30  TYR A CB  1 
ATOM   163  C CG  . TYR A 1 50  ? 2.825   2.410   4.894   1.00 57.21 ? 30  TYR A CG  1 
ATOM   164  C CD1 . TYR A 1 50  ? 3.878   2.608   4.005   1.00 56.97 ? 30  TYR A CD1 1 
ATOM   165  C CD2 . TYR A 1 50  ? 1.579   2.066   4.370   1.00 56.87 ? 30  TYR A CD2 1 
ATOM   166  C CE1 . TYR A 1 50  ? 3.698   2.461   2.640   1.00 56.50 ? 30  TYR A CE1 1 
ATOM   167  C CE2 . TYR A 1 50  ? 1.371   1.932   3.034   1.00 57.26 ? 30  TYR A CE2 1 
ATOM   168  C CZ  . TYR A 1 50  ? 2.440   2.150   2.152   1.00 59.14 ? 30  TYR A CZ  1 
ATOM   169  O OH  . TYR A 1 50  ? 2.257   2.035   0.779   1.00 59.86 ? 30  TYR A OH  1 
ATOM   170  N N   . MET A 1 51  ? 0.353   3.037   7.681   1.00 58.73 ? 31  MET A N   1 
ATOM   171  C CA  . MET A 1 51  ? -1.123  2.942   7.555   1.00 59.41 ? 31  MET A CA  1 
ATOM   172  C C   . MET A 1 51  ? -1.889  4.209   7.954   1.00 59.35 ? 31  MET A C   1 
ATOM   173  O O   . MET A 1 51  ? -3.029  4.441   7.489   1.00 58.70 ? 31  MET A O   1 
ATOM   174  C CB  . MET A 1 51  ? -1.689  1.706   8.267   1.00 59.42 ? 31  MET A CB  1 
ATOM   175  C CG  . MET A 1 51  ? -1.166  0.345   7.779   1.00 59.30 ? 31  MET A CG  1 
ATOM   176  S SD  . MET A 1 51  ? -1.248  -0.003  5.983   1.00 59.63 ? 31  MET A SD  1 
ATOM   177  C CE  . MET A 1 51  ? -3.014  0.302   5.711   1.00 59.26 ? 31  MET A CE  1 
ATOM   178  N N   . HIS A 1 52  ? -1.268  5.042   8.763   1.00 59.19 ? 32  HIS A N   1 
ATOM   179  C CA  . HIS A 1 52  ? -1.941  6.236   9.219   1.00 60.57 ? 32  HIS A CA  1 
ATOM   180  C C   . HIS A 1 52  ? -1.503  7.446   8.459   1.00 59.61 ? 32  HIS A C   1 
ATOM   181  O O   . HIS A 1 52  ? -2.047  8.505   8.688   1.00 59.73 ? 32  HIS A O   1 
ATOM   182  C CB  . HIS A 1 52  ? -1.862  6.381   10.746  1.00 61.68 ? 32  HIS A CB  1 
ATOM   183  C CG  . HIS A 1 52  ? -2.704  5.341   11.448  1.00 67.06 ? 32  HIS A CG  1 
ATOM   184  N ND1 . HIS A 1 52  ? -4.091  5.417   11.509  1.00 69.87 ? 32  HIS A ND1 1 
ATOM   185  C CD2 . HIS A 1 52  ? -2.375  4.131   11.972  1.00 68.86 ? 32  HIS A CD2 1 
ATOM   186  C CE1 . HIS A 1 52  ? -4.556  4.336   12.114  1.00 70.27 ? 32  HIS A CE1 1 
ATOM   187  N NE2 . HIS A 1 52  ? -3.540  3.539   12.400  1.00 67.46 ? 32  HIS A NE2 1 
ATOM   188  N N   . THR A 1 53  ? -0.607  7.283   7.480   1.00 58.99 ? 33  THR A N   1 
ATOM   189  C CA  . THR A 1 53  ? -0.190  8.433   6.674   1.00 58.29 ? 33  THR A CA  1 
ATOM   190  C C   . THR A 1 53  ? -1.295  8.983   5.751   1.00 57.80 ? 33  THR A C   1 
ATOM   191  O O   . THR A 1 53  ? -1.784  8.276   4.875   1.00 57.65 ? 33  THR A O   1 
ATOM   192  C CB  . THR A 1 53  ? 1.071   8.137   5.893   1.00 58.70 ? 33  THR A CB  1 
ATOM   193  O OG1 . THR A 1 53  ? 2.097   7.714   6.802   1.00 58.26 ? 33  THR A OG1 1 
ATOM   194  C CG2 . THR A 1 53  ? 1.494   9.340   5.146   1.00 56.12 ? 33  THR A CG2 1 
ATOM   195  N N   . ARG A 1 54  ? -1.712  10.215  6.011   1.00 57.63 ? 34  ARG A N   1 
ATOM   196  C CA  . ARG A 1 54  ? -2.695  10.930  5.198   1.00 58.82 ? 34  ARG A CA  1 
ATOM   197  C C   . ARG A 1 54  ? -2.298  12.331  4.813   1.00 57.75 ? 34  ARG A C   1 
ATOM   198  O O   . ARG A 1 54  ? -1.414  12.919  5.410   1.00 57.91 ? 34  ARG A O   1 
ATOM   199  C CB  . ARG A 1 54  ? -3.942  11.189  5.999   1.00 60.06 ? 34  ARG A CB  1 
ATOM   200  C CG  . ARG A 1 54  ? -4.380  10.056  6.750   1.00 63.21 ? 34  ARG A CG  1 
ATOM   201  C CD  . ARG A 1 54  ? -5.813  10.367  7.271   1.00 65.84 ? 34  ARG A CD  1 
ATOM   202  N NE  . ARG A 1 54  ? -6.376  9.100   7.727   1.00 66.96 ? 34  ARG A NE  1 
ATOM   203  C CZ  . ARG A 1 54  ? -7.363  8.974   8.604   1.00 69.00 ? 34  ARG A CZ  1 
ATOM   204  N NH1 . ARG A 1 54  ? -7.936  10.049  9.166   1.00 67.52 ? 34  ARG A NH1 1 
ATOM   205  N NH2 . ARG A 1 54  ? -7.746  7.744   8.918   1.00 68.29 ? 34  ARG A NH2 1 
ATOM   206  N N   . GLY A 1 55  ? -3.039  12.898  3.857   1.00 57.44 ? 35  GLY A N   1 
ATOM   207  C CA  . GLY A 1 55  ? -2.834  14.268  3.453   1.00 57.09 ? 35  GLY A CA  1 
ATOM   208  C C   . GLY A 1 55  ? -1.478  14.481  2.864   1.00 56.87 ? 35  GLY A C   1 
ATOM   209  O O   . GLY A 1 55  ? -0.895  13.569  2.278   1.00 58.59 ? 35  GLY A O   1 
ATOM   210  N N   . GLU A 1 56  ? -0.949  15.683  3.042   1.00 56.89 ? 36  GLU A N   1 
ATOM   211  C CA  . GLU A 1 56  ? 0.372   16.000  2.541   1.00 56.64 ? 36  GLU A CA  1 
ATOM   212  C C   . GLU A 1 56  ? 1.469   15.168  3.139   1.00 56.57 ? 36  GLU A C   1 
ATOM   213  O O   . GLU A 1 56  ? 2.503   15.075  2.545   1.00 60.18 ? 36  GLU A O   1 
ATOM   214  C CB  . GLU A 1 56  ? 0.696   17.452  2.772   1.00 56.65 ? 36  GLU A CB  1 
ATOM   215  C CG  . GLU A 1 56  ? -0.272  18.444  2.123   1.00 58.13 ? 36  GLU A CG  1 
ATOM   216  C CD  . GLU A 1 56  ? -0.325  18.336  0.609   1.00 59.61 ? 36  GLU A CD  1 
ATOM   217  O OE1 . GLU A 1 56  ? -1.311  17.786  0.066   1.00 58.40 ? 36  GLU A OE1 1 
ATOM   218  O OE2 . GLU A 1 56  ? 0.629   18.795  -0.032  1.00 64.09 ? 36  GLU A OE2 1 
ATOM   219  N N   . ALA A 1 57  ? 1.302   14.575  4.306   1.00 56.40 ? 37  ALA A N   1 
ATOM   220  C CA  . ALA A 1 57  ? 2.324   13.664  4.866   1.00 55.36 ? 37  ALA A CA  1 
ATOM   221  C C   . ALA A 1 57  ? 2.634   12.507  3.900   1.00 55.54 ? 37  ALA A C   1 
ATOM   222  O O   . ALA A 1 57  ? 3.726   11.913  3.935   1.00 55.05 ? 37  ALA A O   1 
ATOM   223  C CB  . ALA A 1 57  ? 1.844   13.102  6.172   1.00 54.69 ? 37  ALA A CB  1 
ATOM   224  N N   . ARG A 1 58  ? 1.665   12.205  3.046   1.00 54.97 ? 38  ARG A N   1 
ATOM   225  C CA  . ARG A 1 58  ? 1.815   11.187  2.052   1.00 56.60 ? 38  ARG A CA  1 
ATOM   226  C C   . ARG A 1 58  ? 3.062   11.414  1.166   1.00 57.56 ? 38  ARG A C   1 
ATOM   227  O O   . ARG A 1 58  ? 3.694   10.459  0.692   1.00 58.58 ? 38  ARG A O   1 
ATOM   228  C CB  . ARG A 1 58  ? 0.492   11.079  1.263   1.00 56.66 ? 38  ARG A CB  1 
ATOM   229  C CG  . ARG A 1 58  ? -0.587  10.331  2.014   1.00 56.76 ? 38  ARG A CG  1 
ATOM   230  C CD  . ARG A 1 58  ? -2.004  10.452  1.442   1.00 57.59 ? 38  ARG A CD  1 
ATOM   231  N NE  . ARG A 1 58  ? -2.083  10.037  0.044   1.00 58.37 ? 38  ARG A NE  1 
ATOM   232  C CZ  . ARG A 1 58  ? -3.094  10.288  -0.773  1.00 57.15 ? 38  ARG A CZ  1 
ATOM   233  N NH1 . ARG A 1 58  ? -4.105  11.001  -0.372  1.00 58.91 ? 38  ARG A NH1 1 
ATOM   234  N NH2 . ARG A 1 58  ? -3.054  9.871   -2.026  1.00 59.59 ? 38  ARG A NH2 1 
ATOM   235  N N   . LEU A 1 59  ? 3.466   12.662  1.002   1.00 58.53 ? 39  LEU A N   1 
ATOM   236  C CA  . LEU A 1 59  ? 4.642   12.994  0.192   1.00 59.44 ? 39  LEU A CA  1 
ATOM   237  C C   . LEU A 1 59  ? 5.988   12.565  0.798   1.00 60.30 ? 39  LEU A C   1 
ATOM   238  O O   . LEU A 1 59  ? 7.009   12.655  0.120   1.00 60.26 ? 39  LEU A O   1 
ATOM   239  C CB  . LEU A 1 59  ? 4.699   14.500  -0.048  1.00 59.15 ? 39  LEU A CB  1 
ATOM   240  C CG  . LEU A 1 59  ? 3.551   15.144  -0.827  1.00 60.40 ? 39  LEU A CG  1 
ATOM   241  C CD1 . LEU A 1 59  ? 3.713   16.641  -0.849  1.00 56.34 ? 39  LEU A CD1 1 
ATOM   242  C CD2 . LEU A 1 59  ? 3.527   14.611  -2.264  1.00 64.19 ? 39  LEU A CD2 1 
ATOM   243  N N   . LYS A 1 60  ? 5.999   12.155  2.069   1.00 61.33 ? 40  LYS A N   1 
ATOM   244  C CA  . LYS A 1 60  ? 7.234   11.714  2.754   1.00 61.97 ? 40  LYS A CA  1 
ATOM   245  C C   . LYS A 1 60  ? 7.206   10.253  3.228   1.00 62.18 ? 40  LYS A C   1 
ATOM   246  O O   . LYS A 1 60  ? 8.038   9.819   4.044   1.00 62.84 ? 40  LYS A O   1 
ATOM   247  C CB  . LYS A 1 60  ? 7.514   12.659  3.925   1.00 63.11 ? 40  LYS A CB  1 
ATOM   248  C CG  . LYS A 1 60  ? 7.878   14.038  3.423   1.00 64.69 ? 40  LYS A CG  1 
ATOM   249  C CD  . LYS A 1 60  ? 8.410   14.963  4.493   1.00 68.30 ? 40  LYS A CD  1 
ATOM   250  C CE  . LYS A 1 60  ? 8.678   16.383  3.919   1.00 68.06 ? 40  LYS A CE  1 
ATOM   251  N NZ  . LYS A 1 60  ? 8.335   17.477  4.882   1.00 71.19 ? 40  LYS A NZ  1 
ATOM   252  N N   . ARG A 1 61  ? 6.251   9.482   2.722   1.00 61.88 ? 41  ARG A N   1 
ATOM   253  C CA  . ARG A 1 61  ? 6.043   8.114   3.208   1.00 61.51 ? 41  ARG A CA  1 
ATOM   254  C C   . ARG A 1 61  ? 7.104   7.180   2.642   1.00 60.75 ? 41  ARG A C   1 
ATOM   255  O O   . ARG A 1 61  ? 7.453   6.164   3.249   1.00 59.80 ? 41  ARG A O   1 
ATOM   256  C CB  . ARG A 1 61  ? 4.657   7.646   2.805   1.00 60.75 ? 41  ARG A CB  1 
ATOM   257  C CG  . ARG A 1 61  ? 4.257   6.307   3.424   1.00 62.70 ? 41  ARG A CG  1 
ATOM   258  C CD  . ARG A 1 61  ? 2.826   5.932   3.055   1.00 61.60 ? 41  ARG A CD  1 
ATOM   259  N NE  . ARG A 1 61  ? 2.804   5.532   1.667   1.00 63.75 ? 41  ARG A NE  1 
ATOM   260  C CZ  . ARG A 1 61  ? 1.697   5.405   0.940   1.00 65.67 ? 41  ARG A CZ  1 
ATOM   261  N NH1 . ARG A 1 61  ? 0.528   5.632   1.487   1.00 66.47 ? 41  ARG A NH1 1 
ATOM   262  N NH2 . ARG A 1 61  ? 1.770   4.997   -0.330  1.00 62.92 ? 41  ARG A NH2 1 
ATOM   263  N N   . HIS A 1 62  ? 7.587   7.544   1.451   1.00 60.84 ? 42  HIS A N   1 
ATOM   264  C CA  . HIS A 1 62  ? 8.783   6.955   0.830   1.00 60.51 ? 42  HIS A CA  1 
ATOM   265  C C   . HIS A 1 62  ? 10.022  6.883   1.727   1.00 60.22 ? 42  HIS A C   1 
ATOM   266  O O   . HIS A 1 62  ? 10.836  5.967   1.611   1.00 60.46 ? 42  HIS A O   1 
ATOM   267  C CB  . HIS A 1 62  ? 9.133   7.724   -0.443  1.00 60.37 ? 42  HIS A CB  1 
ATOM   268  C CG  . HIS A 1 62  ? 9.641   9.111   -0.194  1.00 60.97 ? 42  HIS A CG  1 
ATOM   269  N ND1 . HIS A 1 62  ? 8.819   10.218  -0.174  1.00 57.91 ? 42  HIS A ND1 1 
ATOM   270  C CD2 . HIS A 1 62  ? 10.905  9.567   0.015   1.00 60.66 ? 42  HIS A CD2 1 
ATOM   271  C CE1 . HIS A 1 62  ? 9.555   11.290  0.062   1.00 59.42 ? 42  HIS A CE1 1 
ATOM   272  N NE2 . HIS A 1 62  ? 10.819  10.920  0.186   1.00 59.11 ? 42  HIS A NE2 1 
ATOM   273  N N   . LEU A 1 63  ? 10.174  7.842   2.620   1.00 60.15 ? 43  LEU A N   1 
ATOM   274  C CA  . LEU A 1 63  ? 11.282  7.833   3.569   1.00 59.86 ? 43  LEU A CA  1 
ATOM   275  C C   . LEU A 1 63  ? 11.248  6.615   4.499   1.00 59.95 ? 43  LEU A C   1 
ATOM   276  O O   . LEU A 1 63  ? 12.172  6.387   5.260   1.00 59.40 ? 43  LEU A O   1 
ATOM   277  C CB  . LEU A 1 63  ? 11.235  9.106   4.415   1.00 59.61 ? 43  LEU A CB  1 
ATOM   278  C CG  . LEU A 1 63  ? 11.667  10.382  3.709   1.00 59.87 ? 43  LEU A CG  1 
ATOM   279  C CD1 . LEU A 1 63  ? 11.324  11.609  4.577   1.00 56.05 ? 43  LEU A CD1 1 
ATOM   280  C CD2 . LEU A 1 63  ? 13.205  10.331  3.371   1.00 59.52 ? 43  LEU A CD2 1 
ATOM   281  N N   . LEU A 1 64  ? 10.137  5.868   4.491   1.00 60.49 ? 44  LEU A N   1 
ATOM   282  C CA  . LEU A 1 64  ? 10.019  4.660   5.317   1.00 60.24 ? 44  LEU A CA  1 
ATOM   283  C C   . LEU A 1 64  ? 10.621  3.436   4.602   1.00 60.56 ? 44  LEU A C   1 
ATOM   284  O O   . LEU A 1 64  ? 10.793  2.395   5.226   1.00 60.77 ? 44  LEU A O   1 
ATOM   285  C CB  . LEU A 1 64  ? 8.550   4.387   5.680   1.00 59.84 ? 44  LEU A CB  1 
ATOM   286  C CG  . LEU A 1 64  ? 7.776   5.373   6.542   1.00 59.05 ? 44  LEU A CG  1 
ATOM   287  C CD1 . LEU A 1 64  ? 6.354   4.914   6.718   1.00 53.32 ? 44  LEU A CD1 1 
ATOM   288  C CD2 . LEU A 1 64  ? 8.465   5.507   7.877   1.00 57.88 ? 44  LEU A CD2 1 
ATOM   289  N N   . PHE A 1 65  ? 10.948  3.559   3.314   1.00 60.20 ? 45  PHE A N   1 
ATOM   290  C CA  . PHE A 1 65  ? 11.548  2.456   2.582   1.00 60.42 ? 45  PHE A CA  1 
ATOM   291  C C   . PHE A 1 65  ? 13.084  2.464   2.675   1.00 61.35 ? 45  PHE A C   1 
ATOM   292  O O   . PHE A 1 65  ? 13.704  3.382   3.212   1.00 62.01 ? 45  PHE A O   1 
ATOM   293  C CB  . PHE A 1 65  ? 11.098  2.466   1.101   1.00 59.60 ? 45  PHE A CB  1 
ATOM   294  C CG  . PHE A 1 65  ? 9.643   2.125   0.900   1.00 58.49 ? 45  PHE A CG  1 
ATOM   295  C CD1 . PHE A 1 65  ? 9.262   0.942   0.277   1.00 56.28 ? 45  PHE A CD1 1 
ATOM   296  C CD2 . PHE A 1 65  ? 8.647   2.981   1.334   1.00 57.37 ? 45  PHE A CD2 1 
ATOM   297  C CE1 . PHE A 1 65  ? 7.928   0.627   0.117   1.00 57.56 ? 45  PHE A CE1 1 
ATOM   298  C CE2 . PHE A 1 65  ? 7.293   2.666   1.140   1.00 56.27 ? 45  PHE A CE2 1 
ATOM   299  C CZ  . PHE A 1 65  ? 6.933   1.501   0.547   1.00 54.41 ? 45  PHE A CZ  1 
ATOM   300  N N   . THR A 1 66  ? 13.682  1.375   2.193   1.00 62.25 ? 46  THR A N   1 
ATOM   301  C CA  . THR A 1 66  ? 15.086  1.342   1.864   1.00 62.11 ? 46  THR A CA  1 
ATOM   302  C C   . THR A 1 66  ? 15.197  2.087   0.546   1.00 62.90 ? 46  THR A C   1 
ATOM   303  O O   . THR A 1 66  ? 14.200  2.301   -0.172  1.00 62.45 ? 46  THR A O   1 
ATOM   304  C CB  . THR A 1 66  ? 15.623  -0.096  1.735   1.00 61.90 ? 46  THR A CB  1 
ATOM   305  O OG1 . THR A 1 66  ? 15.015  -0.737  0.612   1.00 61.39 ? 46  THR A OG1 1 
ATOM   306  C CG2 . THR A 1 66  ? 15.329  -0.886  3.002   1.00 60.24 ? 46  THR A CG2 1 
ATOM   307  N N   . GLU A 1 67  ? 16.419  2.505   0.268   1.00 62.99 ? 47  GLU A N   1 
ATOM   308  C CA  . GLU A 1 67  ? 16.779  3.194   -0.953  1.00 63.82 ? 47  GLU A CA  1 
ATOM   309  C C   . GLU A 1 67  ? 16.298  2.426   -2.167  1.00 63.02 ? 47  GLU A C   1 
ATOM   310  O O   . GLU A 1 67  ? 15.587  2.967   -3.043  1.00 62.27 ? 47  GLU A O   1 
ATOM   311  C CB  . GLU A 1 67  ? 18.319  3.402   -0.992  1.00 65.03 ? 47  GLU A CB  1 
ATOM   312  C CG  . GLU A 1 67  ? 19.149  2.388   -0.105  1.00 68.83 ? 47  GLU A CG  1 
ATOM   313  C CD  . GLU A 1 67  ? 18.784  2.414   1.419   1.00 73.50 ? 47  GLU A CD  1 
ATOM   314  O OE1 . GLU A 1 67  ? 18.607  1.299   2.004   1.00 74.36 ? 47  GLU A OE1 1 
ATOM   315  O OE2 . GLU A 1 67  ? 18.667  3.544   2.004   1.00 75.81 ? 47  GLU A OE2 1 
ATOM   316  N N   . ASP A 1 68  ? 16.661  1.146   -2.158  1.00 62.63 ? 48  ASP A N   1 
ATOM   317  C CA  . ASP A 1 68  ? 16.354  0.186   -3.206  1.00 63.35 ? 48  ASP A CA  1 
ATOM   318  C C   . ASP A 1 68  ? 14.895  -0.335  -3.205  1.00 63.08 ? 48  ASP A C   1 
ATOM   319  O O   . ASP A 1 68  ? 14.551  -1.258  -3.990  1.00 62.70 ? 48  ASP A O   1 
ATOM   320  C CB  . ASP A 1 68  ? 17.271  -1.029  -2.972  1.00 64.54 ? 48  ASP A CB  1 
ATOM   321  C CG  . ASP A 1 68  ? 17.353  -1.442  -1.457  1.00 67.72 ? 48  ASP A CG  1 
ATOM   322  O OD1 . ASP A 1 68  ? 16.443  -2.143  -0.938  1.00 69.63 ? 48  ASP A OD1 1 
ATOM   323  O OD2 . ASP A 1 68  ? 18.344  -1.033  -0.785  1.00 71.40 ? 48  ASP A OD2 1 
ATOM   324  N N   . GLY A 1 69  ? 14.069  0.246   -2.334  1.00 61.77 ? 49  GLY A N   1 
ATOM   325  C CA  . GLY A 1 69  ? 12.821  -0.336  -1.937  1.00 62.13 ? 49  GLY A CA  1 
ATOM   326  C C   . GLY A 1 69  ? 11.733  -0.301  -2.987  1.00 62.03 ? 49  GLY A C   1 
ATOM   327  O O   . GLY A 1 69  ? 11.729  0.549   -3.848  1.00 62.20 ? 49  GLY A O   1 
ATOM   328  N N   . VAL A 1 70  ? 10.796  -1.243  -2.893  1.00 62.19 ? 50  VAL A N   1 
ATOM   329  C CA  . VAL A 1 70  ? 9.757   -1.431  -3.906  1.00 61.52 ? 50  VAL A CA  1 
ATOM   330  C C   . VAL A 1 70  ? 8.398   -1.356  -3.206  1.00 61.24 ? 50  VAL A C   1 
ATOM   331  O O   . VAL A 1 70  ? 8.207   -1.887  -2.122  1.00 61.08 ? 50  VAL A O   1 
ATOM   332  C CB  . VAL A 1 70  ? 9.960   -2.813  -4.681  1.00 61.85 ? 50  VAL A CB  1 
ATOM   333  C CG1 . VAL A 1 70  ? 8.952   -2.996  -5.879  1.00 59.72 ? 50  VAL A CG1 1 
ATOM   334  C CG2 . VAL A 1 70  ? 11.402  -2.943  -5.137  1.00 61.65 ? 50  VAL A CG2 1 
ATOM   335  N N   . GLY A 1 71  ? 7.477   -0.643  -3.827  1.00 61.27 ? 51  GLY A N   1 
ATOM   336  C CA  . GLY A 1 71  ? 6.112   -0.567  -3.392  1.00 61.29 ? 51  GLY A CA  1 
ATOM   337  C C   . GLY A 1 71  ? 5.259   -0.763  -4.622  1.00 62.21 ? 51  GLY A C   1 
ATOM   338  O O   . GLY A 1 71  ? 5.702   -0.605  -5.711  1.00 63.59 ? 51  GLY A O   1 
ATOM   339  N N   . GLY A 1 72  ? 4.017   -1.146  -4.472  1.00 63.88 ? 52  GLY A N   1 
ATOM   340  C CA  . GLY A 1 72  ? 3.126   -1.135  -5.621  1.00 64.45 ? 52  GLY A CA  1 
ATOM   341  C C   . GLY A 1 72  ? 1.896   -2.010  -5.474  1.00 64.46 ? 52  GLY A C   1 
ATOM   342  O O   . GLY A 1 72  ? 1.647   -2.558  -4.400  1.00 62.62 ? 52  GLY A O   1 
ATOM   343  N N   . LEU A 1 73  ? 1.195   -2.142  -6.607  1.00 64.45 ? 53  LEU A N   1 
ATOM   344  C CA  . LEU A 1 73  ? -0.071  -2.799  -6.736  1.00 64.60 ? 53  LEU A CA  1 
ATOM   345  C C   . LEU A 1 73  ? 0.134   -4.109  -7.486  1.00 64.81 ? 53  LEU A C   1 
ATOM   346  O O   . LEU A 1 73  ? 0.497   -4.118  -8.675  1.00 61.65 ? 53  LEU A O   1 
ATOM   347  C CB  . LEU A 1 73  ? -0.996  -1.920  -7.559  1.00 65.52 ? 53  LEU A CB  1 
ATOM   348  C CG  . LEU A 1 73  ? -2.402  -2.509  -7.771  1.00 67.95 ? 53  LEU A CG  1 
ATOM   349  C CD1 . LEU A 1 73  ? -3.063  -2.923  -6.367  1.00 62.75 ? 53  LEU A CD1 1 
ATOM   350  C CD2 . LEU A 1 73  ? -3.338  -1.571  -8.633  1.00 64.84 ? 53  LEU A CD2 1 
ATOM   351  N N   . TRP A 1 74  ? -0.114  -5.219  -6.771  1.00 63.55 ? 54  TRP A N   1 
ATOM   352  C CA  . TRP A 1 74  ? 0.078   -6.553  -7.290  1.00 62.74 ? 54  TRP A CA  1 
ATOM   353  C C   . TRP A 1 74  ? -1.154  -7.111  -7.979  1.00 62.06 ? 54  TRP A C   1 
ATOM   354  O O   . TRP A 1 74  ? -1.055  -8.108  -8.654  1.00 62.50 ? 54  TRP A O   1 
ATOM   355  C CB  . TRP A 1 74  ? 0.523   -7.473  -6.137  1.00 64.08 ? 54  TRP A CB  1 
ATOM   356  C CG  . TRP A 1 74  ? 1.922   -7.750  -6.258  1.00 65.37 ? 54  TRP A CG  1 
ATOM   357  C CD1 . TRP A 1 74  ? 2.470   -8.937  -6.543  1.00 67.45 ? 54  TRP A CD1 1 
ATOM   358  C CD2 . TRP A 1 74  ? 2.999   -6.800  -6.193  1.00 67.31 ? 54  TRP A CD2 1 
ATOM   359  N NE1 . TRP A 1 74  ? 3.836   -8.817  -6.658  1.00 67.81 ? 54  TRP A NE1 1 
ATOM   360  C CE2 . TRP A 1 74  ? 4.201   -7.525  -6.451  1.00 66.20 ? 54  TRP A CE2 1 
ATOM   361  C CE3 . TRP A 1 74  ? 3.070   -5.408  -5.944  1.00 67.71 ? 54  TRP A CE3 1 
ATOM   362  C CZ2 . TRP A 1 74  ? 5.486   -6.933  -6.434  1.00 64.63 ? 54  TRP A CZ2 1 
ATOM   363  C CZ3 . TRP A 1 74  ? 4.339   -4.785  -5.959  1.00 66.41 ? 54  TRP A CZ3 1 
ATOM   364  C CH2 . TRP A 1 74  ? 5.545   -5.565  -6.201  1.00 66.77 ? 54  TRP A CH2 1 
ATOM   365  N N   . THR A 1 75  ? -2.322  -6.485  -7.834  1.00 62.21 ? 55  THR A N   1 
ATOM   366  C CA  . THR A 1 75  ? -3.562  -6.978  -8.486  1.00 62.18 ? 55  THR A CA  1 
ATOM   367  C C   . THR A 1 75  ? -4.041  -5.948  -9.502  1.00 63.44 ? 55  THR A C   1 
ATOM   368  O O   . THR A 1 75  ? -4.625  -4.946  -9.116  1.00 62.97 ? 55  THR A O   1 
ATOM   369  C CB  . THR A 1 75  ? -4.661  -7.278  -7.412  1.00 61.40 ? 55  THR A CB  1 
ATOM   370  O OG1 . THR A 1 75  ? -4.755  -6.179  -6.513  1.00 64.58 ? 55  THR A OG1 1 
ATOM   371  C CG2 . THR A 1 75  ? -4.319  -8.504  -6.578  1.00 56.74 ? 55  THR A CG2 1 
ATOM   372  N N   . THR A 1 76  ? -3.806  -6.189  -10.796 1.00 64.65 ? 56  THR A N   1 
ATOM   373  C CA  . THR A 1 76  ? -4.100  -5.196  -11.819 1.00 65.57 ? 56  THR A CA  1 
ATOM   374  C C   . THR A 1 76  ? -4.994  -5.740  -12.914 1.00 66.45 ? 56  THR A C   1 
ATOM   375  O O   . THR A 1 76  ? -5.152  -6.937  -13.047 1.00 66.40 ? 56  THR A O   1 
ATOM   376  C CB  . THR A 1 76  ? -2.808  -4.687  -12.485 1.00 66.14 ? 56  THR A CB  1 
ATOM   377  O OG1 . THR A 1 76  ? -2.131  -5.779  -13.144 1.00 64.52 ? 56  THR A OG1 1 
ATOM   378  C CG2 . THR A 1 76  ? -1.874  -3.999  -11.464 1.00 64.22 ? 56  THR A CG2 1 
ATOM   379  N N   . ASP A 1 77  ? -5.554  -4.866  -13.740 1.00 68.62 ? 57  ASP A N   1 
ATOM   380  C CA  . ASP A 1 77  ? -6.326  -5.401  -14.869 1.00 70.23 ? 57  ASP A CA  1 
ATOM   381  C C   . ASP A 1 77  ? -5.439  -6.176  -15.818 1.00 71.06 ? 57  ASP A C   1 
ATOM   382  O O   . ASP A 1 77  ? -5.887  -7.158  -16.385 1.00 71.41 ? 57  ASP A O   1 
ATOM   383  C CB  . ASP A 1 77  ? -7.177  -4.358  -15.625 1.00 71.38 ? 57  ASP A CB  1 
ATOM   384  C CG  . ASP A 1 77  ? -6.373  -3.249  -16.212 1.00 72.80 ? 57  ASP A CG  1 
ATOM   385  O OD1 . ASP A 1 77  ? -6.592  -2.979  -17.413 1.00 77.69 ? 57  ASP A OD1 1 
ATOM   386  O OD2 . ASP A 1 77  ? -5.534  -2.664  -15.481 1.00 75.57 ? 57  ASP A OD2 1 
ATOM   387  N N   . SER A 1 78  ? -4.189  -5.741  -15.979 1.00 72.35 ? 58  SER A N   1 
ATOM   388  C CA  . SER A 1 78  ? -3.211  -6.370  -16.902 1.00 73.08 ? 58  SER A CA  1 
ATOM   389  C C   . SER A 1 78  ? -2.662  -7.719  -16.416 1.00 73.13 ? 58  SER A C   1 
ATOM   390  O O   . SER A 1 78  ? -2.044  -8.441  -17.176 1.00 72.86 ? 58  SER A O   1 
ATOM   391  C CB  . SER A 1 78  ? -2.009  -5.433  -17.104 1.00 73.31 ? 58  SER A CB  1 
ATOM   392  O OG  . SER A 1 78  ? -1.346  -5.174  -15.854 1.00 75.22 ? 58  SER A OG  1 
ATOM   393  N N   . GLY A 1 79  ? -2.848  -8.036  -15.141 1.00 74.01 ? 59  GLY A N   1 
ATOM   394  C CA  . GLY A 1 79  ? -2.292  -9.264  -14.579 1.00 74.23 ? 59  GLY A CA  1 
ATOM   395  C C   . GLY A 1 79  ? -0.830  -9.164  -14.157 1.00 74.37 ? 59  GLY A C   1 
ATOM   396  O O   . GLY A 1 79  ? -0.340  -10.061 -13.459 1.00 74.42 ? 59  GLY A O   1 
ATOM   397  N N   . GLN A 1 80  ? -0.132  -8.094  -14.563 1.00 74.40 ? 60  GLN A N   1 
ATOM   398  C CA  . GLN A 1 80  ? 1.217   -7.815  -14.042 1.00 74.54 ? 60  GLN A CA  1 
ATOM   399  C C   . GLN A 1 80  ? 1.181   -6.780  -12.919 1.00 73.33 ? 60  GLN A C   1 
ATOM   400  O O   . GLN A 1 80  ? 0.327   -5.897  -12.906 1.00 71.83 ? 60  GLN A O   1 
ATOM   401  C CB  . GLN A 1 80  ? 2.176   -7.308  -15.129 1.00 75.21 ? 60  GLN A CB  1 
ATOM   402  C CG  . GLN A 1 80  ? 2.315   -8.171  -16.403 1.00 78.50 ? 60  GLN A CG  1 
ATOM   403  C CD  . GLN A 1 80  ? 2.294   -9.672  -16.149 1.00 83.10 ? 60  GLN A CD  1 
ATOM   404  O OE1 . GLN A 1 80  ? 2.849   -10.183 -15.147 1.00 86.77 ? 60  GLN A OE1 1 
ATOM   405  N NE2 . GLN A 1 80  ? 1.652   -10.403 -17.073 1.00 85.47 ? 60  GLN A NE2 1 
ATOM   406  N N   . PRO A 1 81  ? 2.081   -6.918  -11.937 1.00 72.98 ? 61  PRO A N   1 
ATOM   407  C CA  . PRO A 1 81  ? 2.220   -5.855  -10.927 1.00 72.86 ? 61  PRO A CA  1 
ATOM   408  C C   . PRO A 1 81  ? 2.734   -4.523  -11.444 1.00 72.51 ? 61  PRO A C   1 
ATOM   409  O O   . PRO A 1 81  ? 3.702   -4.498  -12.212 1.00 73.51 ? 61  PRO A O   1 
ATOM   410  C CB  . PRO A 1 81  ? 3.215   -6.459  -9.909  1.00 72.38 ? 61  PRO A CB  1 
ATOM   411  C CG  . PRO A 1 81  ? 3.125   -7.918  -10.090 1.00 72.99 ? 61  PRO A CG  1 
ATOM   412  C CD  . PRO A 1 81  ? 2.910   -8.092  -11.601 1.00 72.61 ? 61  PRO A CD  1 
ATOM   413  N N   . ILE A 1 82  ? 2.095   -3.428  -11.023 1.00 72.47 ? 62  ILE A N   1 
ATOM   414  C CA  . ILE A 1 82  ? 2.660   -2.097  -11.211 1.00 72.38 ? 62  ILE A CA  1 
ATOM   415  C C   . ILE A 1 82  ? 3.523   -1.740  -10.004 1.00 71.48 ? 62  ILE A C   1 
ATOM   416  O O   . ILE A 1 82  ? 3.042   -1.245  -9.031  1.00 71.15 ? 62  ILE A O   1 
ATOM   417  C CB  . ILE A 1 82  ? 1.563   -1.028  -11.410 1.00 73.61 ? 62  ILE A CB  1 
ATOM   418  C CG1 . ILE A 1 82  ? 0.663   -1.365  -12.635 1.00 73.35 ? 62  ILE A CG1 1 
ATOM   419  C CG2 . ILE A 1 82  ? 2.206   0.399   -11.617 1.00 72.94 ? 62  ILE A CG2 1 
ATOM   420  C CD1 . ILE A 1 82  ? -0.788  -0.727  -12.526 1.00 72.44 ? 62  ILE A CD1 1 
ATOM   421  N N   . ALA A 1 83  ? 4.817   -2.012  -10.097 1.00 70.92 ? 63  ALA A N   1 
ATOM   422  C CA  . ALA A 1 83  ? 5.778   -1.827  -8.989  1.00 69.86 ? 63  ALA A CA  1 
ATOM   423  C C   . ALA A 1 83  ? 6.541   -0.539  -9.226  1.00 68.63 ? 63  ALA A C   1 
ATOM   424  O O   . ALA A 1 83  ? 6.823   -0.175  -10.367 1.00 67.63 ? 63  ALA A O   1 
ATOM   425  C CB  . ALA A 1 83  ? 6.808   -3.011  -8.925  1.00 69.73 ? 63  ALA A CB  1 
ATOM   426  N N   . ILE A 1 84  ? 6.885   0.144   -8.148  1.00 67.49 ? 64  ILE A N   1 
ATOM   427  C CA  . ILE A 1 84  ? 7.678   1.342   -8.265  1.00 66.71 ? 64  ILE A CA  1 
ATOM   428  C C   . ILE A 1 84  ? 8.894   1.044   -7.457  1.00 65.08 ? 64  ILE A C   1 
ATOM   429  O O   . ILE A 1 84  ? 8.756   0.801   -6.251  1.00 64.00 ? 64  ILE A O   1 
ATOM   430  C CB  . ILE A 1 84  ? 6.955   2.572   -7.696  1.00 66.86 ? 64  ILE A CB  1 
ATOM   431  C CG1 . ILE A 1 84  ? 5.463   2.565   -8.051  1.00 67.74 ? 64  ILE A CG1 1 
ATOM   432  C CG2 . ILE A 1 84  ? 7.625   3.833   -8.226  1.00 67.67 ? 64  ILE A CG2 1 
ATOM   433  C CD1 . ILE A 1 84  ? 4.483   2.287   -6.831  1.00 69.83 ? 64  ILE A CD1 1 
ATOM   434  N N   . ARG A 1 85  ? 10.074  1.048   -8.094  1.00 63.87 ? 65  ARG A N   1 
ATOM   435  C CA  A ARG A 1 85  ? 11.314  0.628   -7.446  0.50 63.35 ? 65  ARG A CA  1 
ATOM   436  C CA  B ARG A 1 85  ? 11.263  0.651   -7.353  0.50 63.45 ? 65  ARG A CA  1 
ATOM   437  C C   . ARG A 1 85  ? 12.182  1.819   -7.082  1.00 63.47 ? 65  ARG A C   1 
ATOM   438  O O   . ARG A 1 85  ? 12.495  2.614   -7.947  1.00 63.74 ? 65  ARG A O   1 
ATOM   439  C CB  A ARG A 1 85  ? 12.106  -0.306  -8.370  0.50 62.94 ? 65  ARG A CB  1 
ATOM   440  C CB  B ARG A 1 85  ? 11.983  -0.589  -7.942  0.50 63.20 ? 65  ARG A CB  1 
ATOM   441  C CG  A ARG A 1 85  ? 11.302  -1.475  -8.955  0.50 62.30 ? 65  ARG A CG  1 
ATOM   442  C CG  B ARG A 1 85  ? 12.528  -0.493  -9.335  0.50 62.70 ? 65  ARG A CG  1 
ATOM   443  C CD  A ARG A 1 85  ? 12.240  -2.519  -9.615  0.50 62.30 ? 65  ARG A CD  1 
ATOM   444  C CD  B ARG A 1 85  ? 12.783  -1.897  -9.959  0.50 62.37 ? 65  ARG A CD  1 
ATOM   445  N NE  A ARG A 1 85  ? 13.237  -2.997  -8.656  0.50 60.66 ? 65  ARG A NE  1 
ATOM   446  N NE  B ARG A 1 85  ? 11.550  -2.443  -10.550 0.50 61.71 ? 65  ARG A NE  1 
ATOM   447  C CZ  A ARG A 1 85  ? 13.084  -4.037  -7.834  0.50 60.19 ? 65  ARG A CZ  1 
ATOM   448  C CZ  B ARG A 1 85  ? 10.967  -3.602  -10.251 0.50 60.59 ? 65  ARG A CZ  1 
ATOM   449  N NH1 A ARG A 1 85  ? 11.980  -4.783  -7.846  0.50 57.66 ? 65  ARG A NH1 1 
ATOM   450  N NH1 B ARG A 1 85  ? 11.492  -4.443  -9.358  0.50 60.09 ? 65  ARG A NH1 1 
ATOM   451  N NH2 A ARG A 1 85  ? 14.066  -4.345  -6.994  0.50 60.67 ? 65  ARG A NH2 1 
ATOM   452  N NH2 B ARG A 1 85  ? 9.832   -3.932  -10.869 0.50 60.05 ? 65  ARG A NH2 1 
ATOM   453  N N   . GLY A 1 86  ? 12.585  1.918   -5.823  1.00 63.50 ? 66  GLY A N   1 
ATOM   454  C CA  . GLY A 1 86  ? 13.471  2.964   -5.390  1.00 63.77 ? 66  GLY A CA  1 
ATOM   455  C C   . GLY A 1 86  ? 12.719  4.083   -4.709  1.00 63.97 ? 66  GLY A C   1 
ATOM   456  O O   . GLY A 1 86  ? 11.715  4.605   -5.215  1.00 64.54 ? 66  GLY A O   1 
ATOM   457  N N   . ARG A 1 87  ? 13.231  4.457   -3.551  1.00 64.08 ? 67  ARG A N   1 
ATOM   458  C CA  . ARG A 1 87  ? 12.699  5.555   -2.738  1.00 64.35 ? 67  ARG A CA  1 
ATOM   459  C C   . ARG A 1 87  ? 12.399  6.904   -3.460  1.00 63.07 ? 67  ARG A C   1 
ATOM   460  O O   . ARG A 1 87  ? 11.470  7.631   -3.095  1.00 62.40 ? 67  ARG A O   1 
ATOM   461  C CB  . ARG A 1 87  ? 13.711  5.798   -1.636  1.00 64.87 ? 67  ARG A CB  1 
ATOM   462  C CG  . ARG A 1 87  ? 13.130  6.314   -0.408  1.00 68.99 ? 67  ARG A CG  1 
ATOM   463  C CD  . ARG A 1 87  ? 14.171  6.965   0.402   1.00 76.07 ? 67  ARG A CD  1 
ATOM   464  N NE  . ARG A 1 87  ? 15.007  5.983   1.080   1.00 79.46 ? 67  ARG A NE  1 
ATOM   465  C CZ  . ARG A 1 87  ? 15.307  6.009   2.379   1.00 83.02 ? 67  ARG A CZ  1 
ATOM   466  N NH1 . ARG A 1 87  ? 14.859  6.985   3.199   1.00 84.31 ? 67  ARG A NH1 1 
ATOM   467  N NH2 . ARG A 1 87  ? 16.090  5.050   2.866   1.00 84.18 ? 67  ARG A NH2 1 
ATOM   468  N N   . GLU A 1 88  ? 13.192  7.242   -4.473  1.00 61.78 ? 68  GLU A N   1 
ATOM   469  C CA  . GLU A 1 88  ? 12.963  8.445   -5.270  1.00 61.07 ? 68  GLU A CA  1 
ATOM   470  C C   . GLU A 1 88  ? 11.816  8.276   -6.280  1.00 60.90 ? 68  GLU A C   1 
ATOM   471  O O   . GLU A 1 88  ? 11.075  9.202   -6.492  1.00 60.84 ? 68  GLU A O   1 
ATOM   472  C CB  . GLU A 1 88  ? 14.263  8.906   -5.984  1.00 60.93 ? 68  GLU A CB  1 
ATOM   473  N N   . LYS A 1 89  ? 11.645  7.113   -6.904  1.00 61.44 ? 69  LYS A N   1 
ATOM   474  C CA  . LYS A 1 89  ? 10.499  6.920   -7.813  1.00 62.09 ? 69  LYS A CA  1 
ATOM   475  C C   . LYS A 1 89  ? 9.235   6.775   -6.989  1.00 62.18 ? 69  LYS A C   1 
ATOM   476  O O   . LYS A 1 89  ? 8.136   7.079   -7.454  1.00 62.72 ? 69  LYS A O   1 
ATOM   477  C CB  . LYS A 1 89  ? 10.675  5.686   -8.707  1.00 62.92 ? 69  LYS A CB  1 
ATOM   478  C CG  . LYS A 1 89  ? 11.537  5.883   -9.998  1.00 64.11 ? 69  LYS A CG  1 
ATOM   479  C CD  . LYS A 1 89  ? 10.723  6.587   -11.110 1.00 66.15 ? 69  LYS A CD  1 
ATOM   480  C CE  . LYS A 1 89  ? 11.508  6.745   -12.417 1.00 67.59 ? 69  LYS A CE  1 
ATOM   481  N NZ  . LYS A 1 89  ? 11.140  8.013   -13.149 1.00 69.45 ? 69  LYS A NZ  1 
ATOM   482  N N   . LEU A 1 90  ? 9.403   6.304   -5.758  1.00 62.00 ? 70  LEU A N   1 
ATOM   483  C CA  . LEU A 1 90  ? 8.286   6.198   -4.801  1.00 62.29 ? 70  LEU A CA  1 
ATOM   484  C C   . LEU A 1 90  ? 7.799   7.577   -4.325  1.00 62.61 ? 70  LEU A C   1 
ATOM   485  O O   . LEU A 1 90  ? 6.617   7.817   -4.229  1.00 63.03 ? 70  LEU A O   1 
ATOM   486  C CB  . LEU A 1 90  ? 8.696   5.346   -3.583  1.00 61.75 ? 70  LEU A CB  1 
ATOM   487  C CG  . LEU A 1 90  ? 8.706   3.823   -3.700  1.00 60.57 ? 70  LEU A CG  1 
ATOM   488  C CD1 . LEU A 1 90  ? 9.557   3.181   -2.573  1.00 60.64 ? 70  LEU A CD1 1 
ATOM   489  C CD2 . LEU A 1 90  ? 7.282   3.330   -3.679  1.00 56.75 ? 70  LEU A CD2 1 
ATOM   490  N N   . GLY A 1 91  ? 8.724   8.476   -4.014  1.00 64.18 ? 71  GLY A N   1 
ATOM   491  C CA  . GLY A 1 91  ? 8.389   9.877   -3.724  1.00 64.05 ? 71  GLY A CA  1 
ATOM   492  C C   . GLY A 1 91  ? 7.687   10.528  -4.907  1.00 64.33 ? 71  GLY A C   1 
ATOM   493  O O   . GLY A 1 91  ? 6.749   11.293  -4.731  1.00 63.89 ? 71  GLY A O   1 
ATOM   494  N N   . GLU A 1 92  ? 8.149   10.244  -6.123  1.00 65.34 ? 72  GLU A N   1 
ATOM   495  C CA  . GLU A 1 92  ? 7.561   10.870  -7.324  1.00 66.32 ? 72  GLU A CA  1 
ATOM   496  C C   . GLU A 1 92  ? 6.145   10.379  -7.544  1.00 66.49 ? 72  GLU A C   1 
ATOM   497  O O   . GLU A 1 92  ? 5.275   11.116  -8.019  1.00 66.75 ? 72  GLU A O   1 
ATOM   498  C CB  . GLU A 1 92  ? 8.388   10.579  -8.574  1.00 66.50 ? 72  GLU A CB  1 
ATOM   499  C CG  . GLU A 1 92  ? 9.553   11.509  -8.747  1.00 65.96 ? 72  GLU A CG  1 
ATOM   500  C CD  . GLU A 1 92  ? 10.377  11.175  -9.986  1.00 67.87 ? 72  GLU A CD  1 
ATOM   501  O OE1 . GLU A 1 92  ? 10.084  10.147  -10.657 1.00 71.35 ? 72  GLU A OE1 1 
ATOM   502  O OE2 . GLU A 1 92  ? 11.330  11.936  -10.281 1.00 67.55 ? 72  GLU A OE2 1 
ATOM   503  N N   . HIS A 1 93  ? 5.931   9.118   -7.193  1.00 66.22 ? 73  HIS A N   1 
ATOM   504  C CA  . HIS A 1 93  ? 4.666   8.487   -7.419  1.00 65.87 ? 73  HIS A CA  1 
ATOM   505  C C   . HIS A 1 93  ? 3.634   9.091   -6.456  1.00 64.69 ? 73  HIS A C   1 
ATOM   506  O O   . HIS A 1 93  ? 2.463   9.132   -6.768  1.00 64.98 ? 73  HIS A O   1 
ATOM   507  C CB  . HIS A 1 93  ? 4.829   6.966   -7.282  1.00 66.30 ? 73  HIS A CB  1 
ATOM   508  C CG  . HIS A 1 93  ? 3.539   6.232   -7.062  1.00 68.64 ? 73  HIS A CG  1 
ATOM   509  N ND1 . HIS A 1 93  ? 2.727   5.832   -8.105  1.00 71.57 ? 73  HIS A ND1 1 
ATOM   510  C CD2 . HIS A 1 93  ? 2.903   5.855   -5.919  1.00 71.17 ? 73  HIS A CD2 1 
ATOM   511  C CE1 . HIS A 1 93  ? 1.651   5.234   -7.615  1.00 69.03 ? 73  HIS A CE1 1 
ATOM   512  N NE2 . HIS A 1 93  ? 1.727   5.249   -6.293  1.00 70.56 ? 73  HIS A NE2 1 
ATOM   513  N N   . ALA A 1 94  ? 4.080   9.579   -5.301  1.00 63.54 ? 74  ALA A N   1 
ATOM   514  C CA  . ALA A 1 94  ? 3.176   10.088  -4.276  1.00 62.70 ? 74  ALA A CA  1 
ATOM   515  C C   . ALA A 1 94  ? 2.409   11.333  -4.753  1.00 62.16 ? 74  ALA A C   1 
ATOM   516  O O   . ALA A 1 94  ? 1.262   11.562  -4.380  1.00 62.54 ? 74  ALA A O   1 
ATOM   517  C CB  . ALA A 1 94  ? 3.963   10.388  -3.019  1.00 62.74 ? 74  ALA A CB  1 
ATOM   518  N N   . VAL A 1 95  ? 3.048   12.113  -5.605  1.00 61.34 ? 75  VAL A N   1 
ATOM   519  C CA  . VAL A 1 95  ? 2.449   13.289  -6.245  1.00 60.80 ? 75  VAL A CA  1 
ATOM   520  C C   . VAL A 1 95  ? 1.276   12.875  -7.102  1.00 60.51 ? 75  VAL A C   1 
ATOM   521  O O   . VAL A 1 95  ? 0.210   13.420  -7.014  1.00 60.46 ? 75  VAL A O   1 
ATOM   522  C CB  . VAL A 1 95  ? 3.489   14.030  -7.110  1.00 60.68 ? 75  VAL A CB  1 
ATOM   523  C CG1 . VAL A 1 95  ? 2.860   15.230  -7.898  1.00 58.29 ? 75  VAL A CG1 1 
ATOM   524  C CG2 . VAL A 1 95  ? 4.631   14.493  -6.226  1.00 61.36 ? 75  VAL A CG2 1 
ATOM   525  N N   . TRP A 1 96  ? 1.453   11.838  -7.880  1.00 61.04 ? 76  TRP A N   1 
ATOM   526  C CA  . TRP A 1 96  ? 0.381   11.368  -8.738  1.00 61.20 ? 76  TRP A CA  1 
ATOM   527  C C   . TRP A 1 96  ? -0.775  10.784  -7.903  1.00 60.40 ? 76  TRP A C   1 
ATOM   528  O O   . TRP A 1 96  ? -1.970  10.962  -8.188  1.00 58.76 ? 76  TRP A O   1 
ATOM   529  C CB  . TRP A 1 96  ? 0.981   10.319  -9.662  1.00 61.87 ? 76  TRP A CB  1 
ATOM   530  C CG  . TRP A 1 96  ? 0.010   9.719   -10.504 1.00 62.04 ? 76  TRP A CG  1 
ATOM   531  C CD1 . TRP A 1 96  ? -0.436  10.171  -11.703 1.00 63.28 ? 76  TRP A CD1 1 
ATOM   532  C CD2 . TRP A 1 96  ? -0.713  8.541   -10.210 1.00 63.58 ? 76  TRP A CD2 1 
ATOM   533  N NE1 . TRP A 1 96  ? -1.403  9.326   -12.183 1.00 63.46 ? 76  TRP A NE1 1 
ATOM   534  C CE2 . TRP A 1 96  ? -1.579  8.308   -11.288 1.00 64.77 ? 76  TRP A CE2 1 
ATOM   535  C CE3 . TRP A 1 96  ? -0.719  7.658   -9.125  1.00 62.28 ? 76  TRP A CE3 1 
ATOM   536  C CZ2 . TRP A 1 96  ? -2.454  7.219   -11.315 1.00 64.12 ? 76  TRP A CZ2 1 
ATOM   537  C CZ3 . TRP A 1 96  ? -1.577  6.606   -9.155  1.00 63.83 ? 76  TRP A CZ3 1 
ATOM   538  C CH2 . TRP A 1 96  ? -2.434  6.388   -10.265 1.00 62.13 ? 76  TRP A CH2 1 
ATOM   539  N N   . SER A 1 97  ? -0.373  10.061  -6.876  1.00 61.06 ? 77  SER A N   1 
ATOM   540  C CA  . SER A 1 97  ? -1.281  9.466   -5.917  1.00 61.16 ? 77  SER A CA  1 
ATOM   541  C C   . SER A 1 97  ? -2.085  10.531  -5.196  1.00 61.27 ? 77  SER A C   1 
ATOM   542  O O   . SER A 1 97  ? -3.298  10.437  -5.163  1.00 62.56 ? 77  SER A O   1 
ATOM   543  C CB  . SER A 1 97  ? -0.491  8.657   -4.907  1.00 61.23 ? 77  SER A CB  1 
ATOM   544  O OG  . SER A 1 97  ? -1.323  8.065   -3.908  1.00 60.48 ? 77  SER A OG  1 
ATOM   545  N N   . LEU A 1 98  ? -1.423  11.564  -4.662  1.00 61.51 ? 78  LEU A N   1 
ATOM   546  C CA  . LEU A 1 98  ? -2.118  12.663  -3.974  0.70 61.28 ? 78  LEU A CA  1 
ATOM   547  C C   . LEU A 1 98  ? -3.047  13.399  -4.937  1.00 62.05 ? 78  LEU A C   1 
ATOM   548  O O   . LEU A 1 98  ? -4.051  13.991  -4.526  1.00 62.64 ? 78  LEU A O   1 
ATOM   549  C CB  . LEU A 1 98  ? -1.110  13.678  -3.394  0.70 61.06 ? 78  LEU A CB  1 
ATOM   550  C CG  . LEU A 1 98  ? -1.194  14.141  -1.922  0.70 61.09 ? 78  LEU A CG  1 
ATOM   551  C CD1 . LEU A 1 98  ? -2.514  13.805  -1.211  0.70 55.37 ? 78  LEU A CD1 1 
ATOM   552  C CD2 . LEU A 1 98  ? -0.043  13.592  -1.136  0.70 61.06 ? 78  LEU A CD2 1 
ATOM   553  N N   . GLN A 1 99  ? -2.673  13.435  -6.220  1.00 62.72 ? 79  GLN A N   1 
ATOM   554  C CA  . GLN A 1 99  ? -3.491  14.065  -7.269  1.00 63.44 ? 79  GLN A CA  1 
ATOM   555  C C   . GLN A 1 99  ? -4.751  13.241  -7.564  1.00 62.34 ? 79  GLN A C   1 
ATOM   556  O O   . GLN A 1 99  ? -5.860  13.777  -7.629  1.00 62.10 ? 79  GLN A O   1 
ATOM   557  C CB  . GLN A 1 99  ? -2.628  14.276  -8.542  1.00 63.55 ? 79  GLN A CB  1 
ATOM   558  C CG  . GLN A 1 99  ? -3.314  14.293  -9.948  1.00 66.19 ? 79  GLN A CG  1 
ATOM   559  C CD  . GLN A 1 99  ? -2.284  13.999  -11.104 1.00 67.15 ? 79  GLN A CD  1 
ATOM   560  O OE1 . GLN A 1 99  ? -2.615  13.444  -12.190 1.00 70.26 ? 79  GLN A OE1 1 
ATOM   561  N NE2 . GLN A 1 99  ? -1.017  14.362  -10.848 1.00 71.19 ? 79  GLN A NE2 1 
ATOM   562  N N   . CYS A 1 100 ? -4.575  11.929  -7.732  1.00 61.63 ? 80  CYS A N   1 
ATOM   563  C CA  . CYS A 1 100 ? -5.672  11.068  -8.208  1.00 60.66 ? 80  CYS A CA  1 
ATOM   564  C C   . CYS A 1 100 ? -6.590  10.564  -7.082  1.00 59.11 ? 80  CYS A C   1 
ATOM   565  O O   . CYS A 1 100 ? -7.777  10.337  -7.313  1.00 57.36 ? 80  CYS A O   1 
ATOM   566  C CB  . CYS A 1 100 ? -5.109  9.920   -9.051  1.00 59.98 ? 80  CYS A CB  1 
ATOM   567  S SG  . CYS A 1 100 ? -4.328  10.430  -10.579 1.00 63.81 ? 80  CYS A SG  1 
ATOM   568  N N   . PHE A 1 101 ? -6.035  10.422  -5.878  1.00 58.34 ? 81  PHE A N   1 
ATOM   569  C CA  . PHE A 1 101 ? -6.800  10.011  -4.699  1.00 58.14 ? 81  PHE A CA  1 
ATOM   570  C C   . PHE A 1 101 ? -6.616  11.076  -3.633  1.00 58.48 ? 81  PHE A C   1 
ATOM   571  O O   . PHE A 1 101 ? -5.926  10.885  -2.663  1.00 58.27 ? 81  PHE A O   1 
ATOM   572  C CB  . PHE A 1 101 ? -6.333  8.633   -4.228  1.00 58.66 ? 81  PHE A CB  1 
ATOM   573  C CG  . PHE A 1 101 ? -6.403  7.583   -5.301  1.00 59.51 ? 81  PHE A CG  1 
ATOM   574  C CD1 . PHE A 1 101 ? -5.284  7.264   -6.060  1.00 63.27 ? 81  PHE A CD1 1 
ATOM   575  C CD2 . PHE A 1 101 ? -7.603  6.979   -5.614  1.00 59.95 ? 81  PHE A CD2 1 
ATOM   576  C CE1 . PHE A 1 101 ? -5.375  6.338   -7.095  1.00 63.77 ? 81  PHE A CE1 1 
ATOM   577  C CE2 . PHE A 1 101 ? -7.709  6.059   -6.628  1.00 61.33 ? 81  PHE A CE2 1 
ATOM   578  C CZ  . PHE A 1 101 ? -6.608  5.722   -7.376  1.00 62.44 ? 81  PHE A CZ  1 
ATOM   579  N N   . PRO A 1 102 ? -7.224  12.245  -3.832  1.00 59.85 ? 82  PRO A N   1 
ATOM   580  C CA  . PRO A 1 102 ? -6.941  13.362  -2.951  1.00 59.89 ? 82  PRO A CA  1 
ATOM   581  C C   . PRO A 1 102 ? -7.267  13.210  -1.441  1.00 60.39 ? 82  PRO A C   1 
ATOM   582  O O   . PRO A 1 102 ? -6.565  13.787  -0.650  1.00 60.32 ? 82  PRO A O   1 
ATOM   583  C CB  . PRO A 1 102 ? -7.735  14.517  -3.596  1.00 60.25 ? 82  PRO A CB  1 
ATOM   584  C CG  . PRO A 1 102 ? -8.791  13.850  -4.417  1.00 61.05 ? 82  PRO A CG  1 
ATOM   585  C CD  . PRO A 1 102 ? -8.134  12.626  -4.940  1.00 59.45 ? 82  PRO A CD  1 
ATOM   586  N N   . ASP A 1 103 ? -8.271  12.435  -1.055  1.00 60.29 ? 83  ASP A N   1 
ATOM   587  C CA  . ASP A 1 103 ? -8.686  12.327  0.344   1.00 60.54 ? 83  ASP A CA  1 
ATOM   588  C C   . ASP A 1 103 ? -8.597  10.920  0.930   1.00 58.94 ? 83  ASP A C   1 
ATOM   589  O O   . ASP A 1 103 ? -9.337  10.620  1.879   1.00 57.26 ? 83  ASP A O   1 
ATOM   590  C CB  . ASP A 1 103 ? -10.139 12.853  0.502   1.00 61.98 ? 83  ASP A CB  1 
ATOM   591  C CG  . ASP A 1 103 ? -11.186 12.050  -0.314  1.00 65.10 ? 83  ASP A CG  1 
ATOM   592  O OD1 . ASP A 1 103 ? -10.858 11.057  -1.002  1.00 72.04 ? 83  ASP A OD1 1 
ATOM   593  O OD2 . ASP A 1 103 ? -12.367 12.416  -0.257  1.00 69.37 ? 83  ASP A OD2 1 
ATOM   594  N N   . TRP A 1 104 ? -7.744  10.089  0.328   1.00 57.01 ? 84  TRP A N   1 
ATOM   595  C CA  . TRP A 1 104 ? -7.672  8.701   0.616   1.00 56.99 ? 84  TRP A CA  1 
ATOM   596  C C   . TRP A 1 104 ? -7.356  8.456   2.097   1.00 58.03 ? 84  TRP A C   1 
ATOM   597  O O   . TRP A 1 104 ? -6.422  9.050   2.664   1.00 58.54 ? 84  TRP A O   1 
ATOM   598  C CB  . TRP A 1 104 ? -6.562  8.036   -0.184  1.00 57.17 ? 84  TRP A CB  1 
ATOM   599  C CG  . TRP A 1 104 ? -6.637  6.543   -0.145  1.00 55.34 ? 84  TRP A CG  1 
ATOM   600  C CD1 . TRP A 1 104 ? -5.926  5.708   0.667   1.00 55.76 ? 84  TRP A CD1 1 
ATOM   601  C CD2 . TRP A 1 104 ? -7.568  5.704   -0.865  1.00 54.93 ? 84  TRP A CD2 1 
ATOM   602  N NE1 . TRP A 1 104 ? -6.313  4.410   0.469   1.00 55.66 ? 84  TRP A NE1 1 
ATOM   603  C CE2 . TRP A 1 104 ? -7.334  4.376   -0.448  1.00 53.61 ? 84  TRP A CE2 1 
ATOM   604  C CE3 . TRP A 1 104 ? -8.546  5.941   -1.824  1.00 54.50 ? 84  TRP A CE3 1 
ATOM   605  C CZ2 . TRP A 1 104 ? -8.049  3.321   -0.949  1.00 54.49 ? 84  TRP A CZ2 1 
ATOM   606  C CZ3 . TRP A 1 104 ? -9.253  4.873   -2.346  1.00 53.52 ? 84  TRP A CZ3 1 
ATOM   607  C CH2 . TRP A 1 104 ? -9.031  3.601   -1.917  1.00 56.93 ? 84  TRP A CH2 1 
ATOM   608  N N   . VAL A 1 105 ? -8.133  7.570   2.708   1.00 58.70 ? 85  VAL A N   1 
ATOM   609  C CA  . VAL A 1 105 ? -7.899  7.083   4.119   1.00 57.33 ? 85  VAL A CA  1 
ATOM   610  C C   . VAL A 1 105 ? -8.026  5.575   4.137   1.00 57.45 ? 85  VAL A C   1 
ATOM   611  O O   . VAL A 1 105 ? -8.812  5.023   3.364   1.00 58.66 ? 85  VAL A O   1 
ATOM   612  C CB  . VAL A 1 105 ? -8.914  7.708   5.072   1.00 57.61 ? 85  VAL A CB  1 
ATOM   613  C CG1 . VAL A 1 105 ? -8.741  9.234   5.063   1.00 57.66 ? 85  VAL A CG1 1 
ATOM   614  C CG2 . VAL A 1 105 ? -10.441 7.334   4.697   1.00 55.19 ? 85  VAL A CG2 1 
ATOM   615  N N   . TRP A 1 106 ? -7.206  4.907   4.951   1.00 57.88 ? 86  TRP A N   1 
ATOM   616  C CA  . TRP A 1 106 ? -7.291  3.475   5.198   1.00 58.65 ? 86  TRP A CA  1 
ATOM   617  C C   . TRP A 1 106 ? -8.036  3.370   6.483   1.00 60.60 ? 86  TRP A C   1 
ATOM   618  O O   . TRP A 1 106 ? -7.768  4.171   7.388   1.00 62.16 ? 86  TRP A O   1 
ATOM   619  C CB  . TRP A 1 106 ? -5.908  2.885   5.460   1.00 58.50 ? 86  TRP A CB  1 
ATOM   620  C CG  . TRP A 1 106 ? -4.906  3.116   4.375   1.00 56.88 ? 86  TRP A CG  1 
ATOM   621  C CD1 . TRP A 1 106 ? -3.843  3.920   4.430   1.00 59.17 ? 86  TRP A CD1 1 
ATOM   622  C CD2 . TRP A 1 106 ? -4.891  2.510   3.077   1.00 55.46 ? 86  TRP A CD2 1 
ATOM   623  N NE1 . TRP A 1 106 ? -3.119  3.831   3.264   1.00 59.63 ? 86  TRP A NE1 1 
ATOM   624  C CE2 . TRP A 1 106 ? -3.748  2.958   2.423   1.00 58.31 ? 86  TRP A CE2 1 
ATOM   625  C CE3 . TRP A 1 106 ? -5.725  1.582   2.429   1.00 59.10 ? 86  TRP A CE3 1 
ATOM   626  C CZ2 . TRP A 1 106 ? -3.444  2.590   1.093   1.00 63.40 ? 86  TRP A CZ2 1 
ATOM   627  C CZ3 . TRP A 1 106 ? -5.436  1.204   1.120   1.00 58.04 ? 86  TRP A CZ3 1 
ATOM   628  C CH2 . TRP A 1 106 ? -4.300  1.693   0.461   1.00 58.72 ? 86  TRP A CH2 1 
ATOM   629  N N   . THR A 1 107 ? -8.989  2.447   6.559   1.00 60.05 ? 87  THR A N   1 
ATOM   630  C CA  . THR A 1 107 ? -9.732  2.217   7.767   1.00 60.26 ? 87  THR A CA  1 
ATOM   631  C C   . THR A 1 107 ? -9.781  0.711   8.098   1.00 59.43 ? 87  THR A C   1 
ATOM   632  O O   . THR A 1 107 ? -9.362  -0.144  7.308   1.00 54.89 ? 87  THR A O   1 
ATOM   633  C CB  . THR A 1 107 ? -11.117 2.797   7.690   1.00 60.50 ? 87  THR A CB  1 
ATOM   634  O OG1 . THR A 1 107 ? -11.774 2.290   6.522   1.00 64.41 ? 87  THR A OG1 1 
ATOM   635  C CG2 . THR A 1 107 ? -11.032 4.350   7.638   1.00 60.58 ? 87  THR A CG2 1 
ATOM   636  N N   . ASP A 1 108 ? -10.277 0.423   9.280   1.00 59.64 ? 88  ASP A N   1 
ATOM   637  C CA  . ASP A 1 108 ? -10.450 -0.953  9.706   0.70 60.12 ? 88  ASP A CA  1 
ATOM   638  C C   . ASP A 1 108 ? -9.195  -1.694  9.608   1.00 59.14 ? 88  ASP A C   1 
ATOM   639  O O   . ASP A 1 108 ? -9.158  -2.757  9.081   1.00 59.51 ? 88  ASP A O   1 
ATOM   640  C CB  . ASP A 1 108 ? -11.507 -1.609  8.888   0.70 60.42 ? 88  ASP A CB  1 
ATOM   641  C CG  . ASP A 1 108 ? -12.802 -1.188  9.341   0.70 66.13 ? 88  ASP A CG  1 
ATOM   642  O OD1 . ASP A 1 108 ? -13.414 -0.258  8.702   0.70 72.08 ? 88  ASP A OD1 1 
ATOM   643  O OD2 . ASP A 1 108 ? -13.143 -1.704  10.445  0.70 75.22 ? 88  ASP A OD2 1 
ATOM   644  N N   . ILE A 1 109 ? -8.152  -1.109  10.174  1.00 60.96 ? 89  ILE A N   1 
ATOM   645  C CA  . ILE A 1 109 ? -6.789  -1.628  10.094  1.00 61.23 ? 89  ILE A CA  1 
ATOM   646  C C   . ILE A 1 109 ? -6.537  -2.761  11.076  1.00 61.33 ? 89  ILE A C   1 
ATOM   647  O O   . ILE A 1 109 ? -6.746  -2.625  12.265  1.00 60.59 ? 89  ILE A O   1 
ATOM   648  C CB  . ILE A 1 109 ? -5.738  -0.489  10.197  1.00 60.87 ? 89  ILE A CB  1 
ATOM   649  C CG1 . ILE A 1 109 ? -6.045  0.607   9.123   1.00 60.56 ? 89  ILE A CG1 1 
ATOM   650  C CG2 . ILE A 1 109 ? -4.314  -1.025  9.953   1.00 59.93 ? 89  ILE A CG2 1 
ATOM   651  C CD1 . ILE A 1 109 ? -5.611  1.963   9.605   1.00 58.59 ? 89  ILE A CD1 1 
ATOM   652  N N   . GLN A 1 110 ? -6.080  -3.884  10.510  1.00 61.88 ? 90  GLN A N   1 
ATOM   653  C CA  . GLN A 1 110 ? -5.634  -5.046  11.250  1.00 62.92 ? 90  GLN A CA  1 
ATOM   654  C C   . GLN A 1 110 ? -4.254  -5.450  10.749  1.00 60.93 ? 90  GLN A C   1 
ATOM   655  O O   . GLN A 1 110 ? -4.066  -5.827  9.572   1.00 57.92 ? 90  GLN A O   1 
ATOM   656  C CB  . GLN A 1 110 ? -6.552  -6.215  10.951  1.00 64.94 ? 90  GLN A CB  1 
ATOM   657  C CG  . GLN A 1 110 ? -7.941  -6.160  11.571  1.00 68.96 ? 90  GLN A CG  1 
ATOM   658  C CD  . GLN A 1 110 ? -8.664  -7.505  11.474  1.00 68.33 ? 90  GLN A CD  1 
ATOM   659  O OE1 . GLN A 1 110 ? -8.731  -8.263  12.485  1.00 65.84 ? 90  GLN A OE1 1 
ATOM   660  N NE2 . GLN A 1 110 ? -9.160  -7.832  10.234  1.00 70.42 ? 90  GLN A NE2 1 
ATOM   661  N N   . ILE A 1 111 ? -3.329  -5.386  11.666  1.00 59.60 ? 91  ILE A N   1 
ATOM   662  C CA  . ILE A 1 111 ? -1.915  -5.640  11.453  1.00 58.98 ? 91  ILE A CA  1 
ATOM   663  C C   . ILE A 1 111 ? -1.623  -7.032  12.026  1.00 58.57 ? 91  ILE A C   1 
ATOM   664  O O   . ILE A 1 111 ? -2.071  -7.344  13.161  1.00 56.43 ? 91  ILE A O   1 
ATOM   665  C CB  . ILE A 1 111 ? -1.092  -4.676  12.264  1.00 58.04 ? 91  ILE A CB  1 
ATOM   666  C CG1 . ILE A 1 111 ? -1.373  -3.271  11.803  1.00 59.72 ? 91  ILE A CG1 1 
ATOM   667  C CG2 . ILE A 1 111 ? 0.434   -4.951  12.068  1.00 56.29 ? 91  ILE A CG2 1 
ATOM   668  C CD1 . ILE A 1 111 ? -0.463  -2.268  12.527  1.00 61.14 ? 91  ILE A CD1 1 
ATOM   669  N N   . PHE A 1 112 ? -0.929  -7.842  11.204  1.00 57.01 ? 92  PHE A N   1 
ATOM   670  C CA  . PHE A 1 112 ? -0.600  -9.218  11.490  1.00 56.45 ? 92  PHE A CA  1 
ATOM   671  C C   . PHE A 1 112 ? 0.915   -9.320  11.527  1.00 57.06 ? 92  PHE A C   1 
ATOM   672  O O   . PHE A 1 112 ? 1.592   -9.140  10.547  1.00 58.31 ? 92  PHE A O   1 
ATOM   673  C CB  . PHE A 1 112 ? -1.194  -10.212 10.461  1.00 55.52 ? 92  PHE A CB  1 
ATOM   674  C CG  . PHE A 1 112 ? -2.704  -10.266 10.503  1.00 54.05 ? 92  PHE A CG  1 
ATOM   675  C CD1 . PHE A 1 112 ? -3.436  -9.486  9.685   1.00 54.90 ? 92  PHE A CD1 1 
ATOM   676  C CD2 . PHE A 1 112 ? -3.366  -10.951 11.472  1.00 53.16 ? 92  PHE A CD2 1 
ATOM   677  C CE1 . PHE A 1 112 ? -4.846  -9.490  9.752   1.00 57.87 ? 92  PHE A CE1 1 
ATOM   678  C CE2 . PHE A 1 112 ? -4.768  -10.942 11.539  1.00 53.53 ? 92  PHE A CE2 1 
ATOM   679  C CZ  . PHE A 1 112 ? -5.477  -10.205 10.691  1.00 55.00 ? 92  PHE A CZ  1 
ATOM   680  N N   . GLU A 1 113 ? 1.419   -9.609  12.692  1.00 57.35 ? 93  GLU A N   1 
ATOM   681  C CA  . GLU A 1 113 ? 2.826   -9.942  12.841  1.00 58.36 ? 93  GLU A CA  1 
ATOM   682  C C   . GLU A 1 113 ? 2.939   -11.385 12.406  1.00 56.64 ? 93  GLU A C   1 
ATOM   683  O O   . GLU A 1 113 ? 1.946   -12.075 12.500  1.00 54.89 ? 93  GLU A O   1 
ATOM   684  C CB  . GLU A 1 113 ? 3.210   -9.899  14.314  1.00 58.48 ? 93  GLU A CB  1 
ATOM   685  C CG  . GLU A 1 113 ? 2.856   -8.633  15.087  1.00 61.98 ? 93  GLU A CG  1 
ATOM   686  C CD  . GLU A 1 113 ? 3.395   -8.788  16.485  1.00 66.74 ? 93  GLU A CD  1 
ATOM   687  O OE1 . GLU A 1 113 ? 3.665   -10.000 16.788  1.00 67.44 ? 93  GLU A OE1 1 
ATOM   688  O OE2 . GLU A 1 113 ? 3.591   -7.751  17.224  1.00 70.57 ? 93  GLU A OE2 1 
ATOM   689  N N   . THR A 1 114 ? 4.100   -11.828 11.937  1.00 56.39 ? 94  THR A N   1 
ATOM   690  C CA  . THR A 1 114 ? 4.258   -13.244 11.599  1.00 58.42 ? 94  THR A CA  1 
ATOM   691  C C   . THR A 1 114 ? 5.421   -13.871 12.289  1.00 59.96 ? 94  THR A C   1 
ATOM   692  O O   . THR A 1 114 ? 6.152   -13.178 13.037  1.00 59.23 ? 94  THR A O   1 
ATOM   693  C CB  . THR A 1 114 ? 4.418   -13.470 10.058  1.00 59.52 ? 94  THR A CB  1 
ATOM   694  O OG1 . THR A 1 114 ? 5.742   -13.063 9.654   1.00 61.25 ? 94  THR A OG1 1 
ATOM   695  C CG2 . THR A 1 114 ? 3.363   -12.683 9.331   1.00 55.20 ? 94  THR A CG2 1 
ATOM   696  N N   . GLN A 1 115 ? 5.625   -15.177 12.042  1.00 60.76 ? 95  GLN A N   1 
ATOM   697  C CA  . GLN A 1 115 ? 6.822   -15.856 12.605  1.00 61.01 ? 95  GLN A CA  1 
ATOM   698  C C   . GLN A 1 115 ? 8.158   -15.226 12.165  1.00 62.14 ? 95  GLN A C   1 
ATOM   699  O O   . GLN A 1 115 ? 9.178   -15.436 12.809  1.00 63.75 ? 95  GLN A O   1 
ATOM   700  C CB  . GLN A 1 115 ? 6.838   -17.356 12.335  1.00 60.05 ? 95  GLN A CB  1 
ATOM   701  C CG  . GLN A 1 115 ? 6.962   -17.808 10.828  1.00 60.15 ? 95  GLN A CG  1 
ATOM   702  C CD  . GLN A 1 115 ? 5.708   -17.692 10.013  1.00 61.41 ? 95  GLN A CD  1 
ATOM   703  O OE1 . GLN A 1 115 ? 4.806   -16.973 10.356  1.00 63.20 ? 95  GLN A OE1 1 
ATOM   704  N NE2 . GLN A 1 115 ? 5.661   -18.407 8.889   1.00 65.29 ? 95  GLN A NE2 1 
ATOM   705  N N   . ASP A 1 116 ? 8.142   -14.461 11.082  1.00 62.59 ? 96  ASP A N   1 
ATOM   706  C CA  . ASP A 1 116 ? 9.274   -13.690 10.550  1.00 61.93 ? 96  ASP A CA  1 
ATOM   707  C C   . ASP A 1 116 ? 9.169   -12.238 11.031  1.00 61.28 ? 96  ASP A C   1 
ATOM   708  O O   . ASP A 1 116 ? 8.227   -11.524 10.660  1.00 60.49 ? 96  ASP A O   1 
ATOM   709  C CB  . ASP A 1 116 ? 9.139   -13.716 9.008   1.00 63.05 ? 96  ASP A CB  1 
ATOM   710  C CG  . ASP A 1 116 ? 10.264  -13.037 8.309   1.00 62.70 ? 96  ASP A CG  1 
ATOM   711  O OD1 . ASP A 1 116 ? 10.961  -12.276 8.962   1.00 60.63 ? 96  ASP A OD1 1 
ATOM   712  O OD2 . ASP A 1 116 ? 10.435  -13.254 7.093   1.00 64.09 ? 96  ASP A OD2 1 
ATOM   713  N N   . PRO A 1 117 ? 10.162  -11.749 11.789  1.00 60.23 ? 97  PRO A N   1 
ATOM   714  C CA  . PRO A 1 117 ? 9.975   -10.408 12.305  1.00 60.67 ? 97  PRO A CA  1 
ATOM   715  C C   . PRO A 1 117 ? 10.113  -9.307  11.251  1.00 59.83 ? 97  PRO A C   1 
ATOM   716  O O   . PRO A 1 117 ? 9.765   -8.175  11.516  1.00 59.39 ? 97  PRO A O   1 
ATOM   717  C CB  . PRO A 1 117 ? 11.071  -10.282 13.397  1.00 60.94 ? 97  PRO A CB  1 
ATOM   718  C CG  . PRO A 1 117 ? 12.107  -11.253 13.017  1.00 61.12 ? 97  PRO A CG  1 
ATOM   719  C CD  . PRO A 1 117 ? 11.470  -12.310 12.140  1.00 60.10 ? 97  PRO A CD  1 
ATOM   720  N N   . ASN A 1 118 ? 10.643  -9.633  10.079  1.00 59.35 ? 98  ASN A N   1 
ATOM   721  C CA  . ASN A 1 118 ? 10.666  -8.683  8.989   1.00 58.83 ? 98  ASN A CA  1 
ATOM   722  C C   . ASN A 1 118 ? 9.535   -8.862  7.984   1.00 59.10 ? 98  ASN A C   1 
ATOM   723  O O   . ASN A 1 118 ? 9.658   -8.404  6.853   1.00 61.06 ? 98  ASN A O   1 
ATOM   724  C CB  . ASN A 1 118 ? 11.976  -8.764  8.289   1.00 58.74 ? 98  ASN A CB  1 
ATOM   725  C CG  . ASN A 1 118 ? 13.155  -8.429  9.244   1.00 61.39 ? 98  ASN A CG  1 
ATOM   726  O OD1 . ASN A 1 118 ? 13.169  -7.370  9.861   1.00 64.20 ? 98  ASN A OD1 1 
ATOM   727  N ND2 . ASN A 1 118 ? 14.112  -9.338  9.356   1.00 56.19 ? 98  ASN A ND2 1 
ATOM   728  N N   . TRP A 1 119 ? 8.433   -9.492  8.384   1.00 57.70 ? 99  TRP A N   1 
ATOM   729  C CA  . TRP A 1 119 ? 7.316   -9.641  7.495   1.00 56.90 ? 99  TRP A CA  1 
ATOM   730  C C   . TRP A 1 119 ? 6.012   -9.468  8.194   1.00 56.81 ? 99  TRP A C   1 
ATOM   731  O O   . TRP A 1 119 ? 5.725   -10.211 9.128   1.00 54.39 ? 99  TRP A O   1 
ATOM   732  C CB  . TRP A 1 119 ? 7.354   -11.026 6.890   1.00 57.74 ? 99  TRP A CB  1 
ATOM   733  C CG  . TRP A 1 119 ? 6.596   -11.135 5.553   1.00 54.29 ? 99  TRP A CG  1 
ATOM   734  C CD1 . TRP A 1 119 ? 5.460   -10.516 5.200   1.00 54.45 ? 99  TRP A CD1 1 
ATOM   735  C CD2 . TRP A 1 119 ? 6.957   -11.973 4.482   1.00 56.63 ? 99  TRP A CD2 1 
ATOM   736  N NE1 . TRP A 1 119 ? 5.091   -10.856 3.933   1.00 55.61 ? 99  TRP A NE1 1 
ATOM   737  C CE2 . TRP A 1 119 ? 5.985   -11.787 3.464   1.00 56.81 ? 99  TRP A CE2 1 
ATOM   738  C CE3 . TRP A 1 119 ? 7.976   -12.928 4.295   1.00 53.70 ? 99  TRP A CE3 1 
ATOM   739  C CZ2 . TRP A 1 119 ? 6.016   -12.516 2.236   1.00 56.33 ? 99  TRP A CZ2 1 
ATOM   740  C CZ3 . TRP A 1 119 ? 8.030   -13.630 3.059   1.00 54.92 ? 99  TRP A CZ3 1 
ATOM   741  C CH2 . TRP A 1 119 ? 7.052   -13.423 2.061   1.00 56.42 ? 99  TRP A CH2 1 
ATOM   742  N N   . PHE A 1 120 ? 5.202   -8.533  7.673   1.00 58.60 ? 100 PHE A N   1 
ATOM   743  C CA  . PHE A 1 120 ? 3.861   -8.211  8.183   1.00 58.58 ? 100 PHE A CA  1 
ATOM   744  C C   . PHE A 1 120 ? 2.778   -8.193  7.107   1.00 58.52 ? 100 PHE A C   1 
ATOM   745  O O   . PHE A 1 120 ? 2.995   -7.847  5.908   1.00 57.41 ? 100 PHE A O   1 
ATOM   746  C CB  . PHE A 1 120 ? 3.884   -6.836  8.858   1.00 59.76 ? 100 PHE A CB  1 
ATOM   747  C CG  . PHE A 1 120 ? 4.718   -6.750  10.128  1.00 61.10 ? 100 PHE A CG  1 
ATOM   748  C CD1 . PHE A 1 120 ? 6.102   -6.618  10.078  1.00 62.93 ? 100 PHE A CD1 1 
ATOM   749  C CD2 . PHE A 1 120 ? 4.107   -6.711  11.374  1.00 63.19 ? 100 PHE A CD2 1 
ATOM   750  C CE1 . PHE A 1 120 ? 6.829   -6.513  11.216  1.00 62.84 ? 100 PHE A CE1 1 
ATOM   751  C CE2 . PHE A 1 120 ? 4.829   -6.617  12.521  1.00 63.06 ? 100 PHE A CE2 1 
ATOM   752  C CZ  . PHE A 1 120 ? 6.199   -6.531  12.459  1.00 63.89 ? 100 PHE A CZ  1 
ATOM   753  N N   . TRP A 1 121 ? 1.569   -8.552  7.524   1.00 57.54 ? 101 TRP A N   1 
ATOM   754  C CA  . TRP A 1 121 ? 0.408   -8.398  6.630   1.00 56.09 ? 101 TRP A CA  1 
ATOM   755  C C   . TRP A 1 121 ? -0.571  -7.480  7.309   1.00 55.73 ? 101 TRP A C   1 
ATOM   756  O O   . TRP A 1 121 ? -0.657  -7.438  8.557   1.00 54.26 ? 101 TRP A O   1 
ATOM   757  C CB  . TRP A 1 121 ? -0.252  -9.722  6.374   1.00 55.00 ? 101 TRP A CB  1 
ATOM   758  C CG  . TRP A 1 121 ? 0.593   -10.621 5.446   1.00 56.11 ? 101 TRP A CG  1 
ATOM   759  C CD1 . TRP A 1 121 ? 1.600   -11.459 5.809   1.00 54.12 ? 101 TRP A CD1 1 
ATOM   760  C CD2 . TRP A 1 121 ? 0.544   -10.657 3.994   1.00 54.17 ? 101 TRP A CD2 1 
ATOM   761  N NE1 . TRP A 1 121 ? 2.169   -12.030 4.701   1.00 55.13 ? 101 TRP A NE1 1 
ATOM   762  C CE2 . TRP A 1 121 ? 1.503   -11.592 3.573   1.00 54.31 ? 101 TRP A CE2 1 
ATOM   763  C CE3 . TRP A 1 121 ? -0.269  -10.048 3.041   1.00 56.29 ? 101 TRP A CE3 1 
ATOM   764  C CZ2 . TRP A 1 121 ? 1.681   -11.921 2.252   1.00 54.34 ? 101 TRP A CZ2 1 
ATOM   765  C CZ3 . TRP A 1 121 ? -0.137  -10.402 1.723   1.00 53.93 ? 101 TRP A CZ3 1 
ATOM   766  C CH2 . TRP A 1 121 ? 0.862   -11.299 1.324   1.00 55.46 ? 101 TRP A CH2 1 
ATOM   767  N N   . VAL A 1 122 ? -1.309  -6.732  6.504   1.00 56.30 ? 102 VAL A N   1 
ATOM   768  C CA  . VAL A 1 122 ? -2.341  -5.859  7.000   1.00 54.23 ? 102 VAL A CA  1 
ATOM   769  C C   . VAL A 1 122 ? -3.612  -6.084  6.151   1.00 54.74 ? 102 VAL A C   1 
ATOM   770  O O   . VAL A 1 122 ? -3.547  -6.115  4.942   1.00 54.52 ? 102 VAL A O   1 
ATOM   771  C CB  . VAL A 1 122 ? -1.910  -4.424  6.777   1.00 55.91 ? 102 VAL A CB  1 
ATOM   772  C CG1 . VAL A 1 122 ? -3.056  -3.367  7.037   1.00 53.60 ? 102 VAL A CG1 1 
ATOM   773  C CG2 . VAL A 1 122 ? -0.629  -4.012  7.668   1.00 48.63 ? 102 VAL A CG2 1 
ATOM   774  N N   . GLU A 1 123 ? -4.742  -6.252  6.821   1.00 54.82 ? 103 GLU A N   1 
ATOM   775  C CA  . GLU A 1 123 ? -6.052  -6.297  6.278   1.00 55.50 ? 103 GLU A CA  1 
ATOM   776  C C   . GLU A 1 123 ? -6.760  -4.997  6.678   1.00 56.49 ? 103 GLU A C   1 
ATOM   777  O O   . GLU A 1 123 ? -6.792  -4.594  7.816   1.00 55.54 ? 103 GLU A O   1 
ATOM   778  C CB  . GLU A 1 123 ? -6.850  -7.490  6.771   1.00 55.33 ? 103 GLU A CB  1 
ATOM   779  C CG  . GLU A 1 123 ? -8.192  -7.581  6.013   1.00 57.72 ? 103 GLU A CG  1 
ATOM   780  C CD  . GLU A 1 123 ? -9.055  -8.719  6.415   1.00 57.86 ? 103 GLU A CD  1 
ATOM   781  O OE1 . GLU A 1 123 ? -8.665  -9.438  7.374   1.00 59.10 ? 103 GLU A OE1 1 
ATOM   782  O OE2 . GLU A 1 123 ? -10.143 -8.905  5.760   1.00 60.53 ? 103 GLU A OE2 1 
ATOM   783  N N   . CYS A 1 124 ? -7.340  -4.347  5.676   1.00 56.76 ? 104 CYS A N   1 
ATOM   784  C CA  . CYS A 1 124 ? -7.988  -3.084  5.878   1.00 57.28 ? 104 CYS A CA  1 
ATOM   785  C C   . CYS A 1 124 ? -8.959  -2.747  4.774   1.00 57.30 ? 104 CYS A C   1 
ATOM   786  O O   . CYS A 1 124 ? -9.142  -3.512  3.826   1.00 55.60 ? 104 CYS A O   1 
ATOM   787  C CB  . CYS A 1 124 ? -6.965  -1.937  6.042   1.00 58.63 ? 104 CYS A CB  1 
ATOM   788  S SG  . CYS A 1 124 ? -6.059  -1.386  4.583   1.00 59.23 ? 104 CYS A SG  1 
ATOM   789  N N   . ARG A 1 125 ? -9.619  -1.616  4.958   1.00 57.33 ? 105 ARG A N   1 
ATOM   790  C CA  . ARG A 1 125 ? -10.333 -0.925  3.893   1.00 57.89 ? 105 ARG A CA  1 
ATOM   791  C C   . ARG A 1 125 ? -9.666  0.375   3.515   1.00 55.89 ? 105 ARG A C   1 
ATOM   792  O O   . ARG A 1 125 ? -8.867  0.899   4.284   1.00 57.85 ? 105 ARG A O   1 
ATOM   793  C CB  . ARG A 1 125 ? -11.722 -0.566  4.391   1.00 59.52 ? 105 ARG A CB  1 
ATOM   794  C CG  . ARG A 1 125 ? -12.535 -1.760  4.918   1.00 65.95 ? 105 ARG A CG  1 
ATOM   795  C CD  . ARG A 1 125 ? -13.288 -2.297  3.777   1.00 73.47 ? 105 ARG A CD  1 
ATOM   796  N NE  . ARG A 1 125 ? -13.903 -3.608  4.023   1.00 80.23 ? 105 ARG A NE  1 
ATOM   797  C CZ  . ARG A 1 125 ? -14.661 -4.256  3.116   1.00 82.11 ? 105 ARG A CZ  1 
ATOM   798  N NH1 . ARG A 1 125 ? -14.896 -3.700  1.886   1.00 81.65 ? 105 ARG A NH1 1 
ATOM   799  N NH2 . ARG A 1 125 ? -15.197 -5.450  3.439   1.00 81.48 ? 105 ARG A NH2 1 
ATOM   800  N N   . GLY A 1 126 ? -10.040 0.916   2.377   1.00 53.46 ? 106 GLY A N   1 
ATOM   801  C CA  . GLY A 1 126 ? -9.522  2.145   1.878   1.00 54.26 ? 106 GLY A CA  1 
ATOM   802  C C   . GLY A 1 126 ? -10.656 2.751   1.068   1.00 54.74 ? 106 GLY A C   1 
ATOM   803  O O   . GLY A 1 126 ? -11.425 2.041   0.409   1.00 53.96 ? 106 GLY A O   1 
ATOM   804  N N   . GLU A 1 127 ? -10.875 4.050   1.235   1.00 55.01 ? 107 GLU A N   1 
ATOM   805  C CA  . GLU A 1 127 ? -11.821 4.730   0.409   1.00 55.82 ? 107 GLU A CA  1 
ATOM   806  C C   . GLU A 1 127 ? -11.456 6.174   0.221   1.00 54.23 ? 107 GLU A C   1 
ATOM   807  O O   . GLU A 1 127 ? -10.776 6.767   1.041   1.00 53.93 ? 107 GLU A O   1 
ATOM   808  C CB  . GLU A 1 127 ? -13.274 4.585   0.943   1.00 55.84 ? 107 GLU A CB  1 
ATOM   809  C CG  . GLU A 1 127 ? -13.657 5.290   2.154   1.00 58.75 ? 107 GLU A CG  1 
ATOM   810  C CD  . GLU A 1 127 ? -15.217 5.245   2.420   1.00 60.80 ? 107 GLU A CD  1 
ATOM   811  O OE1 . GLU A 1 127 ? -15.813 4.154   2.674   1.00 60.81 ? 107 GLU A OE1 1 
ATOM   812  O OE2 . GLU A 1 127 ? -15.832 6.332   2.349   1.00 65.74 ? 107 GLU A OE2 1 
ATOM   813  N N   . GLY A 1 128 ? -11.969 6.740   -0.859  1.00 53.89 ? 108 GLY A N   1 
ATOM   814  C CA  . GLY A 1 128 ? -11.759 8.145   -1.112  1.00 53.76 ? 108 GLY A CA  1 
ATOM   815  C C   . GLY A 1 128 ? -12.209 8.484   -2.498  1.00 54.41 ? 108 GLY A C   1 
ATOM   816  O O   . GLY A 1 128 ? -12.705 7.601   -3.239  1.00 53.86 ? 108 GLY A O   1 
ATOM   817  N N   . ALA A 1 129 ? -12.054 9.755   -2.883  1.00 55.33 ? 109 ALA A N   1 
ATOM   818  C CA  . ALA A 1 129 ? -12.407 10.110  -4.304  1.00 54.50 ? 109 ALA A CA  1 
ATOM   819  C C   . ALA A 1 129 ? -11.341 9.572   -5.242  1.00 54.58 ? 109 ALA A C   1 
ATOM   820  O O   . ALA A 1 129 ? -10.162 9.363   -4.835  1.00 54.24 ? 109 ALA A O   1 
ATOM   821  C CB  . ALA A 1 129 ? -12.596 11.599  -4.491  1.00 54.99 ? 109 ALA A CB  1 
ATOM   822  N N   . ILE A 1 130 ? -11.799 9.257   -6.465  1.00 54.35 ? 110 ILE A N   1 
ATOM   823  C CA  . ILE A 1 130 ? -10.967 8.827   -7.580  1.00 54.94 ? 110 ILE A CA  1 
ATOM   824  C C   . ILE A 1 130 ? -11.064 9.894   -8.697  1.00 56.04 ? 110 ILE A C   1 
ATOM   825  O O   . ILE A 1 130 ? -12.175 10.260  -9.159  1.00 55.66 ? 110 ILE A O   1 
ATOM   826  C CB  . ILE A 1 130 ? -11.321 7.335   -8.084  1.00 54.85 ? 110 ILE A CB  1 
ATOM   827  C CG1 . ILE A 1 130 ? -10.310 6.853   -9.108  1.00 54.40 ? 110 ILE A CG1 1 
ATOM   828  C CG2 . ILE A 1 130 ? -12.761 7.192   -8.597  1.00 53.06 ? 110 ILE A CG2 1 
ATOM   829  C CD1 . ILE A 1 130 ? -9.905  5.438   -8.947  1.00 54.02 ? 110 ILE A CD1 1 
ATOM   830  N N   . VAL A 1 131 ? -9.906  10.440  -9.068  1.00 56.82 ? 111 VAL A N   1 
ATOM   831  C CA  . VAL A 1 131 ? -9.869  11.550  -10.038 1.00 58.09 ? 111 VAL A CA  1 
ATOM   832  C C   . VAL A 1 131 ? -8.995  11.088  -11.165 1.00 58.83 ? 111 VAL A C   1 
ATOM   833  O O   . VAL A 1 131 ? -7.762  11.277  -11.180 1.00 58.43 ? 111 VAL A O   1 
ATOM   834  C CB  . VAL A 1 131 ? -9.322  12.846  -9.414  1.00 58.22 ? 111 VAL A CB  1 
ATOM   835  C CG1 . VAL A 1 131 ? -9.889  14.048  -10.145 1.00 57.34 ? 111 VAL A CG1 1 
ATOM   836  C CG2 . VAL A 1 131 ? -9.661  12.912  -7.923  1.00 56.38 ? 111 VAL A CG2 1 
ATOM   837  N N   . PHE A 1 132 ? -9.590  10.342  -12.063 1.00 59.85 ? 112 PHE A N   1 
ATOM   838  C CA  . PHE A 1 132 ? -8.777  9.944   -13.207 1.00 61.92 ? 112 PHE A CA  1 
ATOM   839  C C   . PHE A 1 132 ? -8.987  11.000  -14.242 1.00 62.66 ? 112 PHE A C   1 
ATOM   840  O O   . PHE A 1 132 ? -10.082 11.577  -14.337 1.00 62.57 ? 112 PHE A O   1 
ATOM   841  C CB  . PHE A 1 132 ? -9.041  8.520   -13.659 1.00 61.81 ? 112 PHE A CB  1 
ATOM   842  C CG  . PHE A 1 132 ? -8.237  7.504   -12.893 1.00 62.97 ? 112 PHE A CG  1 
ATOM   843  C CD1 . PHE A 1 132 ? -8.119  6.191   -13.360 1.00 64.50 ? 112 PHE A CD1 1 
ATOM   844  C CD2 . PHE A 1 132 ? -7.560  7.848   -11.705 1.00 61.71 ? 112 PHE A CD2 1 
ATOM   845  C CE1 . PHE A 1 132 ? -7.371  5.256   -12.668 1.00 62.75 ? 112 PHE A CE1 1 
ATOM   846  C CE2 . PHE A 1 132 ? -6.818  6.952   -11.053 1.00 60.92 ? 112 PHE A CE2 1 
ATOM   847  C CZ  . PHE A 1 132 ? -6.731  5.635   -11.493 1.00 62.97 ? 112 PHE A CZ  1 
ATOM   848  N N   . PRO A 1 133 ? -7.950  11.300  -15.003 1.00 64.74 ? 113 PRO A N   1 
ATOM   849  C CA  . PRO A 1 133 ? -8.077  12.255  -16.099 1.00 64.33 ? 113 PRO A CA  1 
ATOM   850  C C   . PRO A 1 133 ? -8.959  11.722  -17.213 1.00 64.42 ? 113 PRO A C   1 
ATOM   851  O O   . PRO A 1 133 ? -8.848  10.579  -17.631 1.00 63.52 ? 113 PRO A O   1 
ATOM   852  C CB  . PRO A 1 133 ? -6.641  12.422  -16.564 1.00 64.80 ? 113 PRO A CB  1 
ATOM   853  C CG  . PRO A 1 133 ? -5.855  12.268  -15.331 1.00 65.76 ? 113 PRO A CG  1 
ATOM   854  C CD  . PRO A 1 133 ? -6.575  11.247  -14.488 1.00 64.72 ? 113 PRO A CD  1 
ATOM   855  N N   . GLY A 1 134 ? -9.857  12.571  -17.679 1.00 64.74 ? 114 GLY A N   1 
ATOM   856  C CA  . GLY A 1 134 ? -10.942 12.123  -18.550 1.00 64.71 ? 114 GLY A CA  1 
ATOM   857  C C   . GLY A 1 134 ? -11.558 10.762  -18.222 1.00 65.28 ? 114 GLY A C   1 
ATOM   858  O O   . GLY A 1 134 ? -11.804 9.938   -19.144 1.00 64.99 ? 114 GLY A O   1 
ATOM   859  N N   . TYR A 1 135 ? -11.729 10.492  -16.912 1.00 65.11 ? 115 TYR A N   1 
ATOM   860  C CA  . TYR A 1 135 ? -12.927 9.806   -16.437 1.00 64.94 ? 115 TYR A CA  1 
ATOM   861  C C   . TYR A 1 135 ? -13.562 10.738  -15.411 1.00 64.22 ? 115 TYR A C   1 
ATOM   862  O O   . TYR A 1 135 ? -12.844 11.445  -14.699 1.00 65.56 ? 115 TYR A O   1 
ATOM   863  C CB  . TYR A 1 135 ? -12.630 8.516   -15.734 1.00 65.43 ? 115 TYR A CB  1 
ATOM   864  C CG  . TYR A 1 135 ? -11.979 7.377   -16.482 1.00 66.49 ? 115 TYR A CG  1 
ATOM   865  C CD1 . TYR A 1 135 ? -10.597 7.179   -16.411 1.00 67.91 ? 115 TYR A CD1 1 
ATOM   866  C CD2 . TYR A 1 135 ? -12.742 6.413   -17.148 1.00 67.00 ? 115 TYR A CD2 1 
ATOM   867  C CE1 . TYR A 1 135 ? -9.962  6.071   -17.051 1.00 68.46 ? 115 TYR A CE1 1 
ATOM   868  C CE2 . TYR A 1 135 ? -12.124 5.291   -17.774 1.00 67.39 ? 115 TYR A CE2 1 
ATOM   869  C CZ  . TYR A 1 135 ? -10.729 5.117   -17.708 1.00 67.55 ? 115 TYR A CZ  1 
ATOM   870  O OH  . TYR A 1 135 ? -10.095 4.017   -18.290 1.00 67.41 ? 115 TYR A OH  1 
ATOM   871  N N   . PRO A 1 136 ? -14.895 10.700  -15.262 1.00 62.75 ? 116 PRO A N   1 
ATOM   872  C CA  . PRO A 1 136 ? -15.547 11.513  -14.198 1.00 61.93 ? 116 PRO A CA  1 
ATOM   873  C C   . PRO A 1 136 ? -15.035 11.223  -12.757 1.00 61.31 ? 116 PRO A C   1 
ATOM   874  O O   . PRO A 1 136 ? -14.569 10.094  -12.489 1.00 61.58 ? 116 PRO A O   1 
ATOM   875  C CB  . PRO A 1 136 ? -17.032 11.119  -14.295 1.00 61.86 ? 116 PRO A CB  1 
ATOM   876  C CG  . PRO A 1 136 ? -17.195 10.340  -15.559 1.00 61.75 ? 116 PRO A CG  1 
ATOM   877  C CD  . PRO A 1 136 ? -15.848 9.875   -16.031 1.00 62.36 ? 116 PRO A CD  1 
ATOM   878  N N   . ARG A 1 137 ? -15.129 12.223  -11.860 1.00 60.45 ? 117 ARG A N   1 
ATOM   879  C CA  . ARG A 1 137 ? -14.830 12.050  -10.449 0.50 60.13 ? 117 ARG A CA  1 
ATOM   880  C C   . ARG A 1 137 ? -15.773 10.981  -9.984  1.00 60.53 ? 117 ARG A C   1 
ATOM   881  O O   . ARG A 1 137 ? -16.937 11.002  -10.368 1.00 60.52 ? 117 ARG A O   1 
ATOM   882  C CB  . ARG A 1 137 ? -15.046 13.334  -9.627  0.50 59.98 ? 117 ARG A CB  1 
ATOM   883  C CG  . ARG A 1 137 ? -15.589 13.110  -8.164  0.50 58.75 ? 117 ARG A CG  1 
ATOM   884  C CD  . ARG A 1 137 ? -14.779 13.763  -7.015  0.50 56.11 ? 117 ARG A CD  1 
ATOM   885  N NE  . ARG A 1 137 ? -13.849 14.768  -7.502  0.50 55.62 ? 117 ARG A NE  1 
ATOM   886  C CZ  . ARG A 1 137 ? -12.949 15.411  -6.766  0.50 50.66 ? 117 ARG A CZ  1 
ATOM   887  N NH1 . ARG A 1 137 ? -12.851 15.236  -5.453  0.50 42.41 ? 117 ARG A NH1 1 
ATOM   888  N NH2 . ARG A 1 137 ? -12.162 16.290  -7.387  0.50 51.55 ? 117 ARG A NH2 1 
ATOM   889  N N   . GLY A 1 138 ? -15.249 10.031  -9.212  1.00 60.10 ? 118 GLY A N   1 
ATOM   890  C CA  . GLY A 1 138 ? -16.048 8.962   -8.617  1.00 60.58 ? 118 GLY A CA  1 
ATOM   891  C C   . GLY A 1 138 ? -15.623 8.774   -7.181  1.00 61.04 ? 118 GLY A C   1 
ATOM   892  O O   . GLY A 1 138 ? -14.616 9.352   -6.767  1.00 60.62 ? 118 GLY A O   1 
ATOM   893  N N   . GLN A 1 139 ? -16.397 7.968   -6.443  1.00 62.09 ? 119 GLN A N   1 
ATOM   894  C CA  . GLN A 1 139 ? -16.076 7.519   -5.108  1.00 61.48 ? 119 GLN A CA  1 
ATOM   895  C C   . GLN A 1 139 ? -15.594 6.056   -5.118  1.00 60.98 ? 119 GLN A C   1 
ATOM   896  O O   . GLN A 1 139 ? -16.335 5.133   -5.523  1.00 60.69 ? 119 GLN A O   1 
ATOM   897  C CB  . GLN A 1 139 ? -17.290 7.678   -4.172  1.00 62.29 ? 119 GLN A CB  1 
ATOM   898  C CG  . GLN A 1 139 ? -17.034 7.204   -2.638  1.00 66.03 ? 119 GLN A CG  1 
ATOM   899  C CD  . GLN A 1 139 ? -16.082 8.159   -1.793  1.00 71.64 ? 119 GLN A CD  1 
ATOM   900  O OE1 . GLN A 1 139 ? -15.768 9.296   -2.245  1.00 76.28 ? 119 GLN A OE1 1 
ATOM   901  N NE2 . GLN A 1 139 ? -15.690 7.723   -0.567  1.00 63.46 ? 119 GLN A NE2 1 
ATOM   902  N N   . TYR A 1 140 ? -14.354 5.842   -4.669  1.00 58.64 ? 120 TYR A N   1 
ATOM   903  C CA  . TYR A 1 140 ? -13.724 4.529   -4.777  1.00 58.78 ? 120 TYR A CA  1 
ATOM   904  C C   . TYR A 1 140 ? -13.573 3.924   -3.341  1.00 58.21 ? 120 TYR A C   1 
ATOM   905  O O   . TYR A 1 140 ? -13.111 4.600   -2.410  1.00 60.53 ? 120 TYR A O   1 
ATOM   906  C CB  . TYR A 1 140 ? -12.373 4.627   -5.544  1.00 58.41 ? 120 TYR A CB  1 
ATOM   907  C CG  . TYR A 1 140 ? -11.481 3.384   -5.565  1.00 57.76 ? 120 TYR A CG  1 
ATOM   908  C CD1 . TYR A 1 140 ? -11.982 2.147   -5.927  1.00 56.21 ? 120 TYR A CD1 1 
ATOM   909  C CD2 . TYR A 1 140 ? -10.120 3.466   -5.261  1.00 59.61 ? 120 TYR A CD2 1 
ATOM   910  C CE1 . TYR A 1 140 ? -11.162 1.014   -5.999  1.00 60.31 ? 120 TYR A CE1 1 
ATOM   911  C CE2 . TYR A 1 140 ? -9.281  2.318   -5.275  1.00 59.26 ? 120 TYR A CE2 1 
ATOM   912  C CZ  . TYR A 1 140 ? -9.811  1.101   -5.608  1.00 59.12 ? 120 TYR A CZ  1 
ATOM   913  O OH  . TYR A 1 140 ? -9.012  -0.013  -5.648  1.00 57.42 ? 120 TYR A OH  1 
ATOM   914  N N   . ARG A 1 141 ? -14.080 2.718   -3.165  1.00 56.75 ? 121 ARG A N   1 
ATOM   915  C CA  . ARG A 1 141 ? -13.896 1.966   -1.944  1.00 59.43 ? 121 ARG A CA  1 
ATOM   916  C C   . ARG A 1 141 ? -13.405 0.594   -2.271  1.00 56.65 ? 121 ARG A C   1 
ATOM   917  O O   . ARG A 1 141 ? -13.897 -0.019  -3.173  1.00 54.38 ? 121 ARG A O   1 
ATOM   918  C CB  . ARG A 1 141 ? -15.222 1.754   -1.166  1.00 58.70 ? 121 ARG A CB  1 
ATOM   919  C CG  . ARG A 1 141 ? -16.164 2.943   -1.111  1.00 65.38 ? 121 ARG A CG  1 
ATOM   920  C CD  . ARG A 1 141 ? -17.180 2.669   0.034   1.00 67.45 ? 121 ARG A CD  1 
ATOM   921  N NE  . ARG A 1 141 ? -18.086 3.778   0.324   1.00 71.05 ? 121 ARG A NE  1 
ATOM   922  C CZ  . ARG A 1 141 ? -19.315 3.892   -0.158  1.00 71.91 ? 121 ARG A CZ  1 
ATOM   923  N NH1 . ARG A 1 141 ? -19.809 2.998   -1.001  1.00 73.67 ? 121 ARG A NH1 1 
ATOM   924  N NH2 . ARG A 1 141 ? -20.061 4.912   0.204   1.00 72.03 ? 121 ARG A NH2 1 
ATOM   925  N N   . ASN A 1 142 ? -12.541 0.033   -1.429  1.00 56.45 ? 122 ASN A N   1 
ATOM   926  C CA  . ASN A 1 142 ? -12.090 -1.361  -1.641  1.00 56.00 ? 122 ASN A CA  1 
ATOM   927  C C   . ASN A 1 142 ? -11.635 -1.995  -0.342  1.00 56.84 ? 122 ASN A C   1 
ATOM   928  O O   . ASN A 1 142 ? -11.523 -1.312  0.665   1.00 55.35 ? 122 ASN A O   1 
ATOM   929  C CB  . ASN A 1 142 ? -10.945 -1.408  -2.681  1.00 54.70 ? 122 ASN A CB  1 
ATOM   930  C CG  . ASN A 1 142 ? -11.122 -2.570  -3.719  1.00 58.01 ? 122 ASN A CG  1 
ATOM   931  O OD1 . ASN A 1 142 ? -10.783 -2.412  -4.926  1.00 54.29 ? 122 ASN A OD1 1 
ATOM   932  N ND2 . ASN A 1 142 ? -11.701 -3.699  -3.269  1.00 52.41 ? 122 ASN A ND2 1 
ATOM   933  N N   . HIS A 1 143 ? -11.403 -3.304  -0.422  1.00 57.41 ? 123 HIS A N   1 
ATOM   934  C CA  . HIS A 1 143 ? -10.883 -4.114  0.595   1.00 58.56 ? 123 HIS A CA  1 
ATOM   935  C C   . HIS A 1 143 ? -9.436  -4.443  0.152   1.00 58.51 ? 123 HIS A C   1 
ATOM   936  O O   . HIS A 1 143 ? -9.165  -4.725  -1.058  1.00 58.79 ? 123 HIS A O   1 
ATOM   937  C CB  . HIS A 1 143 ? -11.746 -5.354  0.810   1.00 59.44 ? 123 HIS A CB  1 
ATOM   938  C CG  . HIS A 1 143 ? -11.213 -6.268  1.901   1.00 58.93 ? 123 HIS A CG  1 
ATOM   939  N ND1 . HIS A 1 143 ? -10.264 -7.229  1.646   1.00 66.21 ? 123 HIS A ND1 1 
ATOM   940  C CD2 . HIS A 1 143 ? -11.461 -6.338  3.227   1.00 64.58 ? 123 HIS A CD2 1 
ATOM   941  C CE1 . HIS A 1 143 ? -9.966  -7.869  2.770   1.00 67.93 ? 123 HIS A CE1 1 
ATOM   942  N NE2 . HIS A 1 143 ? -10.693 -7.361  3.746   1.00 65.68 ? 123 HIS A NE2 1 
ATOM   943  N N   . PHE A 1 144 ? -8.497  -4.221  1.067   1.00 55.98 ? 124 PHE A N   1 
ATOM   944  C CA  . PHE A 1 144 ? -7.114  -4.365  0.714   1.00 55.28 ? 124 PHE A CA  1 
ATOM   945  C C   . PHE A 1 144 ? -6.428  -5.312  1.653   1.00 55.40 ? 124 PHE A C   1 
ATOM   946  O O   . PHE A 1 144 ? -6.758  -5.405  2.786   1.00 56.35 ? 124 PHE A O   1 
ATOM   947  C CB  . PHE A 1 144 ? -6.384  -3.084  0.832   1.00 54.28 ? 124 PHE A CB  1 
ATOM   948  C CG  . PHE A 1 144 ? -6.803  -2.036  -0.119  1.00 54.77 ? 124 PHE A CG  1 
ATOM   949  C CD1 . PHE A 1 144 ? -7.954  -1.337  0.104   1.00 52.96 ? 124 PHE A CD1 1 
ATOM   950  C CD2 . PHE A 1 144 ? -6.068  -1.780  -1.298  1.00 56.09 ? 124 PHE A CD2 1 
ATOM   951  C CE1 . PHE A 1 144 ? -8.367  -0.366  -0.745  1.00 53.66 ? 124 PHE A CE1 1 
ATOM   952  C CE2 . PHE A 1 144 ? -6.451  -0.767  -2.158  1.00 53.35 ? 124 PHE A CE2 1 
ATOM   953  C CZ  . PHE A 1 144 ? -7.640  -0.072  -1.907  1.00 53.01 ? 124 PHE A CZ  1 
ATOM   954  N N   . LEU A 1 145 ? -5.452  -6.036  1.121   1.00 58.52 ? 125 LEU A N   1 
ATOM   955  C CA  . LEU A 1 145 ? -4.418  -6.758  1.902   0.70 56.39 ? 125 LEU A CA  1 
ATOM   956  C C   . LEU A 1 145 ? -3.098  -6.164  1.458   1.00 57.89 ? 125 LEU A C   1 
ATOM   957  O O   . LEU A 1 145 ? -2.908  -5.838  0.267   1.00 57.75 ? 125 LEU A O   1 
ATOM   958  C CB  . LEU A 1 145 ? -4.480  -8.220  1.559   0.70 56.26 ? 125 LEU A CB  1 
ATOM   959  C CG  . LEU A 1 145 ? -5.783  -8.985  1.865   0.70 55.67 ? 125 LEU A CG  1 
ATOM   960  C CD1 . LEU A 1 145 ? -5.617  -10.412 1.503   0.70 57.25 ? 125 LEU A CD1 1 
ATOM   961  C CD2 . LEU A 1 145 ? -6.260  -8.895  3.270   0.70 53.17 ? 125 LEU A CD2 1 
ATOM   962  N N   . HIS A 1 146 ? -2.214  -5.925  2.435   1.00 58.72 ? 126 HIS A N   1 
ATOM   963  C CA  . HIS A 1 146 ? -0.863  -5.331  2.268   1.00 57.83 ? 126 HIS A CA  1 
ATOM   964  C C   . HIS A 1 146 ? 0.152   -6.287  2.858   1.00 55.93 ? 126 HIS A C   1 
ATOM   965  O O   . HIS A 1 146 ? -0.075  -6.861  3.941   1.00 54.09 ? 126 HIS A O   1 
ATOM   966  C CB  . HIS A 1 146 ? -0.729  -4.018  3.075   1.00 59.02 ? 126 HIS A CB  1 
ATOM   967  C CG  . HIS A 1 146 ? -1.486  -2.851  2.511   1.00 58.69 ? 126 HIS A CG  1 
ATOM   968  N ND1 . HIS A 1 146 ? -0.903  -1.929  1.672   1.00 62.07 ? 126 HIS A ND1 1 
ATOM   969  C CD2 . HIS A 1 146 ? -2.768  -2.442  2.685   1.00 63.22 ? 126 HIS A CD2 1 
ATOM   970  C CE1 . HIS A 1 146 ? -1.798  -1.006  1.350   1.00 63.43 ? 126 HIS A CE1 1 
ATOM   971  N NE2 . HIS A 1 146 ? -2.949  -1.318  1.905   1.00 60.78 ? 126 HIS A NE2 1 
ATOM   972  N N   . SER A 1 147 ? 1.245   -6.474  2.128   1.00 55.61 ? 127 SER A N   1 
ATOM   973  C CA  . SER A 1 147 ? 2.388   -7.236  2.599   1.00 56.26 ? 127 SER A CA  1 
ATOM   974  C C   . SER A 1 147 ? 3.503   -6.232  2.816   1.00 56.61 ? 127 SER A C   1 
ATOM   975  O O   . SER A 1 147 ? 3.764   -5.394  1.959   1.00 56.82 ? 127 SER A O   1 
ATOM   976  C CB  . SER A 1 147 ? 2.756   -8.259  1.550   1.00 56.58 ? 127 SER A CB  1 
ATOM   977  O OG  . SER A 1 147 ? 4.038   -8.800  1.733   1.00 55.71 ? 127 SER A OG  1 
ATOM   978  N N   . PHE A 1 148 ? 4.133   -6.282  3.973   1.00 56.69 ? 128 PHE A N   1 
ATOM   979  C CA  . PHE A 1 148 ? 5.356   -5.478  4.260   1.00 55.46 ? 128 PHE A CA  1 
ATOM   980  C C   . PHE A 1 148 ? 6.517   -6.358  4.621   1.00 56.86 ? 128 PHE A C   1 
ATOM   981  O O   . PHE A 1 148 ? 6.465   -7.098  5.602   1.00 56.09 ? 128 PHE A O   1 
ATOM   982  C CB  . PHE A 1 148 ? 5.094   -4.597  5.446   1.00 55.70 ? 128 PHE A CB  1 
ATOM   983  C CG  . PHE A 1 148 ? 4.054   -3.534  5.210   1.00 55.67 ? 128 PHE A CG  1 
ATOM   984  C CD1 . PHE A 1 148 ? 4.420   -2.289  4.684   1.00 56.82 ? 128 PHE A CD1 1 
ATOM   985  C CD2 . PHE A 1 148 ? 2.700   -3.771  5.499   1.00 58.78 ? 128 PHE A CD2 1 
ATOM   986  C CE1 . PHE A 1 148 ? 3.471   -1.297  4.510   1.00 55.41 ? 128 PHE A CE1 1 
ATOM   987  C CE2 . PHE A 1 148 ? 1.738   -2.802  5.280   1.00 56.16 ? 128 PHE A CE2 1 
ATOM   988  C CZ  . PHE A 1 148 ? 2.098   -1.577  4.807   1.00 55.43 ? 128 PHE A CZ  1 
ATOM   989  N N   . ARG A 1 149 ? 7.594   -6.262  3.864   1.00 58.65 ? 129 ARG A N   1 
ATOM   990  C CA  . ARG A 1 149 ? 8.880   -6.902  4.253   1.00 60.05 ? 129 ARG A CA  1 
ATOM   991  C C   . ARG A 1 149 ? 9.899   -5.845  4.494   1.00 60.05 ? 129 ARG A C   1 
ATOM   992  O O   . ARG A 1 149 ? 10.000  -4.858  3.745   1.00 59.12 ? 129 ARG A O   1 
ATOM   993  C CB  . ARG A 1 149 ? 9.376   -7.887  3.179   1.00 59.93 ? 129 ARG A CB  1 
ATOM   994  C CG  . ARG A 1 149 ? 8.295   -8.839  2.749   1.00 61.86 ? 129 ARG A CG  1 
ATOM   995  C CD  . ARG A 1 149 ? 8.777   -9.792  1.712   1.00 65.04 ? 129 ARG A CD  1 
ATOM   996  N NE  . ARG A 1 149 ? 9.951   -10.494 2.257   1.00 70.37 ? 129 ARG A NE  1 
ATOM   997  C CZ  . ARG A 1 149 ? 10.500  -11.599 1.740   1.00 69.92 ? 129 ARG A CZ  1 
ATOM   998  N NH1 . ARG A 1 149 ? 10.008  -12.165 0.639   1.00 73.13 ? 129 ARG A NH1 1 
ATOM   999  N NH2 . ARG A 1 149 ? 11.533  -12.155 2.338   1.00 66.90 ? 129 ARG A NH2 1 
ATOM   1000 N N   . PHE A 1 150 ? 10.644  -6.055  5.572   1.00 61.42 ? 130 PHE A N   1 
ATOM   1001 C CA  . PHE A 1 150 ? 11.595  -5.068  6.098   1.00 62.48 ? 130 PHE A CA  1 
ATOM   1002 C C   . PHE A 1 150 ? 13.037  -5.561  5.942   1.00 62.89 ? 130 PHE A C   1 
ATOM   1003 O O   . PHE A 1 150 ? 13.287  -6.735  5.913   1.00 62.07 ? 130 PHE A O   1 
ATOM   1004 C CB  . PHE A 1 150 ? 11.357  -4.806  7.592   1.00 62.86 ? 130 PHE A CB  1 
ATOM   1005 C CG  . PHE A 1 150 ? 10.136  -4.012  7.881   1.00 63.06 ? 130 PHE A CG  1 
ATOM   1006 C CD1 . PHE A 1 150 ? 10.227  -2.638  8.152   1.00 63.41 ? 130 PHE A CD1 1 
ATOM   1007 C CD2 . PHE A 1 150 ? 8.889   -4.635  7.944   1.00 63.00 ? 130 PHE A CD2 1 
ATOM   1008 C CE1 . PHE A 1 150 ? 9.099   -1.905  8.452   1.00 65.83 ? 130 PHE A CE1 1 
ATOM   1009 C CE2 . PHE A 1 150 ? 7.722   -3.900  8.207   1.00 65.23 ? 130 PHE A CE2 1 
ATOM   1010 C CZ  . PHE A 1 150 ? 7.805   -2.535  8.448   1.00 64.39 ? 130 PHE A CZ  1 
ATOM   1011 N N   . GLU A 1 151 ? 13.952  -4.608  5.843   1.00 64.34 ? 131 GLU A N   1 
ATOM   1012 C CA  . GLU A 1 151 ? 15.391  -4.843  5.795   1.00 65.02 ? 131 GLU A CA  1 
ATOM   1013 C C   . GLU A 1 151 ? 16.004  -3.721  6.579   1.00 64.55 ? 131 GLU A C   1 
ATOM   1014 O O   . GLU A 1 151 ? 15.804  -2.565  6.242   1.00 64.62 ? 131 GLU A O   1 
ATOM   1015 C CB  . GLU A 1 151 ? 15.876  -4.760  4.356   1.00 65.54 ? 131 GLU A CB  1 
ATOM   1016 C CG  . GLU A 1 151 ? 17.314  -5.196  4.107   1.00 68.73 ? 131 GLU A CG  1 
ATOM   1017 C CD  . GLU A 1 151 ? 17.573  -5.267  2.608   1.00 73.24 ? 131 GLU A CD  1 
ATOM   1018 O OE1 . GLU A 1 151 ? 17.748  -4.176  1.996   1.00 75.55 ? 131 GLU A OE1 1 
ATOM   1019 O OE2 . GLU A 1 151 ? 17.533  -6.399  2.043   1.00 76.60 ? 131 GLU A OE2 1 
ATOM   1020 N N   . ASN A 1 152 ? 16.758  -4.046  7.620   1.00 64.88 ? 132 ASN A N   1 
ATOM   1021 C CA  . ASN A 1 152 ? 17.325  -3.016  8.510   1.00 64.74 ? 132 ASN A CA  1 
ATOM   1022 C C   . ASN A 1 152 ? 16.268  -1.969  9.011   1.00 64.28 ? 132 ASN A C   1 
ATOM   1023 O O   . ASN A 1 152 ? 16.570  -0.810  9.162   1.00 64.84 ? 132 ASN A O   1 
ATOM   1024 C CB  . ASN A 1 152 ? 18.533  -2.334  7.819   1.00 65.13 ? 132 ASN A CB  1 
ATOM   1025 C CG  . ASN A 1 152 ? 19.672  -3.363  7.369   1.00 67.15 ? 132 ASN A CG  1 
ATOM   1026 O OD1 . ASN A 1 152 ? 19.711  -4.530  7.802   1.00 69.43 ? 132 ASN A OD1 1 
ATOM   1027 N ND2 . ASN A 1 152 ? 20.587  -2.899  6.502   1.00 65.96 ? 132 ASN A ND2 1 
ATOM   1028 N N   . GLY A 1 153 ? 15.028  -2.381  9.273   1.00 63.50 ? 133 GLY A N   1 
ATOM   1029 C CA  . GLY A 1 153 ? 14.047  -1.482  9.892   1.00 63.11 ? 133 GLY A CA  1 
ATOM   1030 C C   . GLY A 1 153 ? 13.394  -0.482  8.951   1.00 62.91 ? 133 GLY A C   1 
ATOM   1031 O O   . GLY A 1 153 ? 12.658  0.418   9.401   1.00 62.13 ? 133 GLY A O   1 
ATOM   1032 N N   . LEU A 1 154 ? 13.660  -0.634  7.648   1.00 62.62 ? 134 LEU A N   1 
ATOM   1033 C CA  . LEU A 1 154 ? 12.982  0.124   6.604   1.00 62.81 ? 134 LEU A CA  1 
ATOM   1034 C C   . LEU A 1 154 ? 12.253  -0.837  5.694   1.00 62.58 ? 134 LEU A C   1 
ATOM   1035 O O   . LEU A 1 154 ? 12.620  -2.003  5.624   1.00 63.89 ? 134 LEU A O   1 
ATOM   1036 C CB  . LEU A 1 154 ? 13.988  0.912   5.792   1.00 63.29 ? 134 LEU A CB  1 
ATOM   1037 C CG  . LEU A 1 154 ? 14.492  2.122   6.572   1.00 65.14 ? 134 LEU A CG  1 
ATOM   1038 C CD1 . LEU A 1 154 ? 15.721  2.739   5.935   1.00 64.12 ? 134 LEU A CD1 1 
ATOM   1039 C CD2 . LEU A 1 154 ? 13.326  3.137   6.713   1.00 65.79 ? 134 LEU A CD2 1 
ATOM   1040 N N   . ILE A 1 155 ? 11.251  -0.356  4.974   1.00 61.27 ? 135 ILE A N   1 
ATOM   1041 C CA  . ILE A 1 155 ? 10.447  -1.231  4.110   1.00 60.70 ? 135 ILE A CA  1 
ATOM   1042 C C   . ILE A 1 155 ? 11.169  -1.563  2.825   1.00 60.57 ? 135 ILE A C   1 
ATOM   1043 O O   . ILE A 1 155 ? 11.359  -0.694  1.969   1.00 59.95 ? 135 ILE A O   1 
ATOM   1044 C CB  . ILE A 1 155 ? 9.049   -0.629  3.723   1.00 60.22 ? 135 ILE A CB  1 
ATOM   1045 C CG1 . ILE A 1 155 ? 8.180   -0.447  4.965   1.00 59.07 ? 135 ILE A CG1 1 
ATOM   1046 C CG2 . ILE A 1 155 ? 8.390   -1.579  2.735   1.00 59.56 ? 135 ILE A CG2 1 
ATOM   1047 C CD1 . ILE A 1 155 ? 7.217   0.710   4.949   1.00 57.95 ? 135 ILE A CD1 1 
ATOM   1048 N N   . LYS A 1 156 ? 11.558  -2.831  2.696   1.00 59.97 ? 136 LYS A N   1 
ATOM   1049 C CA  . LYS A 1 156 ? 12.214  -3.300  1.524   1.00 59.79 ? 136 LYS A CA  1 
ATOM   1050 C C   . LYS A 1 156 ? 11.228  -3.609  0.393   1.00 59.50 ? 136 LYS A C   1 
ATOM   1051 O O   . LYS A 1 156 ? 11.613  -3.435  -0.766  1.00 58.10 ? 136 LYS A O   1 
ATOM   1052 C CB  . LYS A 1 156 ? 13.049  -4.559  1.860   1.00 61.88 ? 136 LYS A CB  1 
ATOM   1053 C CG  . LYS A 1 156 ? 13.672  -5.243  0.637   1.00 63.75 ? 136 LYS A CG  1 
ATOM   1054 C CD  . LYS A 1 156 ? 14.603  -4.246  -0.131  1.00 67.33 ? 136 LYS A CD  1 
ATOM   1055 C CE  . LYS A 1 156 ? 15.384  -4.931  -1.312  1.00 68.48 ? 136 LYS A CE  1 
ATOM   1056 N NZ  . LYS A 1 156 ? 15.454  -4.046  -2.554  1.00 70.59 ? 136 LYS A NZ  1 
ATOM   1057 N N   . GLU A 1 157 ? 9.990   -4.064  0.741   1.00 58.30 ? 137 GLU A N   1 
ATOM   1058 C CA  . GLU A 1 157 ? 8.936   -4.424  -0.228  1.00 58.46 ? 137 GLU A CA  1 
ATOM   1059 C C   . GLU A 1 157 ? 7.560   -4.283  0.389   1.00 57.97 ? 137 GLU A C   1 
ATOM   1060 O O   . GLU A 1 157 ? 7.232   -4.998  1.340   1.00 58.27 ? 137 GLU A O   1 
ATOM   1061 C CB  . GLU A 1 157 ? 9.059   -5.882  -0.717  1.00 57.93 ? 137 GLU A CB  1 
ATOM   1062 C CG  . GLU A 1 157 ? 8.278   -6.192  -1.961  1.00 59.40 ? 137 GLU A CG  1 
ATOM   1063 C CD  . GLU A 1 157 ? 8.144   -7.699  -2.223  1.00 61.61 ? 137 GLU A CD  1 
ATOM   1064 O OE1 . GLU A 1 157 ? 8.606   -8.137  -3.295  1.00 67.18 ? 137 GLU A OE1 1 
ATOM   1065 O OE2 . GLU A 1 157 ? 7.547   -8.444  -1.382  1.00 68.83 ? 137 GLU A OE2 1 
ATOM   1066 N N   . GLN A 1 158 ? 6.767   -3.363  -0.139  1.00 56.88 ? 138 GLN A N   1 
ATOM   1067 C CA  . GLN A 1 158 ? 5.366   -3.267  0.201   1.00 57.20 ? 138 GLN A CA  1 
ATOM   1068 C C   . GLN A 1 158 ? 4.615   -3.739  -1.001  1.00 56.48 ? 138 GLN A C   1 
ATOM   1069 O O   . GLN A 1 158 ? 4.958   -3.350  -2.094  1.00 55.57 ? 138 GLN A O   1 
ATOM   1070 C CB  . GLN A 1 158 ? 4.963   -1.816  0.545   1.00 57.19 ? 138 GLN A CB  1 
ATOM   1071 C CG  . GLN A 1 158 ? 3.512   -1.615  0.942   1.00 60.85 ? 138 GLN A CG  1 
ATOM   1072 C CD  . GLN A 1 158 ? 2.533   -1.320  -0.228  1.00 64.90 ? 138 GLN A CD  1 
ATOM   1073 O OE1 . GLN A 1 158 ? 1.324   -1.465  -0.048  1.00 69.64 ? 138 GLN A OE1 1 
ATOM   1074 N NE2 . GLN A 1 158 ? 3.043   -0.877  -1.379  1.00 63.59 ? 138 GLN A NE2 1 
ATOM   1075 N N   . ARG A 1 159 ? 3.566   -4.547  -0.802  1.00 56.60 ? 139 ARG A N   1 
ATOM   1076 C CA  . ARG A 1 159 ? 2.678   -4.941  -1.889  1.00 56.46 ? 139 ARG A CA  1 
ATOM   1077 C C   . ARG A 1 159 ? 1.248   -4.847  -1.445  1.00 56.07 ? 139 ARG A C   1 
ATOM   1078 O O   . ARG A 1 159 ? 0.962   -5.274  -0.361  1.00 55.67 ? 139 ARG A O   1 
ATOM   1079 C CB  . ARG A 1 159 ? 2.934   -6.398  -2.352  1.00 57.04 ? 139 ARG A CB  1 
ATOM   1080 C CG  . ARG A 1 159 ? 4.289   -6.668  -2.843  1.00 54.54 ? 139 ARG A CG  1 
ATOM   1081 C CD  . ARG A 1 159 ? 4.594   -8.198  -3.009  1.00 56.43 ? 139 ARG A CD  1 
ATOM   1082 N NE  . ARG A 1 159 ? 4.332   -8.975  -1.812  1.00 55.74 ? 139 ARG A NE  1 
ATOM   1083 C CZ  . ARG A 1 159 ? 4.031   -10.271 -1.777  1.00 56.66 ? 139 ARG A CZ  1 
ATOM   1084 N NH1 . ARG A 1 159 ? 3.868   -11.011 -2.892  1.00 56.14 ? 139 ARG A NH1 1 
ATOM   1085 N NH2 . ARG A 1 159 ? 3.864   -10.854 -0.604  1.00 56.96 ? 139 ARG A NH2 1 
ATOM   1086 N N   . GLU A 1 160 ? 0.356   -4.306  -2.298  1.00 57.22 ? 140 GLU A N   1 
ATOM   1087 C CA  . GLU A 1 160 ? -1.082  -4.323  -2.029  1.00 58.71 ? 140 GLU A CA  1 
ATOM   1088 C C   . GLU A 1 160 ? -1.879  -5.114  -2.993  1.00 58.24 ? 140 GLU A C   1 
ATOM   1089 O O   . GLU A 1 160 ? -1.557  -5.167  -4.178  1.00 56.45 ? 140 GLU A O   1 
ATOM   1090 C CB  . GLU A 1 160 ? -1.728  -2.918  -1.937  1.00 61.43 ? 140 GLU A CB  1 
ATOM   1091 C CG  . GLU A 1 160 ? -1.581  -2.075  -3.053  1.00 64.39 ? 140 GLU A CG  1 
ATOM   1092 C CD  . GLU A 1 160 ? -1.856  -0.645  -2.663  1.00 73.20 ? 140 GLU A CD  1 
ATOM   1093 O OE1 . GLU A 1 160 ? -0.938  -0.008  -2.032  1.00 77.53 ? 140 GLU A OE1 1 
ATOM   1094 O OE2 . GLU A 1 160 ? -3.005  -0.195  -2.959  1.00 72.82 ? 140 GLU A OE2 1 
ATOM   1095 N N   . PHE A 1 161 ? -2.943  -5.721  -2.438  1.00 57.77 ? 141 PHE A N   1 
ATOM   1096 C CA  . PHE A 1 161 ? -3.820  -6.666  -3.130  1.00 59.03 ? 141 PHE A CA  1 
ATOM   1097 C C   . PHE A 1 161 ? -5.292  -6.225  -2.891  1.00 59.88 ? 141 PHE A C   1 
ATOM   1098 O O   . PHE A 1 161 ? -5.735  -6.080  -1.758  1.00 59.63 ? 141 PHE A O   1 
ATOM   1099 C CB  . PHE A 1 161 ? -3.663  -8.086  -2.578  1.00 59.85 ? 141 PHE A CB  1 
ATOM   1100 C CG  . PHE A 1 161 ? -2.278  -8.652  -2.704  1.00 58.39 ? 141 PHE A CG  1 
ATOM   1101 C CD1 . PHE A 1 161 ? -1.303  -8.366  -1.716  1.00 61.11 ? 141 PHE A CD1 1 
ATOM   1102 C CD2 . PHE A 1 161 ? -1.938  -9.419  -3.800  1.00 58.54 ? 141 PHE A CD2 1 
ATOM   1103 C CE1 . PHE A 1 161 ? -0.010  -8.887  -1.789  1.00 60.49 ? 141 PHE A CE1 1 
ATOM   1104 C CE2 . PHE A 1 161 ? -0.631  -9.917  -3.901  1.00 59.93 ? 141 PHE A CE2 1 
ATOM   1105 C CZ  . PHE A 1 161 ? 0.327   -9.632  -2.895  1.00 59.97 ? 141 PHE A CZ  1 
ATOM   1106 N N   . MET A 1 162 ? -6.003  -5.948  -3.967  1.00 58.73 ? 142 MET A N   1 
ATOM   1107 C CA  . MET A 1 162 ? -7.386  -5.515  -3.855  1.00 58.93 ? 142 MET A CA  1 
ATOM   1108 C C   . MET A 1 162 ? -8.144  -6.183  -5.006  1.00 58.10 ? 142 MET A C   1 
ATOM   1109 O O   . MET A 1 162 ? -7.589  -6.985  -5.720  1.00 59.85 ? 142 MET A O   1 
ATOM   1110 C CB  . MET A 1 162 ? -7.448  -3.991  -3.875  1.00 58.21 ? 142 MET A CB  1 
ATOM   1111 C CG  . MET A 1 162 ? -6.678  -3.276  -5.009  1.00 60.87 ? 142 MET A CG  1 
ATOM   1112 S SD  . MET A 1 162 ? -7.366  -3.676  -6.619  1.00 64.65 ? 142 MET A SD  1 
ATOM   1113 C CE  . MET A 1 162 ? -7.020  -2.224  -7.602  1.00 61.93 ? 142 MET A CE  1 
ATOM   1114 N N   . ASN A 1 163 ? -9.419  -5.937  -5.138  1.00 57.31 ? 143 ASN A N   1 
ATOM   1115 C CA  . ASN A 1 163 ? -10.179 -6.503  -6.228  1.00 57.78 ? 143 ASN A CA  1 
ATOM   1116 C C   . ASN A 1 163 ? -10.290 -5.384  -7.321  1.00 57.38 ? 143 ASN A C   1 
ATOM   1117 O O   . ASN A 1 163 ? -10.941 -4.366  -7.102  1.00 58.19 ? 143 ASN A O   1 
ATOM   1118 C CB  . ASN A 1 163 ? -11.570 -6.934  -5.717  1.00 57.77 ? 143 ASN A CB  1 
ATOM   1119 C CG  . ASN A 1 163 ? -12.493 -7.347  -6.845  1.00 59.16 ? 143 ASN A CG  1 
ATOM   1120 O OD1 . ASN A 1 163 ? -12.107 -7.275  -7.981  1.00 55.33 ? 143 ASN A OD1 1 
ATOM   1121 N ND2 . ASN A 1 163 ? -13.705 -7.776  -6.526  1.00 58.78 ? 143 ASN A ND2 1 
ATOM   1122 N N   . PRO A 1 164 ? -9.610  -5.537  -8.472  1.00 56.54 ? 144 PRO A N   1 
ATOM   1123 C CA  . PRO A 1 164 ? -9.692  -4.489  -9.469  1.00 55.77 ? 144 PRO A CA  1 
ATOM   1124 C C   . PRO A 1 164 ? -11.096 -4.179  -9.956  1.00 56.61 ? 144 PRO A C   1 
ATOM   1125 O O   . PRO A 1 164 ? -11.285 -3.127  -10.548 1.00 55.76 ? 144 PRO A O   1 
ATOM   1126 C CB  . PRO A 1 164 ? -8.869  -5.090  -10.639 1.00 56.84 ? 144 PRO A CB  1 
ATOM   1127 C CG  . PRO A 1 164 ? -7.840  -5.979  -9.894  1.00 55.04 ? 144 PRO A CG  1 
ATOM   1128 C CD  . PRO A 1 164 ? -8.750  -6.640  -8.941  1.00 56.02 ? 144 PRO A CD  1 
ATOM   1129 N N   . CYS A 1 165 ? -12.071 -5.064  -9.756  1.00 57.39 ? 145 CYS A N   1 
ATOM   1130 C CA  . CYS A 1 165 ? -13.427 -4.807  -10.264 1.00 58.88 ? 145 CYS A CA  1 
ATOM   1131 C C   . CYS A 1 165 ? -14.081 -3.581  -9.628  1.00 59.80 ? 145 CYS A C   1 
ATOM   1132 O O   . CYS A 1 165 ? -14.868 -2.823  -10.281 1.00 61.17 ? 145 CYS A O   1 
ATOM   1133 C CB  . CYS A 1 165 ? -14.344 -6.013  -10.071 1.00 58.36 ? 145 CYS A CB  1 
ATOM   1134 S SG  . CYS A 1 165 ? -13.897 -7.355  -11.156 1.00 64.82 ? 145 CYS A SG  1 
ATOM   1135 N N   . GLU A 1 166 ? -13.742 -3.384  -8.359  1.00 61.17 ? 146 GLU A N   1 
ATOM   1136 C CA  . GLU A 1 166 ? -14.287 -2.281  -7.591  1.00 61.47 ? 146 GLU A CA  1 
ATOM   1137 C C   . GLU A 1 166 ? -13.871 -0.947  -8.103  1.00 60.33 ? 146 GLU A C   1 
ATOM   1138 O O   . GLU A 1 166 ? -14.594 0.017   -7.929  1.00 60.63 ? 146 GLU A O   1 
ATOM   1139 C CB  . GLU A 1 166 ? -13.911 -2.464  -6.129  1.00 61.77 ? 146 GLU A CB  1 
ATOM   1140 C CG  . GLU A 1 166 ? -14.660 -3.669  -5.510  1.00 65.81 ? 146 GLU A CG  1 
ATOM   1141 C CD  . GLU A 1 166 ? -16.203 -3.451  -5.489  1.00 72.61 ? 146 GLU A CD  1 
ATOM   1142 O OE1 . GLU A 1 166 ? -16.679 -2.480  -4.826  1.00 76.77 ? 146 GLU A OE1 1 
ATOM   1143 O OE2 . GLU A 1 166 ? -16.939 -4.227  -6.151  1.00 74.08 ? 146 GLU A OE2 1 
ATOM   1144 N N   . GLN A 1 167 ? -12.713 -0.891  -8.745  1.00 60.17 ? 147 GLN A N   1 
ATOM   1145 C CA  . GLN A 1 167 ? -12.177 0.355   -9.286  1.00 60.58 ? 147 GLN A CA  1 
ATOM   1146 C C   . GLN A 1 167 ? -12.854 0.655   -10.617 1.00 60.34 ? 147 GLN A C   1 
ATOM   1147 O O   . GLN A 1 167 ? -13.214 1.815   -10.879 1.00 59.23 ? 147 GLN A O   1 
ATOM   1148 C CB  . GLN A 1 167 ? -10.658 0.241   -9.436  1.00 60.27 ? 147 GLN A CB  1 
ATOM   1149 C CG  . GLN A 1 167 ? -9.926  1.554   -9.761  1.00 62.84 ? 147 GLN A CG  1 
ATOM   1150 C CD  . GLN A 1 167 ? -8.394  1.400   -9.821  1.00 63.87 ? 147 GLN A CD  1 
ATOM   1151 O OE1 . GLN A 1 167 ? -7.885  0.777   -10.745 1.00 71.65 ? 147 GLN A OE1 1 
ATOM   1152 N NE2 . GLN A 1 167 ? -7.670  1.969   -8.851  1.00 64.09 ? 147 GLN A NE2 1 
ATOM   1153 N N   . PHE A 1 168 ? -13.052 -0.396  -11.414 1.00 60.54 ? 148 PHE A N   1 
ATOM   1154 C CA  . PHE A 1 168 ? -13.785 -0.287  -12.664 1.00 63.46 ? 148 PHE A CA  1 
ATOM   1155 C C   . PHE A 1 168 ? -15.170 0.348   -12.707 1.00 62.10 ? 148 PHE A C   1 
ATOM   1156 O O   . PHE A 1 168 ? -15.390 1.201   -13.511 1.00 62.93 ? 148 PHE A O   1 
ATOM   1157 C CB  . PHE A 1 168 ? -14.120 -1.686  -13.289 1.00 64.83 ? 148 PHE A CB  1 
ATOM   1158 C CG  . PHE A 1 168 ? -12.906 -2.509  -13.745 1.00 66.62 ? 148 PHE A CG  1 
ATOM   1159 C CD1 . PHE A 1 168 ? -11.676 -1.915  -14.094 1.00 67.94 ? 148 PHE A CD1 1 
ATOM   1160 C CD2 . PHE A 1 168 ? -13.040 -3.894  -13.916 1.00 67.97 ? 148 PHE A CD2 1 
ATOM   1161 C CE1 . PHE A 1 168 ? -10.589 -2.718  -14.568 1.00 66.80 ? 148 PHE A CE1 1 
ATOM   1162 C CE2 . PHE A 1 168 ? -11.967 -4.679  -14.378 1.00 66.66 ? 148 PHE A CE2 1 
ATOM   1163 C CZ  . PHE A 1 168 ? -10.744 -4.078  -14.698 1.00 66.50 ? 148 PHE A CZ  1 
ATOM   1164 N N   . ARG A 1 169 ? -16.049 -0.105  -11.826 1.00 62.18 ? 149 ARG A N   1 
ATOM   1165 C CA  . ARG A 1 169 ? -17.166 0.525   -11.137 1.00 62.03 ? 149 ARG A CA  1 
ATOM   1166 C C   . ARG A 1 169 ? -17.057 1.977   -10.725 1.00 61.49 ? 149 ARG A C   1 
ATOM   1167 O O   . ARG A 1 169 ? -17.932 2.770   -11.026 1.00 62.63 ? 149 ARG A O   1 
ATOM   1168 C CB  . ARG A 1 169 ? -17.546 -0.283  -9.918  1.00 63.04 ? 149 ARG A CB  1 
ATOM   1169 C CG  . ARG A 1 169 ? -18.429 -1.439  -10.192 1.00 65.81 ? 149 ARG A CG  1 
ATOM   1170 C CD  . ARG A 1 169 ? -18.852 -2.075  -8.901  1.00 67.90 ? 149 ARG A CD  1 
ATOM   1171 N NE  . ARG A 1 169 ? -19.518 -3.340  -9.142  1.00 70.58 ? 149 ARG A NE  1 
ATOM   1172 C CZ  . ARG A 1 169 ? -18.952 -4.528  -8.985  1.00 71.33 ? 149 ARG A CZ  1 
ATOM   1173 N NH1 . ARG A 1 169 ? -17.697 -4.630  -8.565  1.00 66.16 ? 149 ARG A NH1 1 
ATOM   1174 N NH2 . ARG A 1 169 ? -19.651 -5.616  -9.240  1.00 71.45 ? 149 ARG A NH2 1 
ATOM   1175 N N   . SER A 1 170 ? -16.021 2.318   -9.979  1.00 61.00 ? 150 SER A N   1 
ATOM   1176 C CA  . SER A 1 170 ? -15.872 3.674   -9.487  1.00 60.70 ? 150 SER A CA  1 
ATOM   1177 C C   . SER A 1 170 ? -15.534 4.695   -10.619 1.00 59.84 ? 150 SER A C   1 
ATOM   1178 O O   . SER A 1 170 ? -15.613 5.913   -10.414 1.00 58.92 ? 150 SER A O   1 
ATOM   1179 C CB  . SER A 1 170 ? -14.878 3.752   -8.348  1.00 59.24 ? 150 SER A CB  1 
ATOM   1180 O OG  . SER A 1 170 ? -13.569 3.674   -8.831  1.00 61.02 ? 150 SER A OG  1 
ATOM   1181 N N   . LEU A 1 171 ? -15.174 4.168   -11.781 1.00 59.98 ? 151 LEU A N   1 
ATOM   1182 C CA  . LEU A 1 171 ? -14.850 4.947   -12.950 1.00 60.14 ? 151 LEU A CA  1 
ATOM   1183 C C   . LEU A 1 171 ? -15.923 4.859   -14.038 1.00 60.55 ? 151 LEU A C   1 
ATOM   1184 O O   . LEU A 1 171 ? -15.694 5.323   -15.146 1.00 59.31 ? 151 LEU A O   1 
ATOM   1185 C CB  . LEU A 1 171 ? -13.532 4.419   -13.516 1.00 60.07 ? 151 LEU A CB  1 
ATOM   1186 C CG  . LEU A 1 171 ? -12.271 4.608   -12.705 1.00 58.79 ? 151 LEU A CG  1 
ATOM   1187 C CD1 . LEU A 1 171 ? -11.265 3.616   -13.242 1.00 59.93 ? 151 LEU A CD1 1 
ATOM   1188 C CD2 . LEU A 1 171 ? -11.756 6.061   -12.774 1.00 56.65 ? 151 LEU A CD2 1 
ATOM   1189 N N   . GLY A 1 172 ? -17.055 4.215   -13.745 1.00 61.74 ? 152 GLY A N   1 
ATOM   1190 C CA  . GLY A 1 172 ? -18.127 4.038   -14.748 1.00 62.86 ? 152 GLY A CA  1 
ATOM   1191 C C   . GLY A 1 172 ? -17.802 3.092   -15.901 1.00 64.04 ? 152 GLY A C   1 
ATOM   1192 O O   . GLY A 1 172 ? -18.468 3.127   -16.980 1.00 66.38 ? 152 GLY A O   1 
ATOM   1193 N N   . ILE A 1 173 ? -16.751 2.304   -15.682 1.00 66.08 ? 153 ILE A N   1 
ATOM   1194 C CA  . ILE A 1 173 ? -16.318 1.186   -16.502 1.00 66.11 ? 153 ILE A CA  1 
ATOM   1195 C C   . ILE A 1 173 ? -17.084 -0.031  -16.001 1.00 67.60 ? 153 ILE A C   1 
ATOM   1196 O O   . ILE A 1 173 ? -17.127 -0.350  -14.796 1.00 66.84 ? 153 ILE A O   1 
ATOM   1197 C CB  . ILE A 1 173 ? -14.790 0.872   -16.259 1.00 67.00 ? 153 ILE A CB  1 
ATOM   1198 C CG1 . ILE A 1 173 ? -13.891 1.933   -16.901 1.00 66.62 ? 153 ILE A CG1 1 
ATOM   1199 C CG2 . ILE A 1 173 ? -14.396 -0.539  -16.779 1.00 65.80 ? 153 ILE A CG2 1 
ATOM   1200 C CD1 . ILE A 1 173 ? -12.487 1.966   -16.291 1.00 64.64 ? 153 ILE A CD1 1 
ATOM   1201 N N   . GLU A 1 174 ? -17.629 -0.737  -16.967 1.00 69.10 ? 154 GLU A N   1 
ATOM   1202 C CA  . GLU A 1 174 ? -18.530 -1.841  -16.759 1.00 70.66 ? 154 GLU A CA  1 
ATOM   1203 C C   . GLU A 1 174 ? -17.708 -3.098  -16.460 1.00 70.93 ? 154 GLU A C   1 
ATOM   1204 O O   . GLU A 1 174 ? -16.604 -3.262  -16.972 1.00 70.46 ? 154 GLU A O   1 
ATOM   1205 C CB  . GLU A 1 174 ? -19.352 -2.014  -18.029 1.00 71.26 ? 154 GLU A CB  1 
ATOM   1206 C CG  . GLU A 1 174 ? -20.768 -2.481  -17.847 1.00 73.83 ? 154 GLU A CG  1 
ATOM   1207 C CD  . GLU A 1 174 ? -21.077 -3.643  -18.779 1.00 77.09 ? 154 GLU A CD  1 
ATOM   1208 O OE1 . GLU A 1 174 ? -20.469 -4.738  -18.536 1.00 79.30 ? 154 GLU A OE1 1 
ATOM   1209 O OE2 . GLU A 1 174 ? -21.897 -3.455  -19.721 1.00 73.10 ? 154 GLU A OE2 1 
ATOM   1210 N N   . VAL A 1 175 ? -18.256 -3.966  -15.620 1.00 71.63 ? 155 VAL A N   1 
ATOM   1211 C CA  . VAL A 1 175 ? -17.532 -5.133  -15.089 1.00 72.07 ? 155 VAL A CA  1 
ATOM   1212 C C   . VAL A 1 175 ? -18.234 -6.328  -15.679 1.00 73.39 ? 155 VAL A C   1 
ATOM   1213 O O   . VAL A 1 175 ? -19.460 -6.388  -15.664 1.00 73.85 ? 155 VAL A O   1 
ATOM   1214 C CB  . VAL A 1 175 ? -17.576 -5.181  -13.533 1.00 71.25 ? 155 VAL A CB  1 
ATOM   1215 C CG1 . VAL A 1 175 ? -16.831 -6.440  -12.963 1.00 69.71 ? 155 VAL A CG1 1 
ATOM   1216 C CG2 . VAL A 1 175 ? -17.005 -3.915  -12.981 1.00 70.06 ? 155 VAL A CG2 1 
ATOM   1217 N N   . PRO A 1 176 ? -17.469 -7.244  -16.267 1.00 75.17 ? 156 PRO A N   1 
ATOM   1218 C CA  . PRO A 1 176 ? -18.088 -8.404  -16.882 1.00 76.14 ? 156 PRO A CA  1 
ATOM   1219 C C   . PRO A 1 176 ? -18.615 -9.423  -15.875 1.00 77.55 ? 156 PRO A C   1 
ATOM   1220 O O   . PRO A 1 176 ? -18.136 -9.539  -14.761 1.00 77.89 ? 156 PRO A O   1 
ATOM   1221 C CB  . PRO A 1 176 ? -16.977 -8.984  -17.758 1.00 75.95 ? 156 PRO A CB  1 
ATOM   1222 C CG  . PRO A 1 176 ? -15.691 -8.460  -17.177 1.00 76.16 ? 156 PRO A CG  1 
ATOM   1223 C CD  . PRO A 1 176 ? -15.996 -7.231  -16.399 1.00 75.60 ? 156 PRO A CD  1 
ATOM   1224 N N   . GLU A 1 177 ? -19.617 -10.162 -16.290 1.00 79.65 ? 157 GLU A N   1 
ATOM   1225 C CA  . GLU A 1 177 ? -20.239 -11.130 -15.430 1.00 81.46 ? 157 GLU A CA  1 
ATOM   1226 C C   . GLU A 1 177 ? -19.721 -12.507 -15.761 1.00 82.54 ? 157 GLU A C   1 
ATOM   1227 O O   . GLU A 1 177 ? -19.879 -13.014 -16.893 1.00 83.12 ? 157 GLU A O   1 
ATOM   1228 C CB  . GLU A 1 177 ? -21.757 -11.125 -15.610 1.00 81.83 ? 157 GLU A CB  1 
ATOM   1229 C CG  . GLU A 1 177 ? -22.544 -10.640 -14.406 1.00 82.31 ? 157 GLU A CG  1 
ATOM   1230 C CD  . GLU A 1 177 ? -24.039 -10.813 -14.620 1.00 82.14 ? 157 GLU A CD  1 
ATOM   1231 O OE1 . GLU A 1 177 ? -24.525 -10.491 -15.731 1.00 82.22 ? 157 GLU A OE1 1 
ATOM   1232 O OE2 . GLU A 1 177 ? -24.720 -11.277 -13.680 1.00 83.50 ? 157 GLU A OE2 1 
ATOM   1233 N N   . VAL A 1 178 ? -19.110 -13.105 -14.753 1.00 83.83 ? 158 VAL A N   1 
ATOM   1234 C CA  . VAL A 1 178 ? -18.946 -14.541 -14.706 1.00 84.68 ? 158 VAL A CA  1 
ATOM   1235 C C   . VAL A 1 178 ? -20.277 -15.117 -14.261 1.00 85.22 ? 158 VAL A C   1 
ATOM   1236 O O   . VAL A 1 178 ? -20.788 -14.735 -13.210 1.00 85.64 ? 158 VAL A O   1 
ATOM   1237 C CB  . VAL A 1 178 ? -17.898 -14.942 -13.676 1.00 84.69 ? 158 VAL A CB  1 
ATOM   1238 C CG1 . VAL A 1 178 ? -17.989 -16.437 -13.394 1.00 84.94 ? 158 VAL A CG1 1 
ATOM   1239 C CG2 . VAL A 1 178 ? -16.509 -14.534 -14.158 1.00 84.72 ? 158 VAL A CG2 1 
ATOM   1240 N N   . ARG A 1 179 ? -20.820 -16.036 -15.051 1.00 85.82 ? 159 ARG A N   1 
ATOM   1241 C CA  . ARG A 1 179 ? -22.078 -16.689 -14.720 1.00 86.42 ? 159 ARG A CA  1 
ATOM   1242 C C   . ARG A 1 179 ? -21.787 -18.143 -14.382 1.00 87.04 ? 159 ARG A C   1 
ATOM   1243 O O   . ARG A 1 179 ? -21.696 -19.002 -15.268 1.00 87.20 ? 159 ARG A O   1 
ATOM   1244 C CB  . ARG A 1 179 ? -23.068 -16.565 -15.865 1.00 86.29 ? 159 ARG A CB  1 
ATOM   1245 C CG  . ARG A 1 179 ? -22.406 -16.486 -17.207 1.00 86.74 ? 159 ARG A CG  1 
ATOM   1246 C CD  . ARG A 1 179 ? -23.391 -16.501 -18.333 1.00 86.54 ? 159 ARG A CD  1 
ATOM   1247 N NE  . ARG A 1 179 ? -22.779 -15.942 -19.533 1.00 86.51 ? 159 ARG A NE  1 
ATOM   1248 C CZ  . ARG A 1 179 ? -22.403 -16.631 -20.614 1.00 88.17 ? 159 ARG A CZ  1 
ATOM   1249 N NH1 . ARG A 1 179 ? -22.568 -17.952 -20.711 1.00 88.86 ? 159 ARG A NH1 1 
ATOM   1250 N NH2 . ARG A 1 179 ? -21.864 -15.978 -21.637 1.00 88.36 ? 159 ARG A NH2 1 
ATOM   1251 N N   . ARG A 1 180 ? -21.650 -18.391 -13.081 1.00 87.60 ? 160 ARG A N   1 
ATOM   1252 C CA  . ARG A 1 180 ? -21.177 -19.656 -12.540 1.00 88.13 ? 160 ARG A CA  1 
ATOM   1253 C C   . ARG A 1 180 ? -22.311 -20.667 -12.433 1.00 88.21 ? 160 ARG A C   1 
ATOM   1254 O O   . ARG A 1 180 ? -22.665 -21.107 -11.335 1.00 88.27 ? 160 ARG A O   1 
ATOM   1255 C CB  . ARG A 1 180 ? -20.593 -19.415 -11.148 1.00 88.27 ? 160 ARG A CB  1 
ATOM   1256 C CG  . ARG A 1 180 ? -19.536 -18.317 -11.077 1.00 89.14 ? 160 ARG A CG  1 
ATOM   1257 C CD  . ARG A 1 180 ? -19.125 -18.063 -9.634  1.00 89.69 ? 160 ARG A CD  1 
ATOM   1258 N NE  . ARG A 1 180 ? -17.751 -17.577 -9.482  1.00 90.68 ? 160 ARG A NE  1 
ATOM   1259 C CZ  . ARG A 1 180 ? -17.309 -16.371 -9.848  1.00 91.21 ? 160 ARG A CZ  1 
ATOM   1260 N NH1 . ARG A 1 180 ? -18.112 -15.480 -10.435 1.00 91.32 ? 160 ARG A NH1 1 
ATOM   1261 N NH2 . ARG A 1 180 ? -16.033 -16.059 -9.627  1.00 91.30 ? 160 ARG A NH2 1 
HETATM 1262 O O   . HOH B 2 .   ? -0.699  5.605   3.987   1.00 57.12 ? 166 HOH A O   1 
HETATM 1263 O O   . HOH B 2 .   ? -5.137  6.349   6.549   1.00 70.79 ? 167 HOH A O   1 
HETATM 1264 O O   . HOH B 2 .   ? -4.016  7.866   3.102   1.00 66.70 ? 168 HOH A O   1 
HETATM 1265 O O   . HOH B 2 .   ? -0.434  11.481  8.495   1.00 55.83 ? 169 HOH A O   1 
HETATM 1266 O O   . HOH B 2 .   ? -8.168  12.225  8.906   1.00 62.76 ? 170 HOH A O   1 
HETATM 1267 O O   . HOH B 2 .   ? -2.301  17.396  5.012   1.00 56.48 ? 171 HOH A O   1 
HETATM 1268 O O   . HOH B 2 .   ? -5.186  11.569  2.363   1.00 60.08 ? 172 HOH A O   1 
HETATM 1269 O O   . HOH B 2 .   ? 5.146   10.931  5.828   1.00 56.37 ? 173 HOH A O   1 
HETATM 1270 O O   . HOH B 2 .   ? 6.070   9.582   -0.394  1.00 72.33 ? 174 HOH A O   1 
HETATM 1271 O O   . HOH B 2 .   ? 3.910   2.225   -1.235  1.00 75.19 ? 175 HOH A O   1 
HETATM 1272 O O   . HOH B 2 .   ? -0.307  1.671   -0.348  1.00 75.27 ? 176 HOH A O   1 
HETATM 1273 O O   . HOH B 2 .   ? -6.962  -2.600  -13.194 1.00 78.50 ? 177 HOH A O   1 
HETATM 1274 O O   . HOH B 2 .   ? -0.227  8.050   -1.125  1.00 61.60 ? 178 HOH A O   1 
HETATM 1275 O O   . HOH B 2 .   ? -11.933 9.020   2.190   1.00 63.16 ? 179 HOH A O   1 
HETATM 1276 O O   . HOH B 2 .   ? -8.982  9.696   -2.493  1.00 53.12 ? 180 HOH A O   1 
HETATM 1277 O O   . HOH B 2 .   ? -11.618 3.405   4.538   1.00 73.55 ? 181 HOH A O   1 
HETATM 1278 O O   . HOH B 2 .   ? -9.796  -5.295  8.641   1.00 65.38 ? 182 HOH A O   1 
HETATM 1279 O O   . HOH B 2 .   ? 6.347   -10.102 12.256  1.00 58.94 ? 183 HOH A O   1 
HETATM 1280 O O   . HOH B 2 .   ? 11.059  -11.348 5.652   1.00 75.47 ? 184 HOH A O   1 
HETATM 1281 O O   . HOH B 2 .   ? -16.130 1.225   -5.564  1.00 65.84 ? 185 HOH A O   1 
HETATM 1282 O O   . HOH B 2 .   ? 5.838   -7.744  0.545   1.00 55.79 ? 186 HOH A O   1 
HETATM 1283 O O   . HOH B 2 .   ? -5.016  7.996   11.310  1.00 84.52 ? 187 HOH A O   1 
HETATM 1284 O O   . HOH B 2 .   ? -6.565  0.311   -6.049  1.00 76.24 ? 188 HOH A O   1 
HETATM 1285 O O   . HOH B 2 .   ? -2.527  -9.026  -11.015 1.00 78.42 ? 189 HOH A O   1 
HETATM 1286 O O   . HOH B 2 .   ? -7.683  -8.385  -1.450  1.00 77.58 ? 190 HOH A O   1 
HETATM 1287 O O   . HOH B 2 .   ? -7.615  -9.471  -4.321  0.50 69.42 ? 191 HOH A O   1 
HETATM 1288 O O   . HOH B 2 .   ? -10.310 -6.616  -2.625  1.00 83.44 ? 192 HOH A O   1 
HETATM 1289 O O   . HOH B 2 .   ? -8.355  1.350   11.607  1.00 63.19 ? 193 HOH A O   1 
HETATM 1290 O O   . HOH B 2 .   ? 14.149  -11.791 7.927   1.00 59.20 ? 194 HOH A O   1 
HETATM 1291 O O   . HOH B 2 .   ? -13.940 0.358   1.734   1.00 63.71 ? 195 HOH A O   1 
HETATM 1292 O O   . HOH B 2 .   ? -14.037 2.321   3.728   1.00 70.51 ? 196 HOH A O   1 
HETATM 1293 O O   . HOH B 2 .   ? 7.869   -11.276 -1.223  1.00 65.30 ? 197 HOH A O   1 
HETATM 1294 O O   . HOH B 2 .   ? 7.336   -10.643 -4.621  1.00 76.32 ? 198 HOH A O   1 
HETATM 1295 O O   . HOH B 2 .   ? -4.943  2.414   -9.229  1.00 66.52 ? 199 HOH A O   1 
# 
loop_
_pdbx_poly_seq_scheme.asym_id 
_pdbx_poly_seq_scheme.entity_id 
_pdbx_poly_seq_scheme.seq_id 
_pdbx_poly_seq_scheme.mon_id 
_pdbx_poly_seq_scheme.ndb_seq_num 
_pdbx_poly_seq_scheme.pdb_seq_num 
_pdbx_poly_seq_scheme.auth_seq_num 
_pdbx_poly_seq_scheme.pdb_mon_id 
_pdbx_poly_seq_scheme.auth_mon_id 
_pdbx_poly_seq_scheme.pdb_strand_id 
_pdbx_poly_seq_scheme.pdb_ins_code 
_pdbx_poly_seq_scheme.hetero 
A 1 1   MET 1   -19 ?   ?   ?   A . n 
A 1 2   GLY 2   -18 ?   ?   ?   A . n 
A 1 3   SER 3   -17 ?   ?   ?   A . n 
A 1 4   SER 4   -16 ?   ?   ?   A . n 
A 1 5   HIS 5   -15 ?   ?   ?   A . n 
A 1 6   HIS 6   -14 ?   ?   ?   A . n 
A 1 7   HIS 7   -13 ?   ?   ?   A . n 
A 1 8   HIS 8   -12 ?   ?   ?   A . n 
A 1 9   HIS 9   -11 ?   ?   ?   A . n 
A 1 10  HIS 10  -10 ?   ?   ?   A . n 
A 1 11  SER 11  -9  ?   ?   ?   A . n 
A 1 12  SER 12  -8  ?   ?   ?   A . n 
A 1 13  GLY 13  -7  ?   ?   ?   A . n 
A 1 14  LEU 14  -6  ?   ?   ?   A . n 
A 1 15  VAL 15  -5  ?   ?   ?   A . n 
A 1 16  PRO 16  -4  ?   ?   ?   A . n 
A 1 17  ARG 17  -3  ?   ?   ?   A . n 
A 1 18  GLY 18  -2  ?   ?   ?   A . n 
A 1 19  SER 19  -1  ?   ?   ?   A . n 
A 1 20  HIS 20  0   ?   ?   ?   A . n 
A 1 21  MET 21  1   ?   ?   ?   A . n 
A 1 22  SER 22  2   ?   ?   ?   A . n 
A 1 23  ASP 23  3   ?   ?   ?   A . n 
A 1 24  VAL 24  4   ?   ?   ?   A . n 
A 1 25  GLU 25  5   ?   ?   ?   A . n 
A 1 26  SER 26  6   ?   ?   ?   A . n 
A 1 27  LEU 27  7   ?   ?   ?   A . n 
A 1 28  GLU 28  8   ?   ?   ?   A . n 
A 1 29  ASN 29  9   ?   ?   ?   A . n 
A 1 30  THR 30  10  10  THR THR A . n 
A 1 31  SER 31  11  11  SER SER A . n 
A 1 32  GLU 32  12  12  GLU GLU A . n 
A 1 33  ASN 33  13  13  ASN ASN A . n 
A 1 34  ARG 34  14  14  ARG ARG A . n 
A 1 35  ALA 35  15  15  ALA ALA A . n 
A 1 36  GLN 36  16  16  GLN GLN A . n 
A 1 37  VAL 37  17  17  VAL VAL A . n 
A 1 38  ALA 38  18  18  ALA ALA A . n 
A 1 39  ALA 39  19  19  ALA ALA A . n 
A 1 40  ARG 40  20  20  ARG ARG A . n 
A 1 41  GLN 41  21  21  GLN GLN A . n 
A 1 42  HIS 42  22  22  HIS HIS A . n 
A 1 43  ASN 43  23  23  ASN ASN A . n 
A 1 44  ARG 44  24  24  ARG ARG A . n 
A 1 45  LYS 45  25  25  LYS LYS A . n 
A 1 46  ILE 46  26  26  ILE ILE A . n 
A 1 47  VAL 47  27  27  VAL VAL A . n 
A 1 48  GLU 48  28  28  GLU GLU A . n 
A 1 49  GLN 49  29  29  GLN GLN A . n 
A 1 50  TYR 50  30  30  TYR TYR A . n 
A 1 51  MET 51  31  31  MET MET A . n 
A 1 52  HIS 52  32  32  HIS HIS A . n 
A 1 53  THR 53  33  33  THR THR A . n 
A 1 54  ARG 54  34  34  ARG ARG A . n 
A 1 55  GLY 55  35  35  GLY GLY A . n 
A 1 56  GLU 56  36  36  GLU GLU A . n 
A 1 57  ALA 57  37  37  ALA ALA A . n 
A 1 58  ARG 58  38  38  ARG ARG A . n 
A 1 59  LEU 59  39  39  LEU LEU A . n 
A 1 60  LYS 60  40  40  LYS LYS A . n 
A 1 61  ARG 61  41  41  ARG ARG A . n 
A 1 62  HIS 62  42  42  HIS HIS A . n 
A 1 63  LEU 63  43  43  LEU LEU A . n 
A 1 64  LEU 64  44  44  LEU LEU A . n 
A 1 65  PHE 65  45  45  PHE PHE A . n 
A 1 66  THR 66  46  46  THR THR A . n 
A 1 67  GLU 67  47  47  GLU GLU A . n 
A 1 68  ASP 68  48  48  ASP ASP A . n 
A 1 69  GLY 69  49  49  GLY GLY A . n 
A 1 70  VAL 70  50  50  VAL VAL A . n 
A 1 71  GLY 71  51  51  GLY GLY A . n 
A 1 72  GLY 72  52  52  GLY GLY A . n 
A 1 73  LEU 73  53  53  LEU LEU A . n 
A 1 74  TRP 74  54  54  TRP TRP A . n 
A 1 75  THR 75  55  55  THR THR A . n 
A 1 76  THR 76  56  56  THR THR A . n 
A 1 77  ASP 77  57  57  ASP ASP A . n 
A 1 78  SER 78  58  58  SER SER A . n 
A 1 79  GLY 79  59  59  GLY GLY A . n 
A 1 80  GLN 80  60  60  GLN GLN A . n 
A 1 81  PRO 81  61  61  PRO PRO A . n 
A 1 82  ILE 82  62  62  ILE ILE A . n 
A 1 83  ALA 83  63  63  ALA ALA A . n 
A 1 84  ILE 84  64  64  ILE ILE A . n 
A 1 85  ARG 85  65  65  ARG ARG A . n 
A 1 86  GLY 86  66  66  GLY GLY A . n 
A 1 87  ARG 87  67  67  ARG ARG A . n 
A 1 88  GLU 88  68  68  GLU GLU A . n 
A 1 89  LYS 89  69  69  LYS LYS A . n 
A 1 90  LEU 90  70  70  LEU LEU A . n 
A 1 91  GLY 91  71  71  GLY GLY A . n 
A 1 92  GLU 92  72  72  GLU GLU A . n 
A 1 93  HIS 93  73  73  HIS HIS A . n 
A 1 94  ALA 94  74  74  ALA ALA A . n 
A 1 95  VAL 95  75  75  VAL VAL A . n 
A 1 96  TRP 96  76  76  TRP TRP A . n 
A 1 97  SER 97  77  77  SER SER A . n 
A 1 98  LEU 98  78  78  LEU LEU A . n 
A 1 99  GLN 99  79  79  GLN GLN A . n 
A 1 100 CYS 100 80  80  CYS CYS A . n 
A 1 101 PHE 101 81  81  PHE PHE A . n 
A 1 102 PRO 102 82  82  PRO PRO A . n 
A 1 103 ASP 103 83  83  ASP ASP A . n 
A 1 104 TRP 104 84  84  TRP TRP A . n 
A 1 105 VAL 105 85  85  VAL VAL A . n 
A 1 106 TRP 106 86  86  TRP TRP A . n 
A 1 107 THR 107 87  87  THR THR A . n 
A 1 108 ASP 108 88  88  ASP ASP A . n 
A 1 109 ILE 109 89  89  ILE ILE A . n 
A 1 110 GLN 110 90  90  GLN GLN A . n 
A 1 111 ILE 111 91  91  ILE ILE A . n 
A 1 112 PHE 112 92  92  PHE PHE A . n 
A 1 113 GLU 113 93  93  GLU GLU A . n 
A 1 114 THR 114 94  94  THR THR A . n 
A 1 115 GLN 115 95  95  GLN GLN A . n 
A 1 116 ASP 116 96  96  ASP ASP A . n 
A 1 117 PRO 117 97  97  PRO PRO A . n 
A 1 118 ASN 118 98  98  ASN ASN A . n 
A 1 119 TRP 119 99  99  TRP TRP A . n 
A 1 120 PHE 120 100 100 PHE PHE A . n 
A 1 121 TRP 121 101 101 TRP TRP A . n 
A 1 122 VAL 122 102 102 VAL VAL A . n 
A 1 123 GLU 123 103 103 GLU GLU A . n 
A 1 124 CYS 124 104 104 CYS CYS A . n 
A 1 125 ARG 125 105 105 ARG ARG A . n 
A 1 126 GLY 126 106 106 GLY GLY A . n 
A 1 127 GLU 127 107 107 GLU GLU A . n 
A 1 128 GLY 128 108 108 GLY GLY A . n 
A 1 129 ALA 129 109 109 ALA ALA A . n 
A 1 130 ILE 130 110 110 ILE ILE A . n 
A 1 131 VAL 131 111 111 VAL VAL A . n 
A 1 132 PHE 132 112 112 PHE PHE A . n 
A 1 133 PRO 133 113 113 PRO PRO A . n 
A 1 134 GLY 134 114 114 GLY GLY A . n 
A 1 135 TYR 135 115 115 TYR TYR A . n 
A 1 136 PRO 136 116 116 PRO PRO A . n 
A 1 137 ARG 137 117 117 ARG ARG A . n 
A 1 138 GLY 138 118 118 GLY GLY A . n 
A 1 139 GLN 139 119 119 GLN GLN A . n 
A 1 140 TYR 140 120 120 TYR TYR A . n 
A 1 141 ARG 141 121 121 ARG ARG A . n 
A 1 142 ASN 142 122 122 ASN ASN A . n 
A 1 143 HIS 143 123 123 HIS HIS A . n 
A 1 144 PHE 144 124 124 PHE PHE A . n 
A 1 145 LEU 145 125 125 LEU LEU A . n 
A 1 146 HIS 146 126 126 HIS HIS A . n 
A 1 147 SER 147 127 127 SER SER A . n 
A 1 148 PHE 148 128 128 PHE PHE A . n 
A 1 149 ARG 149 129 129 ARG ARG A . n 
A 1 150 PHE 150 130 130 PHE PHE A . n 
A 1 151 GLU 151 131 131 GLU GLU A . n 
A 1 152 ASN 152 132 132 ASN ASN A . n 
A 1 153 GLY 153 133 133 GLY GLY A . n 
A 1 154 LEU 154 134 134 LEU LEU A . n 
A 1 155 ILE 155 135 135 ILE ILE A . n 
A 1 156 LYS 156 136 136 LYS LYS A . n 
A 1 157 GLU 157 137 137 GLU GLU A . n 
A 1 158 GLN 158 138 138 GLN GLN A . n 
A 1 159 ARG 159 139 139 ARG ARG A . n 
A 1 160 GLU 160 140 140 GLU GLU A . n 
A 1 161 PHE 161 141 141 PHE PHE A . n 
A 1 162 MET 162 142 142 MET MET A . n 
A 1 163 ASN 163 143 143 ASN ASN A . n 
A 1 164 PRO 164 144 144 PRO PRO A . n 
A 1 165 CYS 165 145 145 CYS CYS A . n 
A 1 166 GLU 166 146 146 GLU GLU A . n 
A 1 167 GLN 167 147 147 GLN GLN A . n 
A 1 168 PHE 168 148 148 PHE PHE A . n 
A 1 169 ARG 169 149 149 ARG ARG A . n 
A 1 170 SER 170 150 150 SER SER A . n 
A 1 171 LEU 171 151 151 LEU LEU A . n 
A 1 172 GLY 172 152 152 GLY GLY A . n 
A 1 173 ILE 173 153 153 ILE ILE A . n 
A 1 174 GLU 174 154 154 GLU GLU A . n 
A 1 175 VAL 175 155 155 VAL VAL A . n 
A 1 176 PRO 176 156 156 PRO PRO A . n 
A 1 177 GLU 177 157 157 GLU GLU A . n 
A 1 178 VAL 178 158 158 VAL VAL A . n 
A 1 179 ARG 179 159 159 ARG ARG A . n 
A 1 180 ARG 180 160 160 ARG ARG A . n 
A 1 181 ASP 181 161 ?   ?   ?   A . n 
A 1 182 GLY 182 162 ?   ?   ?   A . n 
A 1 183 LEU 183 163 ?   ?   ?   A . n 
A 1 184 PRO 184 164 ?   ?   ?   A . n 
A 1 185 SER 185 165 ?   ?   ?   A . n 
# 
loop_
_pdbx_nonpoly_scheme.asym_id 
_pdbx_nonpoly_scheme.entity_id 
_pdbx_nonpoly_scheme.mon_id 
_pdbx_nonpoly_scheme.ndb_seq_num 
_pdbx_nonpoly_scheme.pdb_seq_num 
_pdbx_nonpoly_scheme.auth_seq_num 
_pdbx_nonpoly_scheme.pdb_mon_id 
_pdbx_nonpoly_scheme.auth_mon_id 
_pdbx_nonpoly_scheme.pdb_strand_id 
_pdbx_nonpoly_scheme.pdb_ins_code 
B 2 HOH 1  166 1  HOH HOH A . 
B 2 HOH 2  167 2  HOH HOH A . 
B 2 HOH 3  168 3  HOH HOH A . 
B 2 HOH 4  169 4  HOH HOH A . 
B 2 HOH 5  170 5  HOH HOH A . 
B 2 HOH 6  171 6  HOH HOH A . 
B 2 HOH 7  172 7  HOH HOH A . 
B 2 HOH 8  173 8  HOH HOH A . 
B 2 HOH 9  174 9  HOH HOH A . 
B 2 HOH 10 175 10 HOH HOH A . 
B 2 HOH 11 176 11 HOH HOH A . 
B 2 HOH 12 177 12 HOH HOH A . 
B 2 HOH 13 178 13 HOH HOH A . 
B 2 HOH 14 179 14 HOH HOH A . 
B 2 HOH 15 180 15 HOH HOH A . 
B 2 HOH 16 181 16 HOH HOH A . 
B 2 HOH 17 182 17 HOH HOH A . 
B 2 HOH 18 183 18 HOH HOH A . 
B 2 HOH 19 184 19 HOH HOH A . 
B 2 HOH 20 185 20 HOH HOH A . 
B 2 HOH 21 186 21 HOH HOH A . 
B 2 HOH 22 187 22 HOH HOH A . 
B 2 HOH 23 188 23 HOH HOH A . 
B 2 HOH 24 189 24 HOH HOH A . 
B 2 HOH 25 190 25 HOH HOH A . 
B 2 HOH 26 191 26 HOH HOH A . 
B 2 HOH 27 192 27 HOH HOH A . 
B 2 HOH 28 193 28 HOH HOH A . 
B 2 HOH 29 194 29 HOH HOH A . 
B 2 HOH 30 195 30 HOH HOH A . 
B 2 HOH 31 196 31 HOH HOH A . 
B 2 HOH 32 197 32 HOH HOH A . 
B 2 HOH 33 198 33 HOH HOH A . 
B 2 HOH 34 199 34 HOH HOH A . 
# 
_pdbx_struct_assembly.id                   1 
_pdbx_struct_assembly.details              author_and_software_defined_assembly 
_pdbx_struct_assembly.method_details       PISA 
_pdbx_struct_assembly.oligomeric_details   dimeric 
_pdbx_struct_assembly.oligomeric_count     2 
# 
_pdbx_struct_assembly_gen.assembly_id       1 
_pdbx_struct_assembly_gen.oper_expression   1,2 
_pdbx_struct_assembly_gen.asym_id_list      A,B 
# 
loop_
_pdbx_struct_assembly_prop.biol_id 
_pdbx_struct_assembly_prop.type 
_pdbx_struct_assembly_prop.value 
_pdbx_struct_assembly_prop.details 
1 'ABSA (A^2)' 3460  ? 
1 MORE         -16   ? 
1 'SSA (A^2)'  14630 ? 
# 
loop_
_pdbx_struct_oper_list.id 
_pdbx_struct_oper_list.type 
_pdbx_struct_oper_list.name 
_pdbx_struct_oper_list.symmetry_operation 
_pdbx_struct_oper_list.matrix[1][1] 
_pdbx_struct_oper_list.matrix[1][2] 
_pdbx_struct_oper_list.matrix[1][3] 
_pdbx_struct_oper_list.vector[1] 
_pdbx_struct_oper_list.matrix[2][1] 
_pdbx_struct_oper_list.matrix[2][2] 
_pdbx_struct_oper_list.matrix[2][3] 
_pdbx_struct_oper_list.vector[2] 
_pdbx_struct_oper_list.matrix[3][1] 
_pdbx_struct_oper_list.matrix[3][2] 
_pdbx_struct_oper_list.matrix[3][3] 
_pdbx_struct_oper_list.vector[3] 
1 'identity operation'         1_555 x,y,z       1.0000000000  0.0000000000  0.0000000000 0.0000000000  0.0000000000  1.0000000000  0.0000000000  0.0000000000   0.0000000000 0.0000000000  1.0000000000 0.0000000000  
2 'crystal symmetry operation' 3_554 -x,y,-z-1/2 -0.5481657877 -0.2046890041 0.8109356823 -9.5130177346 -0.2046890041 -0.9072722090 -0.3673684123 -21.4401465320 0.8109356823 -0.3673684123 0.4554379967 -0.1112978112 
# 
loop_
_pdbx_audit_revision_history.ordinal 
_pdbx_audit_revision_history.data_content_type 
_pdbx_audit_revision_history.major_revision 
_pdbx_audit_revision_history.minor_revision 
_pdbx_audit_revision_history.revision_date 
1 'Structure model' 1 0 2008-12-30 
2 'Structure model' 1 1 2011-07-13 
3 'Structure model' 1 2 2023-11-01 
# 
_pdbx_audit_revision_details.ordinal             1 
_pdbx_audit_revision_details.revision_ordinal    1 
_pdbx_audit_revision_details.data_content_type   'Structure model' 
_pdbx_audit_revision_details.provider            repository 
_pdbx_audit_revision_details.type                'Initial release' 
_pdbx_audit_revision_details.description         ? 
_pdbx_audit_revision_details.details             ? 
# 
loop_
_pdbx_audit_revision_group.ordinal 
_pdbx_audit_revision_group.revision_ordinal 
_pdbx_audit_revision_group.data_content_type 
_pdbx_audit_revision_group.group 
1 2 'Structure model' Advisory                    
2 2 'Structure model' 'Version format compliance' 
3 3 'Structure model' 'Data collection'           
4 3 'Structure model' 'Database references'       
5 3 'Structure model' 'Refinement description'    
# 
loop_
_pdbx_audit_revision_category.ordinal 
_pdbx_audit_revision_category.revision_ordinal 
_pdbx_audit_revision_category.data_content_type 
_pdbx_audit_revision_category.category 
1 3 'Structure model' chem_comp_atom                
2 3 'Structure model' chem_comp_bond                
3 3 'Structure model' database_2                    
4 3 'Structure model' pdbx_initial_refinement_model 
5 3 'Structure model' struct_ref_seq_dif            
# 
loop_
_pdbx_audit_revision_item.ordinal 
_pdbx_audit_revision_item.revision_ordinal 
_pdbx_audit_revision_item.data_content_type 
_pdbx_audit_revision_item.item 
1 3 'Structure model' '_database_2.pdbx_DOI'                
2 3 'Structure model' '_database_2.pdbx_database_accession' 
3 3 'Structure model' '_struct_ref_seq_dif.details'         
# 
_pdbx_refine_tls.id               1 
_pdbx_refine_tls.details          ? 
_pdbx_refine_tls.method           refined 
_pdbx_refine_tls.origin_x         -0.4745 
_pdbx_refine_tls.origin_y         -0.4576 
_pdbx_refine_tls.origin_z         0.0102 
_pdbx_refine_tls.T[1][1]          -0.1745 
_pdbx_refine_tls.T[2][2]          -0.1524 
_pdbx_refine_tls.T[3][3]          -0.1273 
_pdbx_refine_tls.T[1][2]          0.0163 
_pdbx_refine_tls.T[1][3]          0.0740 
_pdbx_refine_tls.T[2][3]          0.0498 
_pdbx_refine_tls.L[1][1]          1.9368 
_pdbx_refine_tls.L[2][2]          8.9908 
_pdbx_refine_tls.L[3][3]          3.3262 
_pdbx_refine_tls.L[1][2]          -1.5038 
_pdbx_refine_tls.L[1][3]          -0.1844 
_pdbx_refine_tls.L[2][3]          2.4640 
_pdbx_refine_tls.S[1][1]          0.3384 
_pdbx_refine_tls.S[1][2]          0.1754 
_pdbx_refine_tls.S[1][3]          0.3260 
_pdbx_refine_tls.S[2][1]          -0.5670 
_pdbx_refine_tls.S[2][2]          0.0640 
_pdbx_refine_tls.S[2][3]          -1.0845 
_pdbx_refine_tls.S[3][1]          -0.3656 
_pdbx_refine_tls.S[3][2]          -0.0539 
_pdbx_refine_tls.S[3][3]          -0.4024 
_pdbx_refine_tls.pdbx_refine_id   'X-RAY DIFFRACTION' 
# 
_pdbx_refine_tls_group.id                  1 
_pdbx_refine_tls_group.refine_tls_id       1 
_pdbx_refine_tls_group.beg_auth_asym_id    A 
_pdbx_refine_tls_group.beg_auth_seq_id     10 
_pdbx_refine_tls_group.beg_label_asym_id   ? 
_pdbx_refine_tls_group.beg_label_seq_id    ? 
_pdbx_refine_tls_group.end_auth_asym_id    A 
_pdbx_refine_tls_group.end_auth_seq_id     160 
_pdbx_refine_tls_group.end_label_asym_id   ? 
_pdbx_refine_tls_group.end_label_seq_id    ? 
_pdbx_refine_tls_group.selection           ? 
_pdbx_refine_tls_group.selection_details   ? 
_pdbx_refine_tls_group.pdbx_refine_id      'X-RAY DIFFRACTION' 
# 
loop_
_software.name 
_software.classification 
_software.version 
_software.citation_id 
_software.pdbx_ordinal 
MOLREP phasing          .        ? 1 
REFMAC refinement       5.2.0019 ? 2 
XDS    'data reduction' .        ? 3 
XSCALE 'data scaling'   .        ? 4 
# 
loop_
_pdbx_validate_peptide_omega.id 
_pdbx_validate_peptide_omega.PDB_model_num 
_pdbx_validate_peptide_omega.auth_comp_id_1 
_pdbx_validate_peptide_omega.auth_asym_id_1 
_pdbx_validate_peptide_omega.auth_seq_id_1 
_pdbx_validate_peptide_omega.PDB_ins_code_1 
_pdbx_validate_peptide_omega.label_alt_id_1 
_pdbx_validate_peptide_omega.auth_comp_id_2 
_pdbx_validate_peptide_omega.auth_asym_id_2 
_pdbx_validate_peptide_omega.auth_seq_id_2 
_pdbx_validate_peptide_omega.PDB_ins_code_2 
_pdbx_validate_peptide_omega.label_alt_id_2 
_pdbx_validate_peptide_omega.omega 
1 1 GLY A 114 ? ? TYR A 115 ? ? 140.35 
2 1 PHE A 148 ? ? ARG A 149 ? ? 148.72 
# 
loop_
_pdbx_unobs_or_zero_occ_atoms.id 
_pdbx_unobs_or_zero_occ_atoms.PDB_model_num 
_pdbx_unobs_or_zero_occ_atoms.polymer_flag 
_pdbx_unobs_or_zero_occ_atoms.occupancy_flag 
_pdbx_unobs_or_zero_occ_atoms.auth_asym_id 
_pdbx_unobs_or_zero_occ_atoms.auth_comp_id 
_pdbx_unobs_or_zero_occ_atoms.auth_seq_id 
_pdbx_unobs_or_zero_occ_atoms.PDB_ins_code 
_pdbx_unobs_or_zero_occ_atoms.auth_atom_id 
_pdbx_unobs_or_zero_occ_atoms.label_alt_id 
_pdbx_unobs_or_zero_occ_atoms.label_asym_id 
_pdbx_unobs_or_zero_occ_atoms.label_comp_id 
_pdbx_unobs_or_zero_occ_atoms.label_seq_id 
_pdbx_unobs_or_zero_occ_atoms.label_atom_id 
1  1 Y 1 A THR 10 ? OG1 ? A THR 30 OG1 
2  1 Y 1 A THR 10 ? CG2 ? A THR 30 CG2 
3  1 Y 1 A GLU 12 ? CG  ? A GLU 32 CG  
4  1 Y 1 A GLU 12 ? CD  ? A GLU 32 CD  
5  1 Y 1 A GLU 12 ? OE1 ? A GLU 32 OE1 
6  1 Y 1 A GLU 12 ? OE2 ? A GLU 32 OE2 
7  1 Y 1 A GLU 68 ? CG  ? A GLU 88 CG  
8  1 Y 1 A GLU 68 ? CD  ? A GLU 88 CD  
9  1 Y 1 A GLU 68 ? OE1 ? A GLU 88 OE1 
10 1 Y 1 A GLU 68 ? OE2 ? A GLU 88 OE2 
# 
loop_
_pdbx_unobs_or_zero_occ_residues.id 
_pdbx_unobs_or_zero_occ_residues.PDB_model_num 
_pdbx_unobs_or_zero_occ_residues.polymer_flag 
_pdbx_unobs_or_zero_occ_residues.occupancy_flag 
_pdbx_unobs_or_zero_occ_residues.auth_asym_id 
_pdbx_unobs_or_zero_occ_residues.auth_comp_id 
_pdbx_unobs_or_zero_occ_residues.auth_seq_id 
_pdbx_unobs_or_zero_occ_residues.PDB_ins_code 
_pdbx_unobs_or_zero_occ_residues.label_asym_id 
_pdbx_unobs_or_zero_occ_residues.label_comp_id 
_pdbx_unobs_or_zero_occ_residues.label_seq_id 
1  1 Y 1 A MET -19 ? A MET 1   
2  1 Y 1 A GLY -18 ? A GLY 2   
3  1 Y 1 A SER -17 ? A SER 3   
4  1 Y 1 A SER -16 ? A SER 4   
5  1 Y 1 A HIS -15 ? A HIS 5   
6  1 Y 1 A HIS -14 ? A HIS 6   
7  1 Y 1 A HIS -13 ? A HIS 7   
8  1 Y 1 A HIS -12 ? A HIS 8   
9  1 Y 1 A HIS -11 ? A HIS 9   
10 1 Y 1 A HIS -10 ? A HIS 10  
11 1 Y 1 A SER -9  ? A SER 11  
12 1 Y 1 A SER -8  ? A SER 12  
13 1 Y 1 A GLY -7  ? A GLY 13  
14 1 Y 1 A LEU -6  ? A LEU 14  
15 1 Y 1 A VAL -5  ? A VAL 15  
16 1 Y 1 A PRO -4  ? A PRO 16  
17 1 Y 1 A ARG -3  ? A ARG 17  
18 1 Y 1 A GLY -2  ? A GLY 18  
19 1 Y 1 A SER -1  ? A SER 19  
20 1 Y 1 A HIS 0   ? A HIS 20  
21 1 Y 1 A MET 1   ? A MET 21  
22 1 Y 1 A SER 2   ? A SER 22  
23 1 Y 1 A ASP 3   ? A ASP 23  
24 1 Y 1 A VAL 4   ? A VAL 24  
25 1 Y 1 A GLU 5   ? A GLU 25  
26 1 Y 1 A SER 6   ? A SER 26  
27 1 Y 1 A LEU 7   ? A LEU 27  
28 1 Y 1 A GLU 8   ? A GLU 28  
29 1 Y 1 A ASN 9   ? A ASN 29  
30 1 Y 1 A ASP 161 ? A ASP 181 
31 1 Y 1 A GLY 162 ? A GLY 182 
32 1 Y 1 A LEU 163 ? A LEU 183 
33 1 Y 1 A PRO 164 ? A PRO 184 
34 1 Y 1 A SER 165 ? A SER 185 
# 
loop_
_chem_comp_atom.comp_id 
_chem_comp_atom.atom_id 
_chem_comp_atom.type_symbol 
_chem_comp_atom.pdbx_aromatic_flag 
_chem_comp_atom.pdbx_stereo_config 
_chem_comp_atom.pdbx_ordinal 
ALA N    N N N 1   
ALA CA   C N S 2   
ALA C    C N N 3   
ALA O    O N N 4   
ALA CB   C N N 5   
ALA OXT  O N N 6   
ALA H    H N N 7   
ALA H2   H N N 8   
ALA HA   H N N 9   
ALA HB1  H N N 10  
ALA HB2  H N N 11  
ALA HB3  H N N 12  
ALA HXT  H N N 13  
ARG N    N N N 14  
ARG CA   C N S 15  
ARG C    C N N 16  
ARG O    O N N 17  
ARG CB   C N N 18  
ARG CG   C N N 19  
ARG CD   C N N 20  
ARG NE   N N N 21  
ARG CZ   C N N 22  
ARG NH1  N N N 23  
ARG NH2  N N N 24  
ARG OXT  O N N 25  
ARG H    H N N 26  
ARG H2   H N N 27  
ARG HA   H N N 28  
ARG HB2  H N N 29  
ARG HB3  H N N 30  
ARG HG2  H N N 31  
ARG HG3  H N N 32  
ARG HD2  H N N 33  
ARG HD3  H N N 34  
ARG HE   H N N 35  
ARG HH11 H N N 36  
ARG HH12 H N N 37  
ARG HH21 H N N 38  
ARG HH22 H N N 39  
ARG HXT  H N N 40  
ASN N    N N N 41  
ASN CA   C N S 42  
ASN C    C N N 43  
ASN O    O N N 44  
ASN CB   C N N 45  
ASN CG   C N N 46  
ASN OD1  O N N 47  
ASN ND2  N N N 48  
ASN OXT  O N N 49  
ASN H    H N N 50  
ASN H2   H N N 51  
ASN HA   H N N 52  
ASN HB2  H N N 53  
ASN HB3  H N N 54  
ASN HD21 H N N 55  
ASN HD22 H N N 56  
ASN HXT  H N N 57  
ASP N    N N N 58  
ASP CA   C N S 59  
ASP C    C N N 60  
ASP O    O N N 61  
ASP CB   C N N 62  
ASP CG   C N N 63  
ASP OD1  O N N 64  
ASP OD2  O N N 65  
ASP OXT  O N N 66  
ASP H    H N N 67  
ASP H2   H N N 68  
ASP HA   H N N 69  
ASP HB2  H N N 70  
ASP HB3  H N N 71  
ASP HD2  H N N 72  
ASP HXT  H N N 73  
CYS N    N N N 74  
CYS CA   C N R 75  
CYS C    C N N 76  
CYS O    O N N 77  
CYS CB   C N N 78  
CYS SG   S N N 79  
CYS OXT  O N N 80  
CYS H    H N N 81  
CYS H2   H N N 82  
CYS HA   H N N 83  
CYS HB2  H N N 84  
CYS HB3  H N N 85  
CYS HG   H N N 86  
CYS HXT  H N N 87  
GLN N    N N N 88  
GLN CA   C N S 89  
GLN C    C N N 90  
GLN O    O N N 91  
GLN CB   C N N 92  
GLN CG   C N N 93  
GLN CD   C N N 94  
GLN OE1  O N N 95  
GLN NE2  N N N 96  
GLN OXT  O N N 97  
GLN H    H N N 98  
GLN H2   H N N 99  
GLN HA   H N N 100 
GLN HB2  H N N 101 
GLN HB3  H N N 102 
GLN HG2  H N N 103 
GLN HG3  H N N 104 
GLN HE21 H N N 105 
GLN HE22 H N N 106 
GLN HXT  H N N 107 
GLU N    N N N 108 
GLU CA   C N S 109 
GLU C    C N N 110 
GLU O    O N N 111 
GLU CB   C N N 112 
GLU CG   C N N 113 
GLU CD   C N N 114 
GLU OE1  O N N 115 
GLU OE2  O N N 116 
GLU OXT  O N N 117 
GLU H    H N N 118 
GLU H2   H N N 119 
GLU HA   H N N 120 
GLU HB2  H N N 121 
GLU HB3  H N N 122 
GLU HG2  H N N 123 
GLU HG3  H N N 124 
GLU HE2  H N N 125 
GLU HXT  H N N 126 
GLY N    N N N 127 
GLY CA   C N N 128 
GLY C    C N N 129 
GLY O    O N N 130 
GLY OXT  O N N 131 
GLY H    H N N 132 
GLY H2   H N N 133 
GLY HA2  H N N 134 
GLY HA3  H N N 135 
GLY HXT  H N N 136 
HIS N    N N N 137 
HIS CA   C N S 138 
HIS C    C N N 139 
HIS O    O N N 140 
HIS CB   C N N 141 
HIS CG   C Y N 142 
HIS ND1  N Y N 143 
HIS CD2  C Y N 144 
HIS CE1  C Y N 145 
HIS NE2  N Y N 146 
HIS OXT  O N N 147 
HIS H    H N N 148 
HIS H2   H N N 149 
HIS HA   H N N 150 
HIS HB2  H N N 151 
HIS HB3  H N N 152 
HIS HD1  H N N 153 
HIS HD2  H N N 154 
HIS HE1  H N N 155 
HIS HE2  H N N 156 
HIS HXT  H N N 157 
HOH O    O N N 158 
HOH H1   H N N 159 
HOH H2   H N N 160 
ILE N    N N N 161 
ILE CA   C N S 162 
ILE C    C N N 163 
ILE O    O N N 164 
ILE CB   C N S 165 
ILE CG1  C N N 166 
ILE CG2  C N N 167 
ILE CD1  C N N 168 
ILE OXT  O N N 169 
ILE H    H N N 170 
ILE H2   H N N 171 
ILE HA   H N N 172 
ILE HB   H N N 173 
ILE HG12 H N N 174 
ILE HG13 H N N 175 
ILE HG21 H N N 176 
ILE HG22 H N N 177 
ILE HG23 H N N 178 
ILE HD11 H N N 179 
ILE HD12 H N N 180 
ILE HD13 H N N 181 
ILE HXT  H N N 182 
LEU N    N N N 183 
LEU CA   C N S 184 
LEU C    C N N 185 
LEU O    O N N 186 
LEU CB   C N N 187 
LEU CG   C N N 188 
LEU CD1  C N N 189 
LEU CD2  C N N 190 
LEU OXT  O N N 191 
LEU H    H N N 192 
LEU H2   H N N 193 
LEU HA   H N N 194 
LEU HB2  H N N 195 
LEU HB3  H N N 196 
LEU HG   H N N 197 
LEU HD11 H N N 198 
LEU HD12 H N N 199 
LEU HD13 H N N 200 
LEU HD21 H N N 201 
LEU HD22 H N N 202 
LEU HD23 H N N 203 
LEU HXT  H N N 204 
LYS N    N N N 205 
LYS CA   C N S 206 
LYS C    C N N 207 
LYS O    O N N 208 
LYS CB   C N N 209 
LYS CG   C N N 210 
LYS CD   C N N 211 
LYS CE   C N N 212 
LYS NZ   N N N 213 
LYS OXT  O N N 214 
LYS H    H N N 215 
LYS H2   H N N 216 
LYS HA   H N N 217 
LYS HB2  H N N 218 
LYS HB3  H N N 219 
LYS HG2  H N N 220 
LYS HG3  H N N 221 
LYS HD2  H N N 222 
LYS HD3  H N N 223 
LYS HE2  H N N 224 
LYS HE3  H N N 225 
LYS HZ1  H N N 226 
LYS HZ2  H N N 227 
LYS HZ3  H N N 228 
LYS HXT  H N N 229 
MET N    N N N 230 
MET CA   C N S 231 
MET C    C N N 232 
MET O    O N N 233 
MET CB   C N N 234 
MET CG   C N N 235 
MET SD   S N N 236 
MET CE   C N N 237 
MET OXT  O N N 238 
MET H    H N N 239 
MET H2   H N N 240 
MET HA   H N N 241 
MET HB2  H N N 242 
MET HB3  H N N 243 
MET HG2  H N N 244 
MET HG3  H N N 245 
MET HE1  H N N 246 
MET HE2  H N N 247 
MET HE3  H N N 248 
MET HXT  H N N 249 
PHE N    N N N 250 
PHE CA   C N S 251 
PHE C    C N N 252 
PHE O    O N N 253 
PHE CB   C N N 254 
PHE CG   C Y N 255 
PHE CD1  C Y N 256 
PHE CD2  C Y N 257 
PHE CE1  C Y N 258 
PHE CE2  C Y N 259 
PHE CZ   C Y N 260 
PHE OXT  O N N 261 
PHE H    H N N 262 
PHE H2   H N N 263 
PHE HA   H N N 264 
PHE HB2  H N N 265 
PHE HB3  H N N 266 
PHE HD1  H N N 267 
PHE HD2  H N N 268 
PHE HE1  H N N 269 
PHE HE2  H N N 270 
PHE HZ   H N N 271 
PHE HXT  H N N 272 
PRO N    N N N 273 
PRO CA   C N S 274 
PRO C    C N N 275 
PRO O    O N N 276 
PRO CB   C N N 277 
PRO CG   C N N 278 
PRO CD   C N N 279 
PRO OXT  O N N 280 
PRO H    H N N 281 
PRO HA   H N N 282 
PRO HB2  H N N 283 
PRO HB3  H N N 284 
PRO HG2  H N N 285 
PRO HG3  H N N 286 
PRO HD2  H N N 287 
PRO HD3  H N N 288 
PRO HXT  H N N 289 
SER N    N N N 290 
SER CA   C N S 291 
SER C    C N N 292 
SER O    O N N 293 
SER CB   C N N 294 
SER OG   O N N 295 
SER OXT  O N N 296 
SER H    H N N 297 
SER H2   H N N 298 
SER HA   H N N 299 
SER HB2  H N N 300 
SER HB3  H N N 301 
SER HG   H N N 302 
SER HXT  H N N 303 
THR N    N N N 304 
THR CA   C N S 305 
THR C    C N N 306 
THR O    O N N 307 
THR CB   C N R 308 
THR OG1  O N N 309 
THR CG2  C N N 310 
THR OXT  O N N 311 
THR H    H N N 312 
THR H2   H N N 313 
THR HA   H N N 314 
THR HB   H N N 315 
THR HG1  H N N 316 
THR HG21 H N N 317 
THR HG22 H N N 318 
THR HG23 H N N 319 
THR HXT  H N N 320 
TRP N    N N N 321 
TRP CA   C N S 322 
TRP C    C N N 323 
TRP O    O N N 324 
TRP CB   C N N 325 
TRP CG   C Y N 326 
TRP CD1  C Y N 327 
TRP CD2  C Y N 328 
TRP NE1  N Y N 329 
TRP CE2  C Y N 330 
TRP CE3  C Y N 331 
TRP CZ2  C Y N 332 
TRP CZ3  C Y N 333 
TRP CH2  C Y N 334 
TRP OXT  O N N 335 
TRP H    H N N 336 
TRP H2   H N N 337 
TRP HA   H N N 338 
TRP HB2  H N N 339 
TRP HB3  H N N 340 
TRP HD1  H N N 341 
TRP HE1  H N N 342 
TRP HE3  H N N 343 
TRP HZ2  H N N 344 
TRP HZ3  H N N 345 
TRP HH2  H N N 346 
TRP HXT  H N N 347 
TYR N    N N N 348 
TYR CA   C N S 349 
TYR C    C N N 350 
TYR O    O N N 351 
TYR CB   C N N 352 
TYR CG   C Y N 353 
TYR CD1  C Y N 354 
TYR CD2  C Y N 355 
TYR CE1  C Y N 356 
TYR CE2  C Y N 357 
TYR CZ   C Y N 358 
TYR OH   O N N 359 
TYR OXT  O N N 360 
TYR H    H N N 361 
TYR H2   H N N 362 
TYR HA   H N N 363 
TYR HB2  H N N 364 
TYR HB3  H N N 365 
TYR HD1  H N N 366 
TYR HD2  H N N 367 
TYR HE1  H N N 368 
TYR HE2  H N N 369 
TYR HH   H N N 370 
TYR HXT  H N N 371 
VAL N    N N N 372 
VAL CA   C N S 373 
VAL C    C N N 374 
VAL O    O N N 375 
VAL CB   C N N 376 
VAL CG1  C N N 377 
VAL CG2  C N N 378 
VAL OXT  O N N 379 
VAL H    H N N 380 
VAL H2   H N N 381 
VAL HA   H N N 382 
VAL HB   H N N 383 
VAL HG11 H N N 384 
VAL HG12 H N N 385 
VAL HG13 H N N 386 
VAL HG21 H N N 387 
VAL HG22 H N N 388 
VAL HG23 H N N 389 
VAL HXT  H N N 390 
# 
loop_
_chem_comp_bond.comp_id 
_chem_comp_bond.atom_id_1 
_chem_comp_bond.atom_id_2 
_chem_comp_bond.value_order 
_chem_comp_bond.pdbx_aromatic_flag 
_chem_comp_bond.pdbx_stereo_config 
_chem_comp_bond.pdbx_ordinal 
ALA N   CA   sing N N 1   
ALA N   H    sing N N 2   
ALA N   H2   sing N N 3   
ALA CA  C    sing N N 4   
ALA CA  CB   sing N N 5   
ALA CA  HA   sing N N 6   
ALA C   O    doub N N 7   
ALA C   OXT  sing N N 8   
ALA CB  HB1  sing N N 9   
ALA CB  HB2  sing N N 10  
ALA CB  HB3  sing N N 11  
ALA OXT HXT  sing N N 12  
ARG N   CA   sing N N 13  
ARG N   H    sing N N 14  
ARG N   H2   sing N N 15  
ARG CA  C    sing N N 16  
ARG CA  CB   sing N N 17  
ARG CA  HA   sing N N 18  
ARG C   O    doub N N 19  
ARG C   OXT  sing N N 20  
ARG CB  CG   sing N N 21  
ARG CB  HB2  sing N N 22  
ARG CB  HB3  sing N N 23  
ARG CG  CD   sing N N 24  
ARG CG  HG2  sing N N 25  
ARG CG  HG3  sing N N 26  
ARG CD  NE   sing N N 27  
ARG CD  HD2  sing N N 28  
ARG CD  HD3  sing N N 29  
ARG NE  CZ   sing N N 30  
ARG NE  HE   sing N N 31  
ARG CZ  NH1  sing N N 32  
ARG CZ  NH2  doub N N 33  
ARG NH1 HH11 sing N N 34  
ARG NH1 HH12 sing N N 35  
ARG NH2 HH21 sing N N 36  
ARG NH2 HH22 sing N N 37  
ARG OXT HXT  sing N N 38  
ASN N   CA   sing N N 39  
ASN N   H    sing N N 40  
ASN N   H2   sing N N 41  
ASN CA  C    sing N N 42  
ASN CA  CB   sing N N 43  
ASN CA  HA   sing N N 44  
ASN C   O    doub N N 45  
ASN C   OXT  sing N N 46  
ASN CB  CG   sing N N 47  
ASN CB  HB2  sing N N 48  
ASN CB  HB3  sing N N 49  
ASN CG  OD1  doub N N 50  
ASN CG  ND2  sing N N 51  
ASN ND2 HD21 sing N N 52  
ASN ND2 HD22 sing N N 53  
ASN OXT HXT  sing N N 54  
ASP N   CA   sing N N 55  
ASP N   H    sing N N 56  
ASP N   H2   sing N N 57  
ASP CA  C    sing N N 58  
ASP CA  CB   sing N N 59  
ASP CA  HA   sing N N 60  
ASP C   O    doub N N 61  
ASP C   OXT  sing N N 62  
ASP CB  CG   sing N N 63  
ASP CB  HB2  sing N N 64  
ASP CB  HB3  sing N N 65  
ASP CG  OD1  doub N N 66  
ASP CG  OD2  sing N N 67  
ASP OD2 HD2  sing N N 68  
ASP OXT HXT  sing N N 69  
CYS N   CA   sing N N 70  
CYS N   H    sing N N 71  
CYS N   H2   sing N N 72  
CYS CA  C    sing N N 73  
CYS CA  CB   sing N N 74  
CYS CA  HA   sing N N 75  
CYS C   O    doub N N 76  
CYS C   OXT  sing N N 77  
CYS CB  SG   sing N N 78  
CYS CB  HB2  sing N N 79  
CYS CB  HB3  sing N N 80  
CYS SG  HG   sing N N 81  
CYS OXT HXT  sing N N 82  
GLN N   CA   sing N N 83  
GLN N   H    sing N N 84  
GLN N   H2   sing N N 85  
GLN CA  C    sing N N 86  
GLN CA  CB   sing N N 87  
GLN CA  HA   sing N N 88  
GLN C   O    doub N N 89  
GLN C   OXT  sing N N 90  
GLN CB  CG   sing N N 91  
GLN CB  HB2  sing N N 92  
GLN CB  HB3  sing N N 93  
GLN CG  CD   sing N N 94  
GLN CG  HG2  sing N N 95  
GLN CG  HG3  sing N N 96  
GLN CD  OE1  doub N N 97  
GLN CD  NE2  sing N N 98  
GLN NE2 HE21 sing N N 99  
GLN NE2 HE22 sing N N 100 
GLN OXT HXT  sing N N 101 
GLU N   CA   sing N N 102 
GLU N   H    sing N N 103 
GLU N   H2   sing N N 104 
GLU CA  C    sing N N 105 
GLU CA  CB   sing N N 106 
GLU CA  HA   sing N N 107 
GLU C   O    doub N N 108 
GLU C   OXT  sing N N 109 
GLU CB  CG   sing N N 110 
GLU CB  HB2  sing N N 111 
GLU CB  HB3  sing N N 112 
GLU CG  CD   sing N N 113 
GLU CG  HG2  sing N N 114 
GLU CG  HG3  sing N N 115 
GLU CD  OE1  doub N N 116 
GLU CD  OE2  sing N N 117 
GLU OE2 HE2  sing N N 118 
GLU OXT HXT  sing N N 119 
GLY N   CA   sing N N 120 
GLY N   H    sing N N 121 
GLY N   H2   sing N N 122 
GLY CA  C    sing N N 123 
GLY CA  HA2  sing N N 124 
GLY CA  HA3  sing N N 125 
GLY C   O    doub N N 126 
GLY C   OXT  sing N N 127 
GLY OXT HXT  sing N N 128 
HIS N   CA   sing N N 129 
HIS N   H    sing N N 130 
HIS N   H2   sing N N 131 
HIS CA  C    sing N N 132 
HIS CA  CB   sing N N 133 
HIS CA  HA   sing N N 134 
HIS C   O    doub N N 135 
HIS C   OXT  sing N N 136 
HIS CB  CG   sing N N 137 
HIS CB  HB2  sing N N 138 
HIS CB  HB3  sing N N 139 
HIS CG  ND1  sing Y N 140 
HIS CG  CD2  doub Y N 141 
HIS ND1 CE1  doub Y N 142 
HIS ND1 HD1  sing N N 143 
HIS CD2 NE2  sing Y N 144 
HIS CD2 HD2  sing N N 145 
HIS CE1 NE2  sing Y N 146 
HIS CE1 HE1  sing N N 147 
HIS NE2 HE2  sing N N 148 
HIS OXT HXT  sing N N 149 
HOH O   H1   sing N N 150 
HOH O   H2   sing N N 151 
ILE N   CA   sing N N 152 
ILE N   H    sing N N 153 
ILE N   H2   sing N N 154 
ILE CA  C    sing N N 155 
ILE CA  CB   sing N N 156 
ILE CA  HA   sing N N 157 
ILE C   O    doub N N 158 
ILE C   OXT  sing N N 159 
ILE CB  CG1  sing N N 160 
ILE CB  CG2  sing N N 161 
ILE CB  HB   sing N N 162 
ILE CG1 CD1  sing N N 163 
ILE CG1 HG12 sing N N 164 
ILE CG1 HG13 sing N N 165 
ILE CG2 HG21 sing N N 166 
ILE CG2 HG22 sing N N 167 
ILE CG2 HG23 sing N N 168 
ILE CD1 HD11 sing N N 169 
ILE CD1 HD12 sing N N 170 
ILE CD1 HD13 sing N N 171 
ILE OXT HXT  sing N N 172 
LEU N   CA   sing N N 173 
LEU N   H    sing N N 174 
LEU N   H2   sing N N 175 
LEU CA  C    sing N N 176 
LEU CA  CB   sing N N 177 
LEU CA  HA   sing N N 178 
LEU C   O    doub N N 179 
LEU C   OXT  sing N N 180 
LEU CB  CG   sing N N 181 
LEU CB  HB2  sing N N 182 
LEU CB  HB3  sing N N 183 
LEU CG  CD1  sing N N 184 
LEU CG  CD2  sing N N 185 
LEU CG  HG   sing N N 186 
LEU CD1 HD11 sing N N 187 
LEU CD1 HD12 sing N N 188 
LEU CD1 HD13 sing N N 189 
LEU CD2 HD21 sing N N 190 
LEU CD2 HD22 sing N N 191 
LEU CD2 HD23 sing N N 192 
LEU OXT HXT  sing N N 193 
LYS N   CA   sing N N 194 
LYS N   H    sing N N 195 
LYS N   H2   sing N N 196 
LYS CA  C    sing N N 197 
LYS CA  CB   sing N N 198 
LYS CA  HA   sing N N 199 
LYS C   O    doub N N 200 
LYS C   OXT  sing N N 201 
LYS CB  CG   sing N N 202 
LYS CB  HB2  sing N N 203 
LYS CB  HB3  sing N N 204 
LYS CG  CD   sing N N 205 
LYS CG  HG2  sing N N 206 
LYS CG  HG3  sing N N 207 
LYS CD  CE   sing N N 208 
LYS CD  HD2  sing N N 209 
LYS CD  HD3  sing N N 210 
LYS CE  NZ   sing N N 211 
LYS CE  HE2  sing N N 212 
LYS CE  HE3  sing N N 213 
LYS NZ  HZ1  sing N N 214 
LYS NZ  HZ2  sing N N 215 
LYS NZ  HZ3  sing N N 216 
LYS OXT HXT  sing N N 217 
MET N   CA   sing N N 218 
MET N   H    sing N N 219 
MET N   H2   sing N N 220 
MET CA  C    sing N N 221 
MET CA  CB   sing N N 222 
MET CA  HA   sing N N 223 
MET C   O    doub N N 224 
MET C   OXT  sing N N 225 
MET CB  CG   sing N N 226 
MET CB  HB2  sing N N 227 
MET CB  HB3  sing N N 228 
MET CG  SD   sing N N 229 
MET CG  HG2  sing N N 230 
MET CG  HG3  sing N N 231 
MET SD  CE   sing N N 232 
MET CE  HE1  sing N N 233 
MET CE  HE2  sing N N 234 
MET CE  HE3  sing N N 235 
MET OXT HXT  sing N N 236 
PHE N   CA   sing N N 237 
PHE N   H    sing N N 238 
PHE N   H2   sing N N 239 
PHE CA  C    sing N N 240 
PHE CA  CB   sing N N 241 
PHE CA  HA   sing N N 242 
PHE C   O    doub N N 243 
PHE C   OXT  sing N N 244 
PHE CB  CG   sing N N 245 
PHE CB  HB2  sing N N 246 
PHE CB  HB3  sing N N 247 
PHE CG  CD1  doub Y N 248 
PHE CG  CD2  sing Y N 249 
PHE CD1 CE1  sing Y N 250 
PHE CD1 HD1  sing N N 251 
PHE CD2 CE2  doub Y N 252 
PHE CD2 HD2  sing N N 253 
PHE CE1 CZ   doub Y N 254 
PHE CE1 HE1  sing N N 255 
PHE CE2 CZ   sing Y N 256 
PHE CE2 HE2  sing N N 257 
PHE CZ  HZ   sing N N 258 
PHE OXT HXT  sing N N 259 
PRO N   CA   sing N N 260 
PRO N   CD   sing N N 261 
PRO N   H    sing N N 262 
PRO CA  C    sing N N 263 
PRO CA  CB   sing N N 264 
PRO CA  HA   sing N N 265 
PRO C   O    doub N N 266 
PRO C   OXT  sing N N 267 
PRO CB  CG   sing N N 268 
PRO CB  HB2  sing N N 269 
PRO CB  HB3  sing N N 270 
PRO CG  CD   sing N N 271 
PRO CG  HG2  sing N N 272 
PRO CG  HG3  sing N N 273 
PRO CD  HD2  sing N N 274 
PRO CD  HD3  sing N N 275 
PRO OXT HXT  sing N N 276 
SER N   CA   sing N N 277 
SER N   H    sing N N 278 
SER N   H2   sing N N 279 
SER CA  C    sing N N 280 
SER CA  CB   sing N N 281 
SER CA  HA   sing N N 282 
SER C   O    doub N N 283 
SER C   OXT  sing N N 284 
SER CB  OG   sing N N 285 
SER CB  HB2  sing N N 286 
SER CB  HB3  sing N N 287 
SER OG  HG   sing N N 288 
SER OXT HXT  sing N N 289 
THR N   CA   sing N N 290 
THR N   H    sing N N 291 
THR N   H2   sing N N 292 
THR CA  C    sing N N 293 
THR CA  CB   sing N N 294 
THR CA  HA   sing N N 295 
THR C   O    doub N N 296 
THR C   OXT  sing N N 297 
THR CB  OG1  sing N N 298 
THR CB  CG2  sing N N 299 
THR CB  HB   sing N N 300 
THR OG1 HG1  sing N N 301 
THR CG2 HG21 sing N N 302 
THR CG2 HG22 sing N N 303 
THR CG2 HG23 sing N N 304 
THR OXT HXT  sing N N 305 
TRP N   CA   sing N N 306 
TRP N   H    sing N N 307 
TRP N   H2   sing N N 308 
TRP CA  C    sing N N 309 
TRP CA  CB   sing N N 310 
TRP CA  HA   sing N N 311 
TRP C   O    doub N N 312 
TRP C   OXT  sing N N 313 
TRP CB  CG   sing N N 314 
TRP CB  HB2  sing N N 315 
TRP CB  HB3  sing N N 316 
TRP CG  CD1  doub Y N 317 
TRP CG  CD2  sing Y N 318 
TRP CD1 NE1  sing Y N 319 
TRP CD1 HD1  sing N N 320 
TRP CD2 CE2  doub Y N 321 
TRP CD2 CE3  sing Y N 322 
TRP NE1 CE2  sing Y N 323 
TRP NE1 HE1  sing N N 324 
TRP CE2 CZ2  sing Y N 325 
TRP CE3 CZ3  doub Y N 326 
TRP CE3 HE3  sing N N 327 
TRP CZ2 CH2  doub Y N 328 
TRP CZ2 HZ2  sing N N 329 
TRP CZ3 CH2  sing Y N 330 
TRP CZ3 HZ3  sing N N 331 
TRP CH2 HH2  sing N N 332 
TRP OXT HXT  sing N N 333 
TYR N   CA   sing N N 334 
TYR N   H    sing N N 335 
TYR N   H2   sing N N 336 
TYR CA  C    sing N N 337 
TYR CA  CB   sing N N 338 
TYR CA  HA   sing N N 339 
TYR C   O    doub N N 340 
TYR C   OXT  sing N N 341 
TYR CB  CG   sing N N 342 
TYR CB  HB2  sing N N 343 
TYR CB  HB3  sing N N 344 
TYR CG  CD1  doub Y N 345 
TYR CG  CD2  sing Y N 346 
TYR CD1 CE1  sing Y N 347 
TYR CD1 HD1  sing N N 348 
TYR CD2 CE2  doub Y N 349 
TYR CD2 HD2  sing N N 350 
TYR CE1 CZ   doub Y N 351 
TYR CE1 HE1  sing N N 352 
TYR CE2 CZ   sing Y N 353 
TYR CE2 HE2  sing N N 354 
TYR CZ  OH   sing N N 355 
TYR OH  HH   sing N N 356 
TYR OXT HXT  sing N N 357 
VAL N   CA   sing N N 358 
VAL N   H    sing N N 359 
VAL N   H2   sing N N 360 
VAL CA  C    sing N N 361 
VAL CA  CB   sing N N 362 
VAL CA  HA   sing N N 363 
VAL C   O    doub N N 364 
VAL C   OXT  sing N N 365 
VAL CB  CG1  sing N N 366 
VAL CB  CG2  sing N N 367 
VAL CB  HB   sing N N 368 
VAL CG1 HG11 sing N N 369 
VAL CG1 HG12 sing N N 370 
VAL CG1 HG13 sing N N 371 
VAL CG2 HG21 sing N N 372 
VAL CG2 HG22 sing N N 373 
VAL CG2 HG23 sing N N 374 
VAL OXT HXT  sing N N 375 
# 
_pdbx_entity_nonpoly.entity_id   2 
_pdbx_entity_nonpoly.name        water 
_pdbx_entity_nonpoly.comp_id     HOH 
# 
_pdbx_initial_refinement_model.id               1 
_pdbx_initial_refinement_model.entity_id_list   ? 
_pdbx_initial_refinement_model.type             'experimental model' 
_pdbx_initial_refinement_model.source_name      PDB 
_pdbx_initial_refinement_model.accession_code   3B4O 
_pdbx_initial_refinement_model.details          ? 
# 
